data_7T0Z
#
_entry.id   7T0Z
#
_cell.length_a   1.00
_cell.length_b   1.00
_cell.length_c   1.00
_cell.angle_alpha   90.00
_cell.angle_beta   90.00
_cell.angle_gamma   90.00
#
_symmetry.space_group_name_H-M   'P 1'
#
loop_
_entity.id
_entity.type
_entity.pdbx_description
1 polymer 'Gamma-aminobutyric acid receptor subunit beta-2'
2 polymer 'Gamma-aminobutyric acid receptor subunit alpha-1'
3 polymer 'Gamma-aminobutyric acid receptor subunit gamma-2'
4 polymer 'Fab175 IgG1 heavy chain'
5 polymer 'Fab175 IgG1 light chain'
6 branched 2-acetamido-2-deoxy-beta-D-glucopyranose-(1-4)-2-acetamido-2-deoxy-beta-D-glucopyranose
7 branched beta-D-mannopyranose-(1-4)-2-acetamido-2-deoxy-beta-D-glucopyranose-(1-4)-2-acetamido-2-deoxy-beta-D-glucopyranose
8 branched alpha-D-mannopyranose-(1-2)-alpha-D-mannopyranose-(1-2)-alpha-D-mannopyranose-(1-3)-[alpha-D-mannopyranose-(1-2)-alpha-D-mannopyranose-(1-6)-alpha-D-mannopyranose-(1-6)]beta-D-mannopyranose-(1-4)-2-acetamido-2-deoxy-beta-D-glucopyranose-(1-4)-2-acetamido-2-deoxy-beta-D-glucopyranose
9 non-polymer 'GAMMA-AMINO-BUTANOIC ACID'
10 non-polymer 2-acetamido-2-deoxy-beta-D-glucopyranose
11 non-polymer alpha-D-mannopyranose
#
loop_
_entity_poly.entity_id
_entity_poly.type
_entity_poly.pdbx_seq_one_letter_code
_entity_poly.pdbx_strand_id
1 'polypeptide(L)'
;QSVNDPSNMSLVKETVDRLLKGYDIRLRPDFGGPPVAVGMNIDIASIDMVSEVNMDYTLTMYFQQAWRDKRLSYNVIPLN
LTLDNRVADQLWVPDTYFLNDKKSFVHGVTVKNRMIRLHPDGTVLYGLRITTTAACMMDLRRYPLDEQNCTLEIESYGYT
TDDIEFYWRGDDNAVTGVTKIELPQFSIVDYKLITKKVVFSTGSYPRLSLSFKLKRNIGYFILQTYMPSILITILSWVSF
WINYDASAARVALGITTVLTMTTINTHLRETLPKIPYVKAIDMYLMGCFVFVFMALLEYALVNYIFFSQPARAAAIDRWS
RIFFPVVFSFFNIVYWLYYV
;
A,C
2 'polypeptide(L)'
;QPSLQDELKDNTTVFTRILDRLLDGYDNRLRPGLGERVTEVKTDIFVTSFGPVSDHDMEYTIDVFFRQSWKDERLKFKGP
MTVLRLNNLMASKIWTPDTFFHNGKKSVAHNMTMPNKLLRITEDGTLLYTMRLTVRAECPMHLEDFPMDAHACPLKFGSY
AYTRAEVVYEWTREPARSVVVAEDGSRLNQYDLLGQTVDSGIVQSSTGEYVVMTTHFHLKRKIGYFVIQTYLPCIMTVIL
SQVSFWLNRESVPARTVFGVTTVLTMTTLSISARNSLPKVAYATAMDWFIAVCYAFVFSALIEFATVNYFTKSQPARAAK
IDRLSRIAFPLLFGIFNLVYWATYLNR
;
B,D
3 'polypeptide(L)'
;WSHPQFEKGGGSGGGSGGSSAWSHPQFEKLEVLFQGPQKSDDDYEDYASNKTWVLTPKVPEGDVTVILNNLLEGYDNKLR
PDIGVKPTLIHTDMYVNSIGPVNAINMEYTIDIFFAQTWYDRRLKFNSTIKVLRLNSNMVGKIWIPDTFFRNSKKADAHW
ITTPNRMLRIWNDGRVLYTLRLTIDAECQLQLHNFPMDEHSCPLEFSSYGYPREEIVYQWKRSSVEVGDTRSWRLYQFSF
VGLRNTTEVVKTTSGDYVVMSVYFDLSRRMGYFTIQTYIPCTLIVVLSWVSFWINKDAVPARTSLGITTVLTMTTLSTIA
RKSLPKVSYVTAMDLFVSVCFIFVFSALVEYGTLHYFVSSQPARAAKMDSYARIFFPTAFCLFNLVYWVSYLYL
;
E
4 'polypeptide(L)'
;EVQLLESGEGLVQPGGSLRLSCAASGFTFKTYAMSWVRQAPGKGLEWVSAISGSGASTYYADFVEGRFTISRDNSKNTLY
LQMNSLRAEDTAVYYCAKEPPAMVWFGGGYFDYWGQGTLVTVSSASTKGPSVFPLAPSSKSTSGGTAALGCLVKDYFPEP
VTVSWNSGALTSGVHTFPAVLQSSGLYSLSSVVTVPSSSLGTQTYICNVNHKPSNTKVDKRVEPKSCDKTHDYKDDDDKH
HHHHH
;
H
5 'polypeptide(L)'
;EIVLTQSPATLSLSPGERATLSCRASQSVSSYLAWYQQKPGQAPRLLIYDASNRATGIPARFSGSGSGTDFTLTISSLEP
EDFAVYYCQQRSNWPPYSFGQGTKLEIKRTVAAPSVFIFPPSDEQLKSGTASVVCLLNNFYPREAKVQWKVDNALQSGNS
QESVTEQDSKDSTYSLSSTLTLSKADYEKHKVYACEVTHQGLSSPVTKSFNRGEC
;
L
#
loop_
_chem_comp.id
_chem_comp.type
_chem_comp.name
_chem_comp.formula
ABU non-polymer 'GAMMA-AMINO-BUTANOIC ACID' 'C4 H9 N O2'
BMA D-saccharide, beta linking beta-D-mannopyranose 'C6 H12 O6'
MAN D-saccharide, alpha linking alpha-D-mannopyranose 'C6 H12 O6'
NAG D-saccharide, beta linking 2-acetamido-2-deoxy-beta-D-glucopyranose 'C8 H15 N O6'
#
# COMPACT_ATOMS: atom_id res chain seq x y z
N SER A 7 47.18 19.59 11.80
CA SER A 7 46.75 18.54 12.71
C SER A 7 46.50 17.24 11.95
N ASN A 8 46.14 16.19 12.70
CA ASN A 8 45.93 14.88 12.09
C ASN A 8 44.75 14.92 11.11
N MET A 9 43.71 15.68 11.45
CA MET A 9 42.59 15.88 10.53
C MET A 9 43.08 16.42 9.19
N SER A 10 43.94 17.44 9.23
CA SER A 10 44.46 18.00 7.98
C SER A 10 45.29 16.98 7.22
N LEU A 11 46.03 16.14 7.93
CA LEU A 11 46.81 15.10 7.28
C LEU A 11 45.91 14.13 6.53
N VAL A 12 44.84 13.68 7.18
CA VAL A 12 43.91 12.76 6.52
C VAL A 12 43.24 13.45 5.33
N LYS A 13 42.89 14.72 5.49
CA LYS A 13 42.25 15.44 4.40
C LYS A 13 43.16 15.53 3.19
N GLU A 14 44.43 15.88 3.39
CA GLU A 14 45.35 15.99 2.27
C GLU A 14 45.61 14.62 1.66
N THR A 15 45.69 13.57 2.48
CA THR A 15 45.83 12.22 1.95
C THR A 15 44.68 11.87 1.02
N VAL A 16 43.44 12.10 1.48
CA VAL A 16 42.28 11.71 0.67
C VAL A 16 42.21 12.56 -0.59
N ASP A 17 42.47 13.86 -0.48
CA ASP A 17 42.44 14.70 -1.66
C ASP A 17 43.48 14.25 -2.68
N ARG A 18 44.67 13.89 -2.21
CA ARG A 18 45.71 13.38 -3.11
C ARG A 18 45.27 12.08 -3.77
N LEU A 19 44.73 11.14 -2.99
CA LEU A 19 44.34 9.86 -3.54
C LEU A 19 43.25 10.04 -4.61
N LEU A 20 42.28 10.91 -4.34
CA LEU A 20 41.23 11.15 -5.32
C LEU A 20 41.68 12.02 -6.48
N LYS A 21 42.81 12.70 -6.35
CA LYS A 21 43.28 13.58 -7.42
C LYS A 21 43.77 12.76 -8.60
N GLY A 22 43.24 13.08 -9.79
CA GLY A 22 43.67 12.40 -10.99
C GLY A 22 43.41 10.91 -10.97
N TYR A 23 42.32 10.49 -10.34
CA TYR A 23 41.94 9.09 -10.28
C TYR A 23 41.01 8.80 -11.46
N ASP A 24 41.50 8.00 -12.41
CA ASP A 24 40.71 7.65 -13.58
C ASP A 24 39.73 6.56 -13.20
N ILE A 25 38.44 6.91 -13.15
CA ILE A 25 37.41 5.94 -12.83
C ILE A 25 37.17 4.95 -13.95
N ARG A 26 37.73 5.18 -15.12
CA ARG A 26 37.48 4.33 -16.28
C ARG A 26 38.42 3.14 -16.37
N LEU A 27 39.47 3.09 -15.54
CA LEU A 27 40.45 2.02 -15.59
C LEU A 27 40.36 1.19 -14.31
N ARG A 28 40.35 -0.13 -14.47
CA ARG A 28 40.39 -1.02 -13.33
C ARG A 28 41.78 -1.01 -12.70
N PRO A 29 41.90 -1.39 -11.44
CA PRO A 29 43.22 -1.59 -10.86
C PRO A 29 43.99 -2.64 -11.66
N ASP A 30 45.27 -2.36 -11.90
CA ASP A 30 46.09 -3.20 -12.78
C ASP A 30 45.44 -3.28 -14.16
N PHE A 31 45.25 -2.12 -14.78
CA PHE A 31 44.51 -2.09 -16.04
C PHE A 31 45.12 -3.04 -17.06
N GLY A 32 46.39 -2.81 -17.41
CA GLY A 32 47.07 -3.75 -18.27
C GLY A 32 47.97 -4.62 -17.43
N GLY A 33 47.51 -5.83 -17.13
CA GLY A 33 48.22 -6.70 -16.22
C GLY A 33 47.35 -7.81 -15.68
N PRO A 34 47.77 -8.39 -14.56
CA PRO A 34 47.06 -9.56 -14.03
C PRO A 34 45.65 -9.18 -13.63
N PRO A 35 44.71 -10.10 -13.76
CA PRO A 35 43.31 -9.76 -13.44
C PRO A 35 43.17 -9.36 -11.98
N VAL A 36 42.31 -8.38 -11.73
CA VAL A 36 42.01 -7.94 -10.37
C VAL A 36 41.10 -8.99 -9.73
N ALA A 37 41.45 -9.42 -8.52
CA ALA A 37 40.71 -10.44 -7.83
C ALA A 37 39.74 -9.79 -6.85
N VAL A 38 38.45 -10.07 -7.03
CA VAL A 38 37.39 -9.53 -6.18
C VAL A 38 36.88 -10.67 -5.32
N GLY A 39 36.86 -10.44 -4.00
CA GLY A 39 36.45 -11.46 -3.05
C GLY A 39 35.15 -11.07 -2.37
N MET A 40 34.23 -12.02 -2.29
CA MET A 40 32.86 -11.75 -1.92
C MET A 40 32.53 -12.33 -0.56
N ASN A 41 31.79 -11.56 0.24
CA ASN A 41 31.15 -12.03 1.45
C ASN A 41 29.67 -11.71 1.36
N ILE A 42 28.84 -12.62 1.83
CA ILE A 42 27.40 -12.40 1.91
C ILE A 42 26.95 -12.73 3.32
N ASP A 43 26.25 -11.81 3.94
CA ASP A 43 25.63 -12.03 5.24
C ASP A 43 24.13 -11.99 5.02
N ILE A 44 23.50 -13.17 5.04
CA ILE A 44 22.06 -13.25 4.78
C ILE A 44 21.32 -12.67 5.98
N ALA A 45 20.79 -11.47 5.81
CA ALA A 45 20.01 -10.85 6.89
C ALA A 45 18.67 -11.54 7.08
N SER A 46 18.08 -12.03 5.99
CA SER A 46 16.81 -12.72 6.08
C SER A 46 16.44 -13.28 4.71
N ILE A 47 15.60 -14.31 4.73
CA ILE A 47 14.97 -14.85 3.53
C ILE A 47 13.47 -14.72 3.75
N ASP A 48 12.78 -14.17 2.76
CA ASP A 48 11.38 -13.82 2.86
C ASP A 48 10.57 -14.68 1.91
N MET A 49 9.31 -14.31 1.75
CA MET A 49 8.31 -15.15 1.09
C MET A 49 8.88 -15.90 -0.10
N VAL A 50 8.74 -17.22 -0.06
CA VAL A 50 9.08 -18.10 -1.18
C VAL A 50 7.77 -18.35 -1.93
N SER A 51 7.67 -17.80 -3.13
CA SER A 51 6.41 -17.79 -3.87
C SER A 51 6.37 -18.95 -4.85
N GLU A 52 5.47 -19.89 -4.61
CA GLU A 52 5.22 -20.95 -5.59
C GLU A 52 4.59 -20.40 -6.86
N VAL A 53 3.69 -19.43 -6.72
CA VAL A 53 2.95 -18.93 -7.88
C VAL A 53 3.87 -18.16 -8.81
N ASN A 54 4.67 -17.26 -8.25
CA ASN A 54 5.61 -16.48 -9.05
C ASN A 54 6.93 -17.19 -9.30
N MET A 55 7.23 -18.23 -8.53
CA MET A 55 8.46 -19.00 -8.70
C MET A 55 9.68 -18.13 -8.41
N ASP A 56 9.69 -17.54 -7.23
CA ASP A 56 10.82 -16.73 -6.79
C ASP A 56 10.77 -16.57 -5.28
N TYR A 57 11.87 -16.12 -4.71
CA TYR A 57 11.99 -15.85 -3.30
C TYR A 57 12.70 -14.53 -3.13
N THR A 58 12.49 -13.89 -1.98
CA THR A 58 13.12 -12.63 -1.66
C THR A 58 14.10 -12.81 -0.51
N LEU A 59 15.28 -12.22 -0.63
CA LEU A 59 16.27 -12.28 0.43
C LEU A 59 16.95 -10.94 0.60
N THR A 60 17.30 -10.62 1.83
CA THR A 60 18.03 -9.42 2.19
C THR A 60 19.42 -9.82 2.69
N MET A 61 20.43 -9.09 2.24
CA MET A 61 21.79 -9.47 2.57
C MET A 61 22.69 -8.25 2.62
N TYR A 62 23.80 -8.40 3.34
CA TYR A 62 24.89 -7.45 3.31
C TYR A 62 25.92 -8.01 2.32
N PHE A 63 25.97 -7.40 1.14
CA PHE A 63 26.83 -7.85 0.07
C PHE A 63 28.13 -7.05 0.10
N GLN A 64 29.25 -7.73 0.33
CA GLN A 64 30.55 -7.09 0.44
C GLN A 64 31.47 -7.58 -0.65
N GLN A 65 32.28 -6.68 -1.19
CA GLN A 65 33.31 -7.03 -2.16
C GLN A 65 34.62 -6.38 -1.75
N ALA A 66 35.72 -7.06 -2.00
CA ALA A 66 37.03 -6.58 -1.60
C ALA A 66 38.02 -6.84 -2.73
N TRP A 67 38.51 -5.77 -3.35
CA TRP A 67 39.60 -5.87 -4.29
C TRP A 67 40.78 -5.08 -3.73
N ARG A 68 41.85 -4.96 -4.52
CA ARG A 68 43.05 -4.27 -4.10
C ARG A 68 43.47 -3.29 -5.18
N ASP A 69 43.43 -2.01 -4.85
CA ASP A 69 43.79 -0.94 -5.76
C ASP A 69 45.03 -0.23 -5.25
N LYS A 70 46.06 -0.13 -6.08
CA LYS A 70 47.27 0.58 -5.70
C LYS A 70 47.18 2.08 -5.92
N ARG A 71 46.27 2.52 -6.79
CA ARG A 71 46.04 3.96 -6.92
C ARG A 71 45.55 4.57 -5.61
N LEU A 72 45.04 3.75 -4.70
CA LEU A 72 44.49 4.21 -3.44
C LEU A 72 45.37 3.83 -2.26
N SER A 73 46.63 3.53 -2.50
CA SER A 73 47.53 3.12 -1.43
C SER A 73 48.06 4.35 -0.72
N TYR A 74 48.07 4.31 0.61
CA TYR A 74 48.58 5.40 1.42
C TYR A 74 49.33 4.80 2.62
N ASN A 75 50.34 5.51 3.08
CA ASN A 75 51.16 5.04 4.18
C ASN A 75 51.46 6.11 5.22
N VAL A 76 50.93 7.32 5.06
CA VAL A 76 51.27 8.39 5.99
C VAL A 76 50.65 8.18 7.36
N ILE A 77 49.63 7.32 7.45
CA ILE A 77 48.93 7.08 8.70
C ILE A 77 48.59 5.60 8.82
N PRO A 78 48.41 5.10 10.04
CA PRO A 78 48.15 3.67 10.23
C PRO A 78 46.69 3.27 10.23
N LEU A 79 45.76 4.23 10.20
CA LEU A 79 44.36 3.93 10.38
C LEU A 79 43.70 3.54 9.06
N ASN A 80 42.56 2.85 9.17
CA ASN A 80 41.74 2.46 8.03
C ASN A 80 40.70 3.55 7.80
N LEU A 81 40.66 4.08 6.59
CA LEU A 81 39.82 5.23 6.28
C LEU A 81 38.45 4.75 5.82
N THR A 82 37.46 4.86 6.70
CA THR A 82 36.07 4.70 6.30
C THR A 82 35.58 6.05 5.79
N LEU A 83 35.21 6.10 4.52
CA LEU A 83 34.80 7.33 3.87
C LEU A 83 33.29 7.36 3.69
N ASP A 84 32.75 8.56 3.58
CA ASP A 84 31.33 8.73 3.32
C ASP A 84 30.96 8.00 2.04
N ASN A 85 29.81 7.32 2.07
CA ASN A 85 29.48 6.42 0.98
C ASN A 85 29.37 7.13 -0.35
N ARG A 86 29.15 8.43 -0.38
CA ARG A 86 29.04 9.14 -1.65
C ARG A 86 30.36 9.22 -2.39
N VAL A 87 31.47 8.86 -1.75
CA VAL A 87 32.75 8.78 -2.45
C VAL A 87 32.84 7.57 -3.35
N ALA A 88 31.94 6.60 -3.19
CA ALA A 88 31.95 5.44 -4.06
C ALA A 88 31.58 5.78 -5.49
N ASP A 89 31.04 6.97 -5.74
CA ASP A 89 30.78 7.43 -7.08
C ASP A 89 32.03 7.96 -7.78
N GLN A 90 33.15 8.06 -7.05
CA GLN A 90 34.41 8.52 -7.62
C GLN A 90 35.44 7.42 -7.76
N LEU A 91 35.19 6.25 -7.21
CA LEU A 91 36.10 5.12 -7.33
C LEU A 91 35.60 4.14 -8.38
N TRP A 92 36.49 3.25 -8.80
CA TRP A 92 36.11 2.13 -9.64
C TRP A 92 35.64 0.99 -8.75
N VAL A 93 34.44 0.49 -9.01
CA VAL A 93 33.94 -0.68 -8.30
C VAL A 93 33.55 -1.71 -9.35
N PRO A 94 33.66 -3.01 -9.06
CA PRO A 94 33.35 -4.02 -10.08
C PRO A 94 31.89 -3.99 -10.47
N ASP A 95 31.64 -4.33 -11.72
CA ASP A 95 30.28 -4.33 -12.28
C ASP A 95 29.58 -5.67 -12.04
N THR A 96 29.59 -6.11 -10.79
CA THR A 96 28.92 -7.35 -10.44
C THR A 96 27.42 -7.20 -10.57
N TYR A 97 26.76 -8.29 -10.97
CA TYR A 97 25.29 -8.29 -11.18
C TYR A 97 24.78 -9.70 -10.94
N PHE A 98 23.59 -9.86 -10.38
CA PHE A 98 23.00 -11.16 -10.10
C PHE A 98 22.24 -11.60 -11.34
N LEU A 99 22.63 -12.73 -11.93
CA LEU A 99 22.08 -13.16 -13.23
C LEU A 99 20.60 -13.52 -13.15
N ASN A 100 20.07 -13.89 -11.99
CA ASN A 100 18.70 -14.37 -11.90
C ASN A 100 17.83 -13.55 -10.97
N ASP A 101 18.16 -12.28 -10.74
CA ASP A 101 17.32 -11.44 -9.92
C ASP A 101 16.22 -10.83 -10.76
N LYS A 102 15.03 -10.72 -10.17
CA LYS A 102 13.90 -10.13 -10.87
C LYS A 102 13.79 -8.63 -10.59
N LYS A 103 13.89 -8.25 -9.33
CA LYS A 103 13.93 -6.83 -8.97
C LYS A 103 14.64 -6.69 -7.64
N SER A 104 15.66 -5.84 -7.59
CA SER A 104 16.47 -5.66 -6.40
C SER A 104 16.74 -4.17 -6.22
N PHE A 105 17.03 -3.80 -4.97
CA PHE A 105 17.34 -2.42 -4.65
C PHE A 105 18.30 -2.37 -3.48
N VAL A 106 18.96 -1.23 -3.34
CA VAL A 106 19.78 -0.92 -2.18
C VAL A 106 18.94 -0.08 -1.23
N HIS A 107 18.90 -0.47 0.04
CA HIS A 107 18.15 0.31 1.02
C HIS A 107 18.74 1.70 1.15
N GLY A 108 17.88 2.69 1.36
CA GLY A 108 18.33 4.07 1.31
C GLY A 108 17.88 4.96 2.44
N VAL A 109 17.67 4.40 3.64
CA VAL A 109 17.29 5.17 4.82
C VAL A 109 18.20 4.74 5.96
N THR A 110 18.78 5.70 6.69
CA THR A 110 18.61 7.15 6.52
C THR A 110 19.45 7.71 5.39
N VAL A 111 20.50 7.00 5.02
CA VAL A 111 21.28 7.29 3.82
C VAL A 111 21.40 5.99 3.04
N LYS A 112 21.84 6.11 1.79
CA LYS A 112 22.11 4.94 0.98
C LYS A 112 22.98 3.95 1.76
N ASN A 113 22.43 2.76 2.02
CA ASN A 113 23.10 1.78 2.87
C ASN A 113 24.19 1.08 2.08
N ARG A 114 25.30 1.78 1.91
CA ARG A 114 26.49 1.19 1.32
C ARG A 114 27.71 1.70 2.07
N MET A 115 28.77 0.91 2.02
CA MET A 115 30.01 1.17 2.73
C MET A 115 31.14 1.23 1.73
N ILE A 116 32.14 2.06 2.01
CA ILE A 116 33.39 2.06 1.29
C ILE A 116 34.50 2.33 2.28
N ARG A 117 35.48 1.44 2.35
CA ARG A 117 36.56 1.52 3.32
C ARG A 117 37.89 1.34 2.59
N LEU A 118 38.85 2.19 2.90
CA LEU A 118 40.18 2.12 2.32
C LEU A 118 41.15 1.59 3.37
N HIS A 119 42.21 0.93 2.89
CA HIS A 119 43.23 0.38 3.76
C HIS A 119 44.59 0.84 3.27
N PRO A 120 45.57 0.97 4.17
CA PRO A 120 46.85 1.57 3.76
C PRO A 120 47.50 0.84 2.60
N ASP A 121 47.31 -0.47 2.49
CA ASP A 121 47.90 -1.26 1.42
C ASP A 121 47.02 -1.32 0.17
N GLY A 122 46.06 -0.41 0.04
CA GLY A 122 45.29 -0.28 -1.18
C GLY A 122 44.02 -1.11 -1.26
N THR A 123 43.74 -1.93 -0.27
CA THR A 123 42.53 -2.75 -0.30
C THR A 123 41.30 -1.86 -0.18
N VAL A 124 40.29 -2.14 -1.00
CA VAL A 124 39.01 -1.45 -0.95
C VAL A 124 37.97 -2.44 -0.44
N LEU A 125 37.19 -2.03 0.55
CA LEU A 125 36.15 -2.87 1.11
C LEU A 125 34.81 -2.20 0.81
N TYR A 126 34.02 -2.82 -0.05
CA TYR A 126 32.83 -2.19 -0.61
C TYR A 126 31.60 -3.00 -0.22
N GLY A 127 30.74 -2.40 0.60
CA GLY A 127 29.58 -3.07 1.14
C GLY A 127 28.29 -2.47 0.63
N LEU A 128 27.26 -3.31 0.52
CA LEU A 128 25.93 -2.88 0.15
C LEU A 128 24.93 -3.67 0.97
N ARG A 129 23.78 -3.07 1.22
CA ARG A 129 22.64 -3.77 1.82
C ARG A 129 21.57 -3.89 0.75
N ILE A 130 21.34 -5.10 0.27
CA ILE A 130 20.53 -5.35 -0.91
C ILE A 130 19.37 -6.24 -0.55
N THR A 131 18.19 -5.92 -1.07
CA THR A 131 17.05 -6.83 -1.08
C THR A 131 16.80 -7.24 -2.52
N THR A 132 16.78 -8.55 -2.76
CA THR A 132 16.63 -9.10 -4.09
C THR A 132 15.46 -10.07 -4.13
N THR A 133 14.78 -10.09 -5.27
CA THR A 133 13.82 -11.15 -5.60
C THR A 133 14.44 -11.95 -6.72
N ALA A 134 14.80 -13.19 -6.45
CA ALA A 134 15.50 -14.03 -7.40
C ALA A 134 14.59 -15.15 -7.89
N ALA A 135 14.69 -15.46 -9.18
CA ALA A 135 13.90 -16.54 -9.75
C ALA A 135 14.39 -17.89 -9.23
N CYS A 136 13.45 -18.74 -8.83
CA CYS A 136 13.74 -20.09 -8.38
C CYS A 136 12.93 -21.05 -9.25
N MET A 137 13.61 -21.88 -10.03
CA MET A 137 12.94 -22.96 -10.75
C MET A 137 12.42 -23.96 -9.75
N MET A 138 11.11 -23.98 -9.54
CA MET A 138 10.48 -24.81 -8.54
C MET A 138 9.64 -25.89 -9.20
N ASP A 139 9.87 -27.14 -8.80
CA ASP A 139 9.09 -28.28 -9.27
C ASP A 139 8.19 -28.72 -8.12
N LEU A 140 6.90 -28.44 -8.24
CA LEU A 140 5.92 -28.74 -7.21
C LEU A 140 5.03 -29.91 -7.62
N ARG A 141 5.62 -30.88 -8.30
CA ARG A 141 4.89 -32.11 -8.62
C ARG A 141 4.62 -32.93 -7.37
N ARG A 142 5.59 -32.97 -6.45
CA ARG A 142 5.45 -33.70 -5.19
C ARG A 142 4.90 -32.84 -4.07
N TYR A 143 4.47 -31.62 -4.37
CA TYR A 143 3.96 -30.72 -3.35
C TYR A 143 2.83 -31.39 -2.58
N PRO A 144 2.77 -31.25 -1.25
CA PRO A 144 3.67 -30.50 -0.38
C PRO A 144 4.88 -31.28 0.12
N LEU A 145 5.08 -32.49 -0.38
CA LEU A 145 6.18 -33.35 0.08
C LEU A 145 7.43 -33.14 -0.77
N ASP A 146 7.83 -31.89 -0.96
CA ASP A 146 8.84 -31.55 -1.94
C ASP A 146 10.04 -30.86 -1.28
N GLU A 147 11.18 -30.93 -1.96
CA GLU A 147 12.37 -30.20 -1.61
C GLU A 147 12.73 -29.29 -2.77
N GLN A 148 12.97 -28.01 -2.49
CA GLN A 148 13.30 -27.03 -3.50
C GLN A 148 14.76 -26.63 -3.38
N ASN A 149 15.33 -26.22 -4.50
CA ASN A 149 16.73 -25.80 -4.59
C ASN A 149 16.78 -24.40 -5.18
N CYS A 150 16.95 -23.39 -4.32
CA CYS A 150 16.93 -21.99 -4.73
C CYS A 150 18.35 -21.44 -4.69
N THR A 151 18.71 -20.70 -5.74
CA THR A 151 20.09 -20.31 -5.99
C THR A 151 20.21 -18.80 -6.14
N LEU A 152 21.45 -18.33 -6.23
CA LEU A 152 21.74 -16.92 -6.51
C LEU A 152 23.06 -16.87 -7.25
N GLU A 153 22.99 -16.61 -8.56
CA GLU A 153 24.19 -16.53 -9.39
C GLU A 153 24.73 -15.11 -9.42
N ILE A 154 26.02 -14.98 -9.16
CA ILE A 154 26.72 -13.71 -9.13
C ILE A 154 27.71 -13.70 -10.29
N GLU A 155 27.68 -12.67 -11.13
CA GLU A 155 28.55 -12.65 -12.34
C GLU A 155 29.01 -11.23 -12.70
N SER A 156 30.02 -11.10 -13.56
CA SER A 156 30.52 -9.79 -14.07
C SER A 156 29.86 -9.53 -15.42
N TYR A 157 29.29 -8.34 -15.64
CA TYR A 157 28.53 -8.03 -16.87
C TYR A 157 29.48 -7.81 -18.04
N GLY A 158 30.51 -6.98 -17.88
CA GLY A 158 31.38 -6.65 -19.01
C GLY A 158 32.72 -7.34 -18.98
N TYR A 159 33.41 -7.28 -17.85
CA TYR A 159 34.76 -7.82 -17.78
C TYR A 159 34.74 -9.33 -17.93
N THR A 160 35.81 -9.87 -18.52
CA THR A 160 35.96 -11.29 -18.75
C THR A 160 36.99 -11.86 -17.79
N THR A 161 37.18 -13.17 -17.86
CA THR A 161 37.99 -13.86 -16.86
C THR A 161 39.46 -13.47 -16.92
N ASP A 162 39.89 -12.81 -17.99
CA ASP A 162 41.27 -12.32 -18.06
C ASP A 162 41.43 -10.96 -17.41
N ASP A 163 40.33 -10.31 -17.03
CA ASP A 163 40.36 -9.00 -16.37
C ASP A 163 40.00 -9.10 -14.90
N ILE A 164 38.88 -9.72 -14.58
CA ILE A 164 38.37 -9.80 -13.22
C ILE A 164 38.20 -11.26 -12.84
N GLU A 165 38.63 -11.62 -11.64
CA GLU A 165 38.57 -12.97 -11.14
C GLU A 165 37.81 -12.97 -9.82
N PHE A 166 36.78 -13.81 -9.72
CA PHE A 166 35.91 -13.86 -8.54
C PHE A 166 36.31 -15.01 -7.63
N TYR A 167 36.11 -14.81 -6.34
CA TYR A 167 36.29 -15.88 -5.37
C TYR A 167 35.57 -15.49 -4.08
N TRP A 168 35.45 -16.46 -3.19
CA TRP A 168 34.84 -16.24 -1.89
C TRP A 168 35.93 -15.98 -0.86
N ARG A 169 35.77 -14.91 -0.09
CA ARG A 169 36.71 -14.64 0.99
C ARG A 169 36.34 -15.49 2.20
N GLY A 170 37.32 -16.21 2.74
CA GLY A 170 37.04 -17.17 3.79
C GLY A 170 36.56 -18.51 3.29
N ASP A 171 36.62 -18.76 1.99
CA ASP A 171 36.16 -20.01 1.40
C ASP A 171 34.76 -20.35 1.88
N ASP A 172 34.62 -21.34 2.77
CA ASP A 172 33.30 -21.77 3.19
C ASP A 172 32.68 -20.88 4.26
N ASN A 173 33.48 -20.02 4.90
CA ASN A 173 32.97 -19.06 5.86
C ASN A 173 32.60 -17.74 5.20
N ALA A 174 32.51 -17.70 3.87
CA ALA A 174 32.17 -16.46 3.19
C ALA A 174 30.72 -16.09 3.43
N VAL A 175 29.81 -17.04 3.32
CA VAL A 175 28.39 -16.80 3.54
C VAL A 175 28.07 -17.13 4.99
N THR A 176 27.37 -16.21 5.66
CA THR A 176 27.09 -16.34 7.07
C THR A 176 25.65 -15.94 7.33
N GLY A 177 25.14 -16.32 8.50
CA GLY A 177 23.78 -16.03 8.87
C GLY A 177 22.76 -17.01 8.33
N VAL A 178 23.19 -18.02 7.58
CA VAL A 178 22.24 -18.98 7.01
C VAL A 178 21.63 -19.83 8.09
N THR A 179 22.39 -20.16 9.14
CA THR A 179 21.91 -21.10 10.14
C THR A 179 20.82 -20.52 11.02
N LYS A 180 20.59 -19.21 10.99
CA LYS A 180 19.65 -18.56 11.89
C LYS A 180 18.45 -17.98 11.17
N ILE A 181 18.24 -18.36 9.91
CA ILE A 181 17.02 -18.00 9.20
C ILE A 181 15.91 -18.91 9.65
N GLU A 182 14.69 -18.38 9.76
CA GLU A 182 13.55 -19.12 10.30
C GLU A 182 12.36 -18.89 9.37
N LEU A 183 12.20 -19.78 8.40
CA LEU A 183 11.10 -19.69 7.45
C LEU A 183 9.86 -20.37 8.03
N PRO A 184 8.70 -19.73 8.00
CA PRO A 184 7.49 -20.39 8.53
C PRO A 184 7.10 -21.64 7.77
N GLN A 185 7.44 -21.74 6.49
CA GLN A 185 6.98 -22.83 5.65
C GLN A 185 8.06 -23.83 5.28
N PHE A 186 9.34 -23.49 5.43
CA PHE A 186 10.44 -24.36 5.05
C PHE A 186 11.47 -24.38 6.16
N SER A 187 12.47 -25.24 5.97
CA SER A 187 13.66 -25.24 6.81
C SER A 187 14.87 -25.44 5.91
N ILE A 188 15.87 -24.56 6.04
CA ILE A 188 17.07 -24.69 5.24
C ILE A 188 17.85 -25.90 5.76
N VAL A 189 18.11 -26.85 4.88
CA VAL A 189 18.77 -28.09 5.28
C VAL A 189 20.24 -28.06 4.88
N ASP A 190 20.55 -27.35 3.80
CA ASP A 190 21.94 -27.29 3.34
C ASP A 190 22.12 -26.07 2.44
N TYR A 191 23.37 -25.64 2.31
CA TYR A 191 23.75 -24.59 1.37
C TYR A 191 25.17 -24.83 0.91
N LYS A 192 25.47 -24.39 -0.31
CA LYS A 192 26.78 -24.61 -0.91
C LYS A 192 27.26 -23.35 -1.59
N LEU A 193 28.58 -23.18 -1.62
CA LEU A 193 29.22 -22.07 -2.32
C LEU A 193 30.00 -22.63 -3.50
N ILE A 194 29.67 -22.18 -4.69
CA ILE A 194 30.26 -22.69 -5.93
C ILE A 194 30.93 -21.53 -6.65
N THR A 195 32.19 -21.72 -7.01
CA THR A 195 32.94 -20.75 -7.81
C THR A 195 33.36 -21.44 -9.11
N LYS A 196 32.77 -21.02 -10.22
CA LYS A 196 33.06 -21.63 -11.50
C LYS A 196 33.29 -20.56 -12.57
N LYS A 197 33.40 -20.99 -13.81
CA LYS A 197 33.51 -20.10 -14.96
C LYS A 197 32.55 -20.59 -16.03
N VAL A 198 31.97 -19.65 -16.77
CA VAL A 198 30.96 -19.97 -17.77
C VAL A 198 31.33 -19.27 -19.08
N VAL A 199 30.43 -19.33 -20.07
CA VAL A 199 30.69 -18.75 -21.42
C VAL A 199 29.40 -18.16 -21.99
N PHE A 200 29.46 -16.95 -22.54
CA PHE A 200 28.30 -16.29 -23.21
C PHE A 200 28.70 -15.92 -24.64
N SER A 201 27.78 -15.36 -25.42
CA SER A 201 28.04 -14.98 -26.83
C SER A 201 29.15 -13.91 -26.90
N THR A 202 29.55 -13.32 -25.77
CA THR A 202 30.61 -12.28 -25.71
C THR A 202 31.96 -12.87 -25.31
N GLY A 203 32.00 -13.88 -24.42
CA GLY A 203 33.25 -14.54 -24.01
C GLY A 203 33.13 -15.16 -22.63
N SER A 204 34.20 -15.79 -22.13
CA SER A 204 34.21 -16.40 -20.76
C SER A 204 33.80 -15.33 -19.75
N TYR A 205 33.32 -15.73 -18.57
CA TYR A 205 32.97 -14.76 -17.51
C TYR A 205 33.11 -15.45 -16.16
N PRO A 206 33.66 -14.79 -15.13
CA PRO A 206 33.66 -15.38 -13.79
C PRO A 206 32.25 -15.52 -13.26
N ARG A 207 32.07 -16.45 -12.34
CA ARG A 207 30.77 -16.66 -11.74
C ARG A 207 30.92 -17.25 -10.36
N LEU A 208 30.03 -16.85 -9.47
CA LEU A 208 29.87 -17.46 -8.16
C LEU A 208 28.43 -17.91 -8.03
N SER A 209 28.19 -18.83 -7.09
CA SER A 209 26.83 -19.32 -6.90
C SER A 209 26.64 -19.71 -5.44
N LEU A 210 25.58 -19.18 -4.85
CA LEU A 210 25.12 -19.60 -3.54
C LEU A 210 23.80 -20.33 -3.72
N SER A 211 23.68 -21.50 -3.08
CA SER A 211 22.50 -22.33 -3.23
C SER A 211 21.98 -22.75 -1.86
N PHE A 212 20.66 -22.92 -1.78
CA PHE A 212 20.01 -23.39 -0.58
C PHE A 212 19.14 -24.58 -0.93
N LYS A 213 18.85 -25.40 0.08
CA LYS A 213 17.97 -26.54 -0.04
C LYS A 213 16.86 -26.36 0.98
N LEU A 214 15.62 -26.24 0.51
CA LEU A 214 14.48 -25.95 1.37
C LEU A 214 13.54 -27.15 1.36
N LYS A 215 13.41 -27.80 2.51
CA LYS A 215 12.46 -28.90 2.67
C LYS A 215 11.18 -28.33 3.27
N ARG A 216 10.06 -28.51 2.58
CA ARG A 216 8.81 -27.93 3.03
C ARG A 216 8.33 -28.61 4.30
N ASN A 217 7.90 -27.81 5.27
CA ASN A 217 7.33 -28.35 6.49
C ASN A 217 5.98 -28.97 6.21
N ILE A 218 5.71 -30.13 6.81
CA ILE A 218 4.55 -30.94 6.47
C ILE A 218 3.46 -30.91 7.54
N GLY A 219 3.76 -30.41 8.74
CA GLY A 219 2.77 -30.46 9.80
C GLY A 219 1.53 -29.65 9.49
N TYR A 220 1.71 -28.45 8.95
CA TYR A 220 0.56 -27.61 8.62
C TYR A 220 -0.32 -28.32 7.60
N PHE A 221 0.30 -28.89 6.56
CA PHE A 221 -0.49 -29.54 5.52
C PHE A 221 -1.22 -30.75 6.06
N ILE A 222 -0.56 -31.54 6.90
CA ILE A 222 -1.25 -32.67 7.53
C ILE A 222 -2.50 -32.16 8.23
N LEU A 223 -2.31 -31.29 9.23
CA LEU A 223 -3.42 -30.85 10.06
C LEU A 223 -4.52 -30.17 9.25
N GLN A 224 -4.15 -29.47 8.18
CA GLN A 224 -5.10 -28.62 7.48
C GLN A 224 -5.79 -29.31 6.31
N THR A 225 -5.18 -30.34 5.75
CA THR A 225 -5.66 -31.01 4.55
C THR A 225 -5.98 -32.48 4.74
N TYR A 226 -5.07 -33.25 5.35
CA TYR A 226 -5.21 -34.70 5.28
C TYR A 226 -6.17 -35.22 6.32
N MET A 227 -6.16 -34.65 7.52
CA MET A 227 -7.11 -35.09 8.55
C MET A 227 -8.55 -34.90 8.10
N PRO A 228 -8.96 -33.75 7.58
CA PRO A 228 -10.37 -33.62 7.16
C PRO A 228 -10.80 -34.67 6.15
N SER A 229 -9.99 -34.91 5.11
CA SER A 229 -10.39 -35.85 4.08
C SER A 229 -10.50 -37.27 4.65
N ILE A 230 -9.52 -37.67 5.46
CA ILE A 230 -9.56 -39.02 6.03
C ILE A 230 -10.77 -39.19 6.92
N LEU A 231 -11.05 -38.19 7.75
CA LEU A 231 -12.17 -38.32 8.68
C LEU A 231 -13.51 -38.31 7.96
N ILE A 232 -13.64 -37.52 6.90
CA ILE A 232 -14.87 -37.57 6.11
C ILE A 232 -15.00 -38.90 5.39
N THR A 233 -13.89 -39.49 4.97
CA THR A 233 -13.96 -40.83 4.40
C THR A 233 -14.47 -41.83 5.42
N ILE A 234 -14.01 -41.71 6.67
CA ILE A 234 -14.50 -42.59 7.73
C ILE A 234 -16.00 -42.37 7.94
N LEU A 235 -16.44 -41.11 7.97
CA LEU A 235 -17.87 -40.83 8.02
C LEU A 235 -18.60 -41.59 6.92
N SER A 236 -18.11 -41.46 5.69
CA SER A 236 -18.73 -42.17 4.58
C SER A 236 -18.82 -43.66 4.86
N TRP A 237 -17.78 -44.23 5.46
CA TRP A 237 -17.78 -45.65 5.78
C TRP A 237 -18.88 -45.98 6.77
N VAL A 238 -19.10 -45.11 7.76
CA VAL A 238 -20.07 -45.40 8.81
C VAL A 238 -21.40 -45.88 8.23
N SER A 239 -21.70 -45.48 6.98
CA SER A 239 -22.95 -45.87 6.36
C SER A 239 -23.13 -47.38 6.30
N PHE A 240 -22.02 -48.14 6.20
CA PHE A 240 -22.16 -49.60 6.05
C PHE A 240 -22.85 -50.22 7.25
N TRP A 241 -22.69 -49.64 8.44
CA TRP A 241 -23.28 -50.18 9.66
C TRP A 241 -24.67 -49.63 9.94
N ILE A 242 -25.37 -49.15 8.92
CA ILE A 242 -26.76 -48.74 9.04
C ILE A 242 -27.61 -49.68 8.22
N ASN A 243 -28.68 -50.19 8.81
CA ASN A 243 -29.49 -51.21 8.15
C ASN A 243 -29.93 -50.73 6.78
N TYR A 244 -29.82 -51.61 5.79
CA TYR A 244 -30.10 -51.22 4.41
C TYR A 244 -31.56 -50.90 4.16
N ASP A 245 -32.41 -50.95 5.18
CA ASP A 245 -33.77 -50.43 5.08
C ASP A 245 -33.85 -48.95 5.44
N ALA A 246 -32.80 -48.39 6.04
CA ALA A 246 -32.74 -46.97 6.37
C ALA A 246 -32.27 -46.18 5.15
N SER A 247 -33.13 -46.19 4.12
CA SER A 247 -32.77 -45.56 2.85
C SER A 247 -32.48 -44.08 3.02
N ALA A 248 -33.39 -43.36 3.69
CA ALA A 248 -33.21 -41.93 3.86
C ALA A 248 -31.93 -41.62 4.62
N ALA A 249 -31.70 -42.33 5.72
CA ALA A 249 -30.52 -42.08 6.52
C ALA A 249 -29.25 -42.34 5.73
N ARG A 250 -29.17 -43.49 5.06
CA ARG A 250 -27.96 -43.85 4.34
C ARG A 250 -27.70 -42.90 3.19
N VAL A 251 -28.76 -42.54 2.44
CA VAL A 251 -28.60 -41.62 1.33
C VAL A 251 -28.15 -40.26 1.82
N ALA A 252 -28.76 -39.75 2.88
CA ALA A 252 -28.37 -38.45 3.41
C ALA A 252 -26.92 -38.47 3.85
N LEU A 253 -26.53 -39.50 4.59
CA LEU A 253 -25.15 -39.60 5.05
C LEU A 253 -24.18 -39.60 3.88
N GLY A 254 -24.42 -40.47 2.89
CA GLY A 254 -23.48 -40.57 1.79
C GLY A 254 -23.39 -39.30 0.99
N ILE A 255 -24.53 -38.75 0.57
CA ILE A 255 -24.50 -37.59 -0.30
C ILE A 255 -23.98 -36.36 0.44
N THR A 256 -24.24 -36.28 1.76
CA THR A 256 -23.68 -35.15 2.50
C THR A 256 -22.20 -35.31 2.71
N THR A 257 -21.69 -36.54 2.80
CA THR A 257 -20.25 -36.72 2.79
C THR A 257 -19.66 -36.29 1.45
N VAL A 258 -20.35 -36.57 0.36
CA VAL A 258 -19.89 -36.12 -0.95
C VAL A 258 -19.84 -34.59 -1.00
N LEU A 259 -20.90 -33.94 -0.51
CA LEU A 259 -20.94 -32.49 -0.49
C LEU A 259 -19.85 -31.92 0.40
N THR A 260 -19.60 -32.57 1.54
CA THR A 260 -18.54 -32.11 2.44
C THR A 260 -17.17 -32.24 1.78
N MET A 261 -16.95 -33.33 1.05
CA MET A 261 -15.68 -33.49 0.35
C MET A 261 -15.51 -32.40 -0.68
N THR A 262 -16.57 -32.09 -1.43
CA THR A 262 -16.49 -31.01 -2.41
C THR A 262 -16.21 -29.66 -1.74
N THR A 263 -16.87 -29.40 -0.60
CA THR A 263 -16.63 -28.16 0.12
C THR A 263 -15.17 -28.06 0.60
N ILE A 264 -14.64 -29.16 1.13
CA ILE A 264 -13.25 -29.17 1.57
C ILE A 264 -12.33 -28.87 0.39
N ASN A 265 -12.57 -29.54 -0.74
CA ASN A 265 -11.70 -29.34 -1.89
C ASN A 265 -11.75 -27.90 -2.40
N THR A 266 -12.96 -27.32 -2.46
CA THR A 266 -13.09 -25.93 -2.91
C THR A 266 -12.36 -24.97 -1.99
N HIS A 267 -12.55 -25.12 -0.69
CA HIS A 267 -11.88 -24.19 0.23
C HIS A 267 -10.38 -24.39 0.20
N LEU A 268 -9.91 -25.63 -0.04
CA LEU A 268 -8.48 -25.85 -0.21
C LEU A 268 -7.97 -25.15 -1.46
N ARG A 269 -8.73 -25.21 -2.55
CA ARG A 269 -8.36 -24.47 -3.75
C ARG A 269 -8.17 -23.01 -3.44
N GLU A 270 -9.12 -22.42 -2.71
CA GLU A 270 -9.04 -20.99 -2.44
C GLU A 270 -7.93 -20.63 -1.47
N THR A 271 -7.64 -21.49 -0.49
CA THR A 271 -6.66 -21.13 0.52
C THR A 271 -5.22 -21.43 0.10
N LEU A 272 -5.01 -22.45 -0.73
CA LEU A 272 -3.66 -22.85 -1.10
C LEU A 272 -3.13 -21.99 -2.25
N PRO A 273 -1.83 -22.03 -2.50
CA PRO A 273 -1.29 -21.32 -3.66
C PRO A 273 -1.83 -21.91 -4.95
N LYS A 274 -1.81 -21.10 -6.00
CA LYS A 274 -2.42 -21.46 -7.28
C LYS A 274 -1.34 -22.05 -8.20
N ILE A 275 -1.00 -23.31 -7.96
CA ILE A 275 -0.18 -24.09 -8.89
C ILE A 275 -1.13 -24.78 -9.86
N PRO A 276 -1.19 -24.37 -11.12
CA PRO A 276 -2.23 -24.87 -12.02
C PRO A 276 -1.91 -26.19 -12.71
N TYR A 277 -0.97 -26.98 -12.20
CA TYR A 277 -0.79 -28.35 -12.65
C TYR A 277 -0.96 -29.32 -11.49
N VAL A 278 -1.01 -30.61 -11.82
CA VAL A 278 -1.43 -31.63 -10.87
C VAL A 278 -0.33 -31.90 -9.84
N LYS A 279 -0.73 -32.32 -8.65
CA LYS A 279 0.19 -32.48 -7.53
C LYS A 279 -0.25 -33.63 -6.64
N ALA A 280 0.60 -33.96 -5.66
CA ALA A 280 0.31 -35.04 -4.73
C ALA A 280 -0.94 -34.75 -3.92
N ILE A 281 -1.09 -33.50 -3.45
CA ILE A 281 -2.26 -33.13 -2.69
C ILE A 281 -3.53 -33.31 -3.51
N ASP A 282 -3.48 -32.91 -4.79
CA ASP A 282 -4.60 -33.11 -5.67
C ASP A 282 -4.92 -34.59 -5.84
N MET A 283 -3.89 -35.42 -5.99
CA MET A 283 -4.13 -36.85 -6.12
C MET A 283 -4.79 -37.43 -4.89
N TYR A 284 -4.35 -37.02 -3.70
CA TYR A 284 -4.95 -37.54 -2.47
C TYR A 284 -6.41 -37.11 -2.35
N LEU A 285 -6.69 -35.84 -2.63
CA LEU A 285 -8.08 -35.37 -2.55
C LEU A 285 -8.95 -36.12 -3.54
N MET A 286 -8.44 -36.36 -4.75
CA MET A 286 -9.21 -37.12 -5.73
C MET A 286 -9.45 -38.54 -5.25
N GLY A 287 -8.43 -39.16 -4.64
CA GLY A 287 -8.62 -40.50 -4.11
C GLY A 287 -9.74 -40.56 -3.09
N CYS A 288 -9.75 -39.63 -2.15
CA CYS A 288 -10.78 -39.64 -1.12
C CYS A 288 -12.16 -39.34 -1.71
N PHE A 289 -12.23 -38.42 -2.67
CA PHE A 289 -13.51 -38.14 -3.33
C PHE A 289 -14.03 -39.38 -4.04
N VAL A 290 -13.15 -40.10 -4.73
CA VAL A 290 -13.57 -41.32 -5.43
C VAL A 290 -14.01 -42.37 -4.42
N PHE A 291 -13.34 -42.45 -3.27
CA PHE A 291 -13.75 -43.43 -2.27
C PHE A 291 -15.17 -43.15 -1.77
N VAL A 292 -15.45 -41.88 -1.46
CA VAL A 292 -16.80 -41.54 -0.99
C VAL A 292 -17.82 -41.84 -2.09
N PHE A 293 -17.45 -41.57 -3.34
CA PHE A 293 -18.32 -41.89 -4.47
C PHE A 293 -18.60 -43.38 -4.55
N MET A 294 -17.57 -44.21 -4.33
CA MET A 294 -17.75 -45.65 -4.32
C MET A 294 -18.69 -46.09 -3.20
N ALA A 295 -18.56 -45.48 -2.03
CA ALA A 295 -19.48 -45.83 -0.94
C ALA A 295 -20.93 -45.52 -1.33
N LEU A 296 -21.15 -44.36 -1.95
CA LEU A 296 -22.50 -44.04 -2.40
C LEU A 296 -22.99 -45.05 -3.43
N LEU A 297 -22.14 -45.42 -4.39
CA LEU A 297 -22.56 -46.38 -5.41
C LEU A 297 -22.88 -47.73 -4.81
N GLU A 298 -22.05 -48.21 -3.87
CA GLU A 298 -22.32 -49.54 -3.34
C GLU A 298 -23.61 -49.53 -2.54
N TYR A 299 -23.92 -48.42 -1.84
CA TYR A 299 -25.24 -48.36 -1.22
C TYR A 299 -26.34 -48.44 -2.26
N ALA A 300 -26.19 -47.70 -3.36
CA ALA A 300 -27.22 -47.75 -4.40
C ALA A 300 -27.42 -49.17 -4.91
N LEU A 301 -26.32 -49.90 -5.08
CA LEU A 301 -26.40 -51.28 -5.54
C LEU A 301 -27.14 -52.15 -4.51
N VAL A 302 -26.79 -52.00 -3.24
CA VAL A 302 -27.44 -52.79 -2.20
C VAL A 302 -28.93 -52.49 -2.15
N ASN A 303 -29.29 -51.21 -2.36
CA ASN A 303 -30.71 -50.79 -2.29
C ASN A 303 -31.45 -51.39 -3.48
N TYR A 304 -30.85 -51.37 -4.67
CA TYR A 304 -31.49 -52.03 -5.81
C TYR A 304 -31.53 -53.54 -5.64
N ILE A 305 -30.71 -54.10 -4.75
CA ILE A 305 -30.62 -55.55 -4.60
C ILE A 305 -31.60 -56.09 -3.57
N PHE A 306 -31.67 -55.51 -2.36
CA PHE A 306 -32.33 -56.27 -1.30
C PHE A 306 -33.82 -56.46 -1.58
N PHE A 307 -34.38 -55.73 -2.54
CA PHE A 307 -35.77 -55.98 -2.93
C PHE A 307 -35.91 -57.30 -3.66
N SER A 308 -34.81 -57.93 -4.04
CA SER A 308 -34.81 -59.26 -4.65
C SER A 308 -34.13 -60.29 -3.77
N GLN A 309 -32.87 -60.04 -3.36
CA GLN A 309 -32.09 -60.97 -2.56
C GLN A 309 -31.59 -60.26 -1.32
N PRO A 310 -32.40 -60.19 -0.26
CA PRO A 310 -31.90 -59.59 0.99
C PRO A 310 -30.64 -60.25 1.50
N ALA A 311 -30.50 -61.57 1.33
CA ALA A 311 -29.27 -62.25 1.75
C ALA A 311 -28.07 -61.72 0.99
N ARG A 312 -28.20 -61.57 -0.34
CA ARG A 312 -27.11 -61.01 -1.12
C ARG A 312 -26.84 -59.56 -0.75
N ALA A 313 -27.88 -58.79 -0.42
CA ALA A 313 -27.67 -57.42 0.03
C ALA A 313 -26.84 -57.39 1.31
N ALA A 314 -27.17 -58.26 2.26
CA ALA A 314 -26.40 -58.33 3.49
C ALA A 314 -24.98 -58.78 3.21
N ALA A 315 -24.79 -59.72 2.29
CA ALA A 315 -23.45 -60.18 1.95
C ALA A 315 -22.62 -59.05 1.37
N ILE A 316 -23.21 -58.29 0.44
CA ILE A 316 -22.52 -57.15 -0.14
C ILE A 316 -22.16 -56.14 0.94
N ASP A 317 -23.09 -55.88 1.86
CA ASP A 317 -22.81 -54.94 2.94
C ASP A 317 -21.64 -55.42 3.79
N ARG A 318 -21.61 -56.71 4.13
CA ARG A 318 -20.53 -57.21 4.98
C ARG A 318 -19.18 -57.14 4.27
N TRP A 319 -19.12 -57.58 3.02
CA TRP A 319 -17.86 -57.53 2.30
C TRP A 319 -17.40 -56.09 2.07
N SER A 320 -18.34 -55.17 1.85
CA SER A 320 -17.97 -53.76 1.75
C SER A 320 -17.41 -53.25 3.08
N ARG A 321 -18.06 -53.60 4.18
CA ARG A 321 -17.55 -53.27 5.50
C ARG A 321 -16.10 -53.70 5.65
N ILE A 322 -15.81 -54.94 5.25
CA ILE A 322 -14.45 -55.44 5.39
C ILE A 322 -13.49 -54.68 4.47
N PHE A 323 -13.87 -54.52 3.19
CA PHE A 323 -12.89 -54.14 2.19
C PHE A 323 -12.60 -52.65 2.17
N PHE A 324 -13.62 -51.81 2.27
CA PHE A 324 -13.40 -50.37 2.12
C PHE A 324 -12.29 -49.85 3.03
N PRO A 325 -12.29 -50.12 4.34
CA PRO A 325 -11.15 -49.69 5.16
C PRO A 325 -9.82 -50.25 4.70
N VAL A 326 -9.78 -51.54 4.33
CA VAL A 326 -8.52 -52.16 3.94
C VAL A 326 -7.98 -51.51 2.68
N VAL A 327 -8.83 -51.35 1.67
CA VAL A 327 -8.36 -50.80 0.41
C VAL A 327 -7.96 -49.34 0.57
N PHE A 328 -8.69 -48.58 1.39
CA PHE A 328 -8.30 -47.20 1.65
C PHE A 328 -6.94 -47.14 2.33
N SER A 329 -6.71 -47.99 3.33
CA SER A 329 -5.42 -47.98 4.01
C SER A 329 -4.30 -48.38 3.08
N PHE A 330 -4.54 -49.37 2.21
CA PHE A 330 -3.51 -49.77 1.25
C PHE A 330 -3.20 -48.65 0.28
N PHE A 331 -4.23 -47.94 -0.19
CA PHE A 331 -4.01 -46.77 -1.03
C PHE A 331 -3.17 -45.73 -0.31
N ASN A 332 -3.45 -45.51 0.98
CA ASN A 332 -2.64 -44.58 1.76
C ASN A 332 -1.19 -45.03 1.84
N ILE A 333 -0.95 -46.31 2.09
CA ILE A 333 0.42 -46.80 2.20
C ILE A 333 1.16 -46.59 0.88
N VAL A 334 0.50 -46.94 -0.23
CA VAL A 334 1.13 -46.77 -1.53
C VAL A 334 1.46 -45.30 -1.77
N TYR A 335 0.50 -44.42 -1.50
CA TYR A 335 0.70 -42.99 -1.76
C TYR A 335 1.82 -42.43 -0.91
N TRP A 336 1.80 -42.73 0.39
CA TRP A 336 2.80 -42.16 1.29
C TRP A 336 4.19 -42.71 1.00
N LEU A 337 4.30 -43.98 0.62
CA LEU A 337 5.59 -44.50 0.23
C LEU A 337 6.08 -43.84 -1.05
N TYR A 338 5.19 -43.68 -2.04
CA TYR A 338 5.63 -43.11 -3.31
C TYR A 338 6.06 -41.66 -3.16
N TYR A 339 5.37 -40.89 -2.33
CA TYR A 339 5.63 -39.46 -2.21
C TYR A 339 6.53 -39.10 -1.03
N VAL A 340 7.15 -40.08 -0.39
CA VAL A 340 8.10 -39.80 0.68
C VAL A 340 9.37 -40.61 0.44
N ASP B 10 52.77 2.88 -19.47
CA ASP B 10 52.47 3.90 -20.46
C ASP B 10 51.26 3.52 -21.31
N ASN B 11 50.89 2.24 -21.29
CA ASN B 11 49.68 1.81 -21.98
C ASN B 11 48.46 2.54 -21.44
N THR B 12 48.44 2.79 -20.13
CA THR B 12 47.34 3.53 -19.53
C THR B 12 47.23 4.92 -20.14
N THR B 13 48.36 5.57 -20.38
CA THR B 13 48.33 6.91 -20.96
C THR B 13 47.68 6.89 -22.33
N VAL B 14 48.09 5.94 -23.18
CA VAL B 14 47.51 5.90 -24.52
C VAL B 14 46.04 5.58 -24.46
N PHE B 15 45.64 4.67 -23.56
CA PHE B 15 44.21 4.36 -23.46
C PHE B 15 43.41 5.60 -23.05
N THR B 16 43.89 6.32 -22.04
CA THR B 16 43.18 7.50 -21.58
C THR B 16 43.13 8.57 -22.65
N ARG B 17 44.21 8.75 -23.40
CA ARG B 17 44.22 9.74 -24.47
C ARG B 17 43.23 9.36 -25.55
N ILE B 18 43.18 8.09 -25.93
CA ILE B 18 42.19 7.65 -26.90
C ILE B 18 40.78 7.98 -26.41
N LEU B 19 40.50 7.64 -25.15
CA LEU B 19 39.15 7.89 -24.63
C LEU B 19 38.83 9.38 -24.64
N ASP B 20 39.80 10.21 -24.29
CA ASP B 20 39.55 11.65 -24.20
C ASP B 20 39.37 12.28 -25.57
N ARG B 21 40.16 11.84 -26.55
CA ARG B 21 40.05 12.40 -27.90
C ARG B 21 38.91 11.78 -28.70
N LEU B 22 38.31 10.70 -28.22
CA LEU B 22 37.26 10.04 -28.98
C LEU B 22 36.00 10.88 -29.11
N LEU B 23 35.80 11.87 -28.25
CA LEU B 23 34.57 12.64 -28.22
C LEU B 23 34.80 14.11 -28.56
N ASP B 24 35.81 14.39 -29.39
CA ASP B 24 36.12 15.76 -29.78
C ASP B 24 35.21 16.16 -30.94
N GLY B 25 34.51 17.27 -30.77
CA GLY B 25 33.58 17.71 -31.80
C GLY B 25 32.42 16.78 -32.02
N TYR B 26 32.14 15.90 -31.06
CA TYR B 26 31.08 14.90 -31.20
C TYR B 26 29.80 15.45 -30.58
N ASP B 27 28.73 15.49 -31.38
CA ASP B 27 27.41 15.84 -30.90
C ASP B 27 26.57 14.59 -30.83
N ASN B 28 25.96 14.35 -29.68
CA ASN B 28 25.17 13.15 -29.46
C ASN B 28 23.69 13.36 -29.79
N ARG B 29 23.33 14.53 -30.29
CA ARG B 29 21.95 14.78 -30.69
C ARG B 29 21.67 14.37 -32.13
N LEU B 30 22.68 13.96 -32.88
CA LEU B 30 22.55 13.62 -34.28
C LEU B 30 22.91 12.15 -34.48
N ARG B 31 22.04 11.41 -35.15
CA ARG B 31 22.33 10.03 -35.46
C ARG B 31 23.48 9.96 -36.47
N PRO B 32 24.30 8.92 -36.41
CA PRO B 32 25.39 8.80 -37.38
C PRO B 32 24.86 8.71 -38.79
N GLY B 33 25.52 9.42 -39.70
CA GLY B 33 25.04 9.50 -41.07
C GLY B 33 23.72 10.22 -41.17
N LEU B 34 23.61 11.37 -40.49
CA LEU B 34 22.34 12.07 -40.42
C LEU B 34 21.89 12.55 -41.80
N GLY B 35 22.81 13.06 -42.60
CA GLY B 35 22.45 13.65 -43.88
C GLY B 35 22.81 12.82 -45.10
N GLU B 36 23.45 11.66 -44.91
CA GLU B 36 23.95 10.87 -46.01
C GLU B 36 23.26 9.50 -46.14
N ARG B 37 23.27 8.68 -45.10
CA ARG B 37 22.77 7.31 -45.16
C ARG B 37 21.60 7.11 -44.22
N VAL B 38 21.17 5.86 -44.15
CA VAL B 38 20.20 5.39 -43.16
C VAL B 38 20.94 4.49 -42.19
N THR B 39 20.78 4.76 -40.89
CA THR B 39 21.47 3.99 -39.88
C THR B 39 20.90 2.58 -39.83
N GLU B 40 21.76 1.57 -39.97
CA GLU B 40 21.37 0.18 -39.83
C GLU B 40 21.75 -0.29 -38.44
N VAL B 41 20.77 -0.76 -37.68
CA VAL B 41 20.97 -1.31 -36.36
C VAL B 41 20.73 -2.81 -36.45
N LYS B 42 21.68 -3.61 -36.00
CA LYS B 42 21.59 -5.07 -36.08
C LYS B 42 21.25 -5.61 -34.69
N THR B 43 20.03 -6.10 -34.53
CA THR B 43 19.52 -6.51 -33.24
C THR B 43 19.67 -8.02 -33.05
N ASP B 44 19.67 -8.44 -31.78
CA ASP B 44 19.77 -9.84 -31.42
C ASP B 44 19.30 -9.99 -29.98
N ILE B 45 18.38 -10.92 -29.73
CA ILE B 45 17.81 -11.13 -28.41
C ILE B 45 18.23 -12.50 -27.91
N PHE B 46 18.67 -12.56 -26.67
CA PHE B 46 18.90 -13.82 -25.96
C PHE B 46 17.91 -13.89 -24.80
N VAL B 47 16.86 -14.69 -24.96
CA VAL B 47 15.83 -14.80 -23.94
C VAL B 47 16.37 -15.64 -22.79
N THR B 48 16.51 -15.03 -21.63
CA THR B 48 17.08 -15.71 -20.47
C THR B 48 16.04 -16.46 -19.67
N SER B 49 14.79 -16.00 -19.66
CA SER B 49 13.72 -16.73 -18.99
C SER B 49 12.38 -16.18 -19.42
N PHE B 50 11.47 -17.06 -19.84
CA PHE B 50 10.14 -16.66 -20.30
C PHE B 50 9.21 -16.65 -19.09
N GLY B 51 9.04 -15.48 -18.49
CA GLY B 51 8.36 -15.36 -17.23
C GLY B 51 6.93 -15.83 -17.27
N PRO B 52 6.22 -15.66 -16.17
CA PRO B 52 4.84 -16.17 -16.09
C PRO B 52 3.91 -15.42 -17.03
N VAL B 53 2.86 -16.11 -17.46
CA VAL B 53 1.82 -15.55 -18.30
C VAL B 53 0.59 -15.36 -17.43
N SER B 54 0.16 -14.11 -17.26
CA SER B 54 -0.97 -13.76 -16.41
C SER B 54 -2.21 -13.65 -17.29
N ASP B 55 -3.12 -14.61 -17.13
CA ASP B 55 -4.34 -14.62 -17.95
C ASP B 55 -5.26 -13.48 -17.59
N HIS B 56 -5.35 -13.14 -16.31
CA HIS B 56 -6.24 -12.06 -15.87
C HIS B 56 -5.84 -10.74 -16.51
N ASP B 57 -4.53 -10.45 -16.52
CA ASP B 57 -4.03 -9.20 -17.05
C ASP B 57 -3.63 -9.28 -18.51
N MET B 58 -3.74 -10.45 -19.13
CA MET B 58 -3.38 -10.65 -20.53
C MET B 58 -1.97 -10.10 -20.81
N GLU B 59 -0.99 -10.70 -20.14
CA GLU B 59 0.38 -10.22 -20.24
C GLU B 59 1.33 -11.38 -19.97
N TYR B 60 2.58 -11.19 -20.37
CA TYR B 60 3.64 -12.13 -20.04
C TYR B 60 4.91 -11.35 -19.76
N THR B 61 5.81 -11.97 -18.99
CA THR B 61 7.08 -11.35 -18.62
C THR B 61 8.21 -12.11 -19.29
N ILE B 62 9.22 -11.38 -19.75
CA ILE B 62 10.34 -11.97 -20.46
C ILE B 62 11.62 -11.24 -20.06
N ASP B 63 12.63 -11.99 -19.65
CA ASP B 63 13.96 -11.46 -19.37
C ASP B 63 14.85 -11.74 -20.56
N VAL B 64 15.57 -10.71 -21.03
CA VAL B 64 16.34 -10.80 -22.25
C VAL B 64 17.70 -10.15 -22.03
N PHE B 65 18.60 -10.39 -22.98
CA PHE B 65 19.90 -9.68 -23.08
C PHE B 65 19.77 -9.03 -24.46
N PHE B 66 19.45 -7.74 -24.54
CA PHE B 66 19.14 -7.06 -25.79
C PHE B 66 20.42 -6.50 -26.38
N ARG B 67 20.79 -6.98 -27.57
CA ARG B 67 22.04 -6.58 -28.25
C ARG B 67 21.71 -5.75 -29.49
N GLN B 68 22.39 -4.63 -29.69
CA GLN B 68 22.25 -3.81 -30.87
C GLN B 68 23.63 -3.43 -31.37
N SER B 69 23.82 -3.48 -32.69
CA SER B 69 25.09 -3.15 -33.30
C SER B 69 24.83 -2.20 -34.45
N TRP B 70 25.56 -1.09 -34.49
CA TRP B 70 25.48 -0.13 -35.57
C TRP B 70 26.85 0.51 -35.76
N LYS B 71 27.04 1.14 -36.91
CA LYS B 71 28.33 1.70 -37.29
C LYS B 71 28.27 3.22 -37.19
N ASP B 72 29.24 3.79 -36.50
CA ASP B 72 29.34 5.23 -36.31
C ASP B 72 30.76 5.66 -36.66
N GLU B 73 30.90 6.40 -37.76
CA GLU B 73 32.23 6.76 -38.24
C GLU B 73 32.94 7.74 -37.30
N ARG B 74 32.19 8.54 -36.55
CA ARG B 74 32.80 9.55 -35.69
C ARG B 74 33.56 8.94 -34.52
N LEU B 75 33.44 7.62 -34.30
CA LEU B 75 34.11 6.96 -33.19
C LEU B 75 35.33 6.16 -33.63
N LYS B 76 35.82 6.37 -34.85
CA LYS B 76 36.98 5.62 -35.32
C LYS B 76 38.22 6.05 -34.56
N PHE B 77 39.04 5.07 -34.18
CA PHE B 77 40.29 5.31 -33.49
C PHE B 77 41.34 4.35 -34.02
N LYS B 78 42.60 4.78 -33.98
CA LYS B 78 43.74 3.97 -34.38
C LYS B 78 44.68 3.88 -33.19
N GLY B 79 44.59 2.79 -32.44
CA GLY B 79 45.41 2.59 -31.27
C GLY B 79 45.90 1.17 -31.17
N PRO B 80 46.73 0.89 -30.16
CA PRO B 80 47.31 -0.46 -30.05
C PRO B 80 46.26 -1.55 -29.94
N MET B 81 45.17 -1.30 -29.20
CA MET B 81 44.13 -2.28 -29.02
C MET B 81 43.14 -2.24 -30.18
N THR B 82 42.38 -3.32 -30.31
CA THR B 82 41.41 -3.44 -31.40
C THR B 82 40.01 -3.06 -30.99
N VAL B 83 39.66 -3.21 -29.71
CA VAL B 83 38.34 -2.87 -29.20
C VAL B 83 38.48 -2.38 -27.77
N LEU B 84 37.74 -1.33 -27.41
CA LEU B 84 37.80 -0.78 -26.07
C LEU B 84 36.40 -0.73 -25.47
N ARG B 85 36.30 -1.09 -24.19
CA ARG B 85 35.03 -1.16 -23.49
C ARG B 85 34.82 0.12 -22.71
N LEU B 86 33.91 0.96 -23.19
CA LEU B 86 33.62 2.23 -22.55
C LEU B 86 32.91 2.01 -21.22
N ASN B 87 32.85 3.07 -20.43
CA ASN B 87 32.09 3.10 -19.20
C ASN B 87 30.74 3.74 -19.46
N ASN B 88 29.81 3.51 -18.52
CA ASN B 88 28.43 3.96 -18.73
C ASN B 88 28.35 5.47 -18.83
N LEU B 89 29.30 6.20 -18.23
CA LEU B 89 29.26 7.65 -18.34
C LEU B 89 29.44 8.09 -19.79
N MET B 90 30.35 7.44 -20.52
CA MET B 90 30.48 7.74 -21.94
C MET B 90 29.37 7.08 -22.75
N ALA B 91 28.88 5.91 -22.32
CA ALA B 91 27.73 5.32 -22.98
C ALA B 91 26.56 6.30 -22.99
N SER B 92 26.47 7.16 -21.98
CA SER B 92 25.46 8.20 -21.96
C SER B 92 25.87 9.45 -22.72
N LYS B 93 27.11 9.53 -23.19
CA LYS B 93 27.60 10.69 -23.90
C LYS B 93 27.51 10.56 -25.41
N ILE B 94 27.27 9.37 -25.93
CA ILE B 94 27.20 9.14 -27.37
C ILE B 94 25.76 8.84 -27.77
N TRP B 95 25.51 8.84 -29.08
CA TRP B 95 24.20 8.53 -29.60
C TRP B 95 23.94 7.04 -29.58
N THR B 96 22.73 6.65 -29.21
CA THR B 96 22.31 5.26 -29.23
C THR B 96 20.88 5.20 -29.76
N PRO B 97 20.50 4.09 -30.39
CA PRO B 97 19.13 3.99 -30.92
C PRO B 97 18.11 4.07 -29.80
N ASP B 98 16.97 4.70 -30.11
CA ASP B 98 15.89 4.85 -29.13
C ASP B 98 14.89 3.72 -29.28
N THR B 99 15.39 2.50 -29.17
CA THR B 99 14.54 1.34 -29.30
C THR B 99 13.53 1.29 -28.16
N PHE B 100 12.32 0.82 -28.48
CA PHE B 100 11.28 0.66 -27.48
C PHE B 100 10.39 -0.48 -27.92
N PHE B 101 9.65 -1.05 -26.97
CA PHE B 101 8.80 -2.20 -27.24
C PHE B 101 7.36 -1.72 -27.43
N HIS B 102 6.81 -1.98 -28.61
CA HIS B 102 5.53 -1.38 -28.97
C HIS B 102 4.42 -1.85 -28.06
N ASN B 103 4.40 -3.13 -27.73
CA ASN B 103 3.34 -3.70 -26.90
C ASN B 103 3.75 -3.80 -25.43
N GLY B 104 4.89 -3.23 -25.07
CA GLY B 104 5.30 -3.28 -23.68
C GLY B 104 4.32 -2.54 -22.78
N LYS B 105 4.19 -3.04 -21.55
CA LYS B 105 3.37 -2.43 -20.52
C LYS B 105 4.21 -1.73 -19.47
N LYS B 106 5.20 -2.41 -18.93
CA LYS B 106 6.13 -1.78 -18.00
C LYS B 106 7.39 -2.64 -17.98
N SER B 107 8.48 -2.12 -18.52
CA SER B 107 9.74 -2.84 -18.53
C SER B 107 10.75 -2.13 -17.63
N VAL B 108 11.83 -2.82 -17.33
CA VAL B 108 12.84 -2.33 -16.39
C VAL B 108 14.22 -2.66 -16.92
N ALA B 109 15.13 -1.70 -16.82
CA ALA B 109 16.53 -1.90 -17.15
C ALA B 109 17.29 -2.10 -15.85
N HIS B 110 17.73 -3.33 -15.62
CA HIS B 110 18.36 -3.67 -14.34
C HIS B 110 19.65 -2.90 -14.16
N ASN B 111 19.87 -2.41 -12.94
CA ASN B 111 21.10 -1.69 -12.62
C ASN B 111 21.60 -2.04 -11.24
N MET B 112 21.58 -3.32 -10.88
CA MET B 112 22.15 -3.80 -9.63
C MET B 112 23.28 -4.76 -9.98
N THR B 113 24.50 -4.53 -9.48
CA THR B 113 24.85 -3.44 -8.58
C THR B 113 25.17 -2.15 -9.33
N MET B 114 25.53 -2.29 -10.59
CA MET B 114 25.76 -1.18 -11.51
C MET B 114 24.94 -1.41 -12.76
N PRO B 115 24.67 -0.36 -13.54
CA PRO B 115 23.85 -0.52 -14.75
C PRO B 115 24.28 -1.71 -15.59
N ASN B 116 23.38 -2.68 -15.76
CA ASN B 116 23.70 -3.86 -16.55
C ASN B 116 23.68 -3.48 -18.02
N LYS B 117 24.66 -2.69 -18.44
CA LYS B 117 24.81 -2.28 -19.82
C LYS B 117 26.27 -2.42 -20.18
N LEU B 118 26.56 -2.29 -21.48
CA LEU B 118 27.92 -2.43 -21.95
C LEU B 118 27.99 -1.80 -23.33
N LEU B 119 29.05 -1.01 -23.55
CA LEU B 119 29.27 -0.39 -24.85
C LEU B 119 30.69 -0.68 -25.29
N ARG B 120 30.84 -1.29 -26.46
CA ARG B 120 32.17 -1.69 -26.98
C ARG B 120 32.36 -1.10 -28.38
N ILE B 121 33.46 -0.38 -28.62
CA ILE B 121 33.77 0.26 -29.89
C ILE B 121 34.97 -0.45 -30.51
N THR B 122 34.82 -0.86 -31.75
CA THR B 122 35.92 -1.43 -32.52
C THR B 122 36.53 -0.35 -33.40
N GLU B 123 37.75 -0.60 -33.87
CA GLU B 123 38.49 0.41 -34.60
C GLU B 123 37.70 0.97 -35.77
N ASP B 124 36.89 0.13 -36.41
CA ASP B 124 36.08 0.55 -37.55
C ASP B 124 35.05 1.61 -37.18
N GLY B 125 34.76 1.78 -35.90
CA GLY B 125 33.66 2.61 -35.48
C GLY B 125 32.36 1.86 -35.27
N THR B 126 32.39 0.54 -35.20
CA THR B 126 31.20 -0.27 -34.96
C THR B 126 30.98 -0.42 -33.47
N LEU B 127 29.76 -0.19 -33.02
CA LEU B 127 29.41 -0.24 -31.61
C LEU B 127 28.56 -1.47 -31.34
N LEU B 128 28.76 -2.08 -30.18
CA LEU B 128 27.97 -3.21 -29.72
C LEU B 128 27.42 -2.83 -28.35
N TYR B 129 26.10 -2.68 -28.26
CA TYR B 129 25.44 -2.15 -27.07
C TYR B 129 24.49 -3.22 -26.56
N THR B 130 24.90 -3.89 -25.48
CA THR B 130 24.08 -4.96 -24.87
C THR B 130 23.46 -4.47 -23.58
N MET B 131 22.16 -4.64 -23.41
CA MET B 131 21.46 -4.31 -22.17
C MET B 131 20.80 -5.57 -21.64
N ARG B 132 20.60 -5.61 -20.33
CA ARG B 132 19.83 -6.66 -19.69
C ARG B 132 18.57 -6.01 -19.12
N LEU B 133 17.42 -6.49 -19.55
CA LEU B 133 16.17 -5.82 -19.21
C LEU B 133 15.03 -6.81 -19.18
N THR B 134 14.02 -6.51 -18.37
CA THR B 134 12.85 -7.35 -18.19
C THR B 134 11.65 -6.61 -18.76
N VAL B 135 10.96 -7.25 -19.69
CA VAL B 135 9.83 -6.66 -20.40
C VAL B 135 8.56 -7.35 -19.95
N ARG B 136 7.55 -6.57 -19.62
CA ARG B 136 6.20 -7.07 -19.34
C ARG B 136 5.34 -6.63 -20.51
N ALA B 137 5.07 -7.55 -21.42
CA ALA B 137 4.39 -7.24 -22.66
C ALA B 137 2.96 -7.75 -22.62
N GLU B 138 2.09 -7.07 -23.36
CA GLU B 138 0.68 -7.43 -23.38
C GLU B 138 0.43 -8.48 -24.45
N CYS B 139 -0.20 -9.58 -24.06
CA CYS B 139 -0.52 -10.69 -24.95
C CYS B 139 -2.02 -10.84 -25.06
N PRO B 140 -2.65 -10.40 -26.15
CA PRO B 140 -4.10 -10.56 -26.27
C PRO B 140 -4.49 -12.03 -26.23
N MET B 141 -5.60 -12.32 -25.54
CA MET B 141 -6.06 -13.67 -25.30
C MET B 141 -7.43 -13.86 -25.92
N HIS B 142 -7.64 -14.98 -26.60
CA HIS B 142 -8.93 -15.39 -27.13
C HIS B 142 -9.30 -16.71 -26.45
N LEU B 143 -9.96 -16.62 -25.30
CA LEU B 143 -10.24 -17.79 -24.48
C LEU B 143 -11.60 -18.40 -24.82
N GLU B 144 -11.76 -18.72 -26.11
CA GLU B 144 -12.94 -19.49 -26.52
C GLU B 144 -12.80 -20.95 -26.15
N ASP B 145 -11.58 -21.48 -26.24
CA ASP B 145 -11.31 -22.89 -26.03
C ASP B 145 -10.72 -23.18 -24.65
N PHE B 146 -10.81 -22.23 -23.73
CA PHE B 146 -10.28 -22.45 -22.39
C PHE B 146 -10.90 -23.72 -21.81
N PRO B 147 -10.10 -24.66 -21.29
CA PRO B 147 -8.64 -24.69 -21.14
C PRO B 147 -7.90 -25.35 -22.30
N MET B 148 -8.54 -25.49 -23.46
CA MET B 148 -7.89 -26.09 -24.63
C MET B 148 -7.31 -25.05 -25.58
N ASP B 149 -7.00 -23.86 -25.08
CA ASP B 149 -6.60 -22.76 -25.94
C ASP B 149 -5.09 -22.70 -26.12
N ALA B 150 -4.67 -22.21 -27.27
CA ALA B 150 -3.27 -21.92 -27.56
C ALA B 150 -3.16 -20.47 -28.03
N HIS B 151 -2.02 -19.86 -27.73
CA HIS B 151 -1.83 -18.44 -28.01
C HIS B 151 -0.46 -18.22 -28.63
N ALA B 152 -0.34 -17.09 -29.34
CA ALA B 152 0.93 -16.63 -29.91
C ALA B 152 1.22 -15.25 -29.35
N CYS B 153 2.05 -15.18 -28.32
CA CYS B 153 2.34 -13.92 -27.65
C CYS B 153 3.41 -13.16 -28.42
N PRO B 154 3.17 -11.93 -28.86
CA PRO B 154 4.14 -11.21 -29.68
C PRO B 154 5.12 -10.40 -28.85
N LEU B 155 6.17 -9.94 -29.52
CA LEU B 155 7.13 -9.01 -28.92
C LEU B 155 7.65 -8.12 -30.03
N LYS B 156 7.05 -6.95 -30.19
CA LYS B 156 7.41 -6.02 -31.24
C LYS B 156 8.21 -4.87 -30.66
N PHE B 157 9.27 -4.47 -31.37
CA PHE B 157 10.07 -3.34 -30.95
C PHE B 157 10.57 -2.59 -32.17
N GLY B 158 11.11 -1.40 -31.94
CA GLY B 158 11.53 -0.55 -33.03
C GLY B 158 11.91 0.82 -32.49
N SER B 159 12.13 1.74 -33.42
CA SER B 159 12.54 3.08 -33.05
C SER B 159 11.34 3.95 -32.71
N TYR B 160 11.48 4.79 -31.70
CA TYR B 160 10.37 5.62 -31.27
C TYR B 160 10.26 6.90 -32.09
N ALA B 161 11.40 7.48 -32.47
CA ALA B 161 11.43 8.77 -33.13
C ALA B 161 11.83 8.71 -34.59
N TYR B 162 12.69 7.77 -34.98
CA TYR B 162 13.29 7.76 -36.30
C TYR B 162 12.50 6.88 -37.25
N THR B 163 12.07 7.46 -38.38
CA THR B 163 11.18 6.78 -39.30
C THR B 163 11.95 5.79 -40.17
N ARG B 164 11.22 5.09 -41.02
CA ARG B 164 11.81 4.06 -41.88
C ARG B 164 12.92 4.61 -42.75
N ALA B 165 12.88 5.91 -43.05
CA ALA B 165 13.86 6.54 -43.92
C ALA B 165 15.11 6.98 -43.16
N GLU B 166 15.16 6.78 -41.85
CA GLU B 166 16.28 7.21 -41.04
C GLU B 166 16.95 6.09 -40.27
N VAL B 167 16.18 5.20 -39.66
CA VAL B 167 16.72 4.07 -38.91
C VAL B 167 15.97 2.81 -39.34
N VAL B 168 16.71 1.76 -39.67
CA VAL B 168 16.14 0.48 -40.01
C VAL B 168 16.82 -0.58 -39.15
N TYR B 169 16.03 -1.46 -38.57
CA TYR B 169 16.53 -2.57 -37.78
C TYR B 169 16.60 -3.83 -38.64
N GLU B 170 17.44 -4.76 -38.22
CA GLU B 170 17.55 -6.02 -38.92
C GLU B 170 18.28 -7.01 -38.02
N TRP B 171 17.95 -8.28 -38.18
CA TRP B 171 18.51 -9.29 -37.31
C TRP B 171 19.97 -9.55 -37.65
N THR B 172 20.80 -9.76 -36.63
CA THR B 172 22.23 -9.90 -36.85
C THR B 172 22.57 -11.18 -37.60
N ARG B 173 21.70 -12.17 -37.56
CA ARG B 173 21.93 -13.43 -38.28
C ARG B 173 20.66 -13.79 -39.05
N GLU B 174 20.59 -15.00 -39.56
CA GLU B 174 19.36 -15.45 -40.20
C GLU B 174 18.26 -15.31 -39.17
N PRO B 175 17.17 -14.59 -39.48
CA PRO B 175 16.20 -14.23 -38.43
C PRO B 175 15.86 -15.36 -37.48
N ALA B 176 15.65 -16.55 -38.00
CA ALA B 176 15.23 -17.66 -37.15
C ALA B 176 16.18 -17.89 -35.99
N ARG B 177 17.47 -17.59 -36.19
CA ARG B 177 18.51 -17.86 -35.21
C ARG B 177 19.04 -16.59 -34.56
N SER B 178 18.22 -15.54 -34.50
CA SER B 178 18.57 -14.31 -33.83
C SER B 178 17.88 -14.13 -32.48
N VAL B 179 16.73 -14.76 -32.27
CA VAL B 179 16.07 -14.81 -30.98
C VAL B 179 16.29 -16.20 -30.42
N VAL B 180 17.09 -16.31 -29.37
CA VAL B 180 17.48 -17.59 -28.79
C VAL B 180 16.97 -17.65 -27.36
N VAL B 181 16.31 -18.75 -27.02
CA VAL B 181 15.80 -19.00 -25.67
C VAL B 181 16.69 -20.03 -25.01
N ALA B 182 17.09 -19.78 -23.77
CA ALA B 182 17.96 -20.69 -23.07
C ALA B 182 17.26 -22.03 -22.83
N GLU B 183 18.06 -23.07 -22.60
CA GLU B 183 17.50 -24.41 -22.44
C GLU B 183 16.56 -24.47 -21.24
N ASP B 184 16.96 -23.88 -20.12
CA ASP B 184 16.13 -23.83 -18.92
C ASP B 184 15.44 -22.48 -18.74
N GLY B 185 15.40 -21.67 -19.80
CA GLY B 185 14.74 -20.39 -19.72
C GLY B 185 13.26 -20.51 -19.98
N SER B 186 12.54 -21.11 -19.03
CA SER B 186 11.09 -21.27 -19.16
C SER B 186 10.52 -21.30 -17.75
N ARG B 187 9.73 -20.30 -17.42
CA ARG B 187 9.17 -20.13 -16.08
C ARG B 187 7.66 -20.33 -16.07
N LEU B 188 7.15 -21.19 -16.95
CA LEU B 188 5.73 -21.30 -17.21
C LEU B 188 5.12 -22.45 -16.42
N ASN B 189 4.04 -22.16 -15.71
CA ASN B 189 3.26 -23.19 -15.03
C ASN B 189 2.10 -23.68 -15.89
N GLN B 190 1.22 -22.77 -16.29
CA GLN B 190 0.05 -23.16 -17.09
C GLN B 190 0.46 -23.71 -18.44
N TYR B 191 1.44 -23.10 -19.08
CA TYR B 191 1.66 -23.26 -20.51
C TYR B 191 2.91 -24.10 -20.78
N ASP B 192 3.10 -24.40 -22.05
CA ASP B 192 4.33 -24.96 -22.57
C ASP B 192 4.76 -24.12 -23.76
N LEU B 193 6.05 -23.77 -23.82
CA LEU B 193 6.58 -22.97 -24.90
C LEU B 193 6.97 -23.88 -26.06
N LEU B 194 6.31 -23.70 -27.21
CA LEU B 194 6.53 -24.58 -28.36
C LEU B 194 7.63 -24.06 -29.27
N GLY B 195 7.63 -22.77 -29.56
CA GLY B 195 8.66 -22.19 -30.41
C GLY B 195 8.31 -20.76 -30.76
N GLN B 196 9.30 -20.08 -31.32
CA GLN B 196 9.16 -18.67 -31.68
C GLN B 196 9.22 -18.50 -33.19
N THR B 197 8.79 -17.32 -33.64
CA THR B 197 8.71 -17.02 -35.06
C THR B 197 9.07 -15.54 -35.25
N VAL B 198 10.33 -15.29 -35.56
CA VAL B 198 10.77 -13.90 -35.73
C VAL B 198 10.39 -13.41 -37.11
N ASP B 199 10.19 -12.10 -37.22
CA ASP B 199 9.81 -11.48 -38.47
C ASP B 199 10.15 -10.00 -38.40
N SER B 200 10.12 -9.35 -39.55
CA SER B 200 10.33 -7.92 -39.63
C SER B 200 9.26 -7.34 -40.56
N GLY B 201 8.85 -6.12 -40.27
CA GLY B 201 7.77 -5.51 -41.02
C GLY B 201 7.79 -4.00 -41.01
N ILE B 202 6.65 -3.39 -41.32
CA ILE B 202 6.50 -1.94 -41.30
C ILE B 202 5.20 -1.62 -40.58
N VAL B 203 5.14 -0.45 -39.97
CA VAL B 203 3.95 0.02 -39.28
C VAL B 203 3.77 1.49 -39.62
N GLN B 204 2.55 1.88 -39.95
CA GLN B 204 2.23 3.25 -40.31
C GLN B 204 1.58 3.91 -39.11
N SER B 205 2.28 4.84 -38.48
CA SER B 205 1.76 5.61 -37.36
C SER B 205 1.31 6.97 -37.86
N SER B 206 0.83 7.80 -36.94
CA SER B 206 0.45 9.16 -37.30
C SER B 206 1.66 10.07 -37.51
N THR B 207 2.87 9.56 -37.27
CA THR B 207 4.09 10.35 -37.43
C THR B 207 5.00 9.86 -38.55
N GLY B 208 4.70 8.74 -39.17
CA GLY B 208 5.46 8.27 -40.31
C GLY B 208 5.47 6.76 -40.37
N GLU B 209 6.34 6.25 -41.24
CA GLU B 209 6.53 4.83 -41.45
C GLU B 209 7.74 4.36 -40.64
N TYR B 210 7.58 3.29 -39.88
CA TYR B 210 8.62 2.79 -39.01
C TYR B 210 8.87 1.32 -39.30
N VAL B 211 10.08 0.87 -38.99
CA VAL B 211 10.43 -0.54 -39.04
C VAL B 211 10.08 -1.16 -37.70
N VAL B 212 9.38 -2.29 -37.74
CA VAL B 212 8.97 -3.01 -36.54
C VAL B 212 9.53 -4.42 -36.62
N MET B 213 10.25 -4.82 -35.58
CA MET B 213 10.81 -6.16 -35.49
C MET B 213 9.94 -6.98 -34.55
N THR B 214 9.41 -8.08 -35.05
CA THR B 214 8.42 -8.86 -34.31
C THR B 214 8.97 -10.21 -33.93
N THR B 215 8.32 -10.84 -32.97
CA THR B 215 8.66 -12.18 -32.51
C THR B 215 7.46 -12.73 -31.77
N HIS B 216 6.95 -13.86 -32.22
CA HIS B 216 5.79 -14.50 -31.60
C HIS B 216 6.25 -15.76 -30.88
N PHE B 217 5.92 -15.85 -29.60
CA PHE B 217 6.17 -17.05 -28.81
C PHE B 217 4.87 -17.83 -28.76
N HIS B 218 4.91 -19.09 -29.17
CA HIS B 218 3.72 -19.93 -29.24
C HIS B 218 3.57 -20.72 -27.95
N LEU B 219 2.36 -20.73 -27.40
CA LEU B 219 2.08 -21.33 -26.11
C LEU B 219 0.87 -22.23 -26.21
N LYS B 220 0.88 -23.30 -25.42
CA LYS B 220 -0.23 -24.24 -25.35
C LYS B 220 -0.52 -24.53 -23.89
N ARG B 221 -1.78 -24.45 -23.51
CA ARG B 221 -2.17 -24.56 -22.11
C ARG B 221 -2.26 -26.01 -21.66
N LYS B 222 -1.70 -26.29 -20.50
CA LYS B 222 -1.82 -27.61 -19.89
C LYS B 222 -3.25 -27.82 -19.40
N ILE B 223 -3.76 -29.04 -19.59
CA ILE B 223 -5.16 -29.34 -19.37
C ILE B 223 -5.39 -30.27 -18.19
N GLY B 224 -4.39 -31.02 -17.75
CA GLY B 224 -4.63 -32.05 -16.75
C GLY B 224 -5.17 -31.50 -15.45
N TYR B 225 -4.68 -30.32 -15.04
CA TYR B 225 -5.16 -29.73 -13.79
C TYR B 225 -6.65 -29.47 -13.87
N PHE B 226 -7.10 -28.85 -14.96
CA PHE B 226 -8.52 -28.56 -15.11
C PHE B 226 -9.32 -29.85 -15.19
N VAL B 227 -8.81 -30.85 -15.89
CA VAL B 227 -9.48 -32.14 -15.93
C VAL B 227 -9.73 -32.59 -14.50
N ILE B 228 -8.64 -32.87 -13.78
CA ILE B 228 -8.72 -33.48 -12.47
C ILE B 228 -9.47 -32.61 -11.47
N GLN B 229 -9.56 -31.31 -11.72
CA GLN B 229 -10.10 -30.41 -10.70
C GLN B 229 -11.55 -30.03 -10.93
N THR B 230 -12.02 -29.99 -12.16
CA THR B 230 -13.40 -29.64 -12.41
C THR B 230 -14.14 -30.62 -13.30
N TYR B 231 -13.47 -31.21 -14.30
CA TYR B 231 -14.21 -32.07 -15.22
C TYR B 231 -14.61 -33.38 -14.53
N LEU B 232 -13.68 -34.01 -13.83
CA LEU B 232 -14.01 -35.24 -13.11
C LEU B 232 -15.09 -35.02 -12.06
N PRO B 233 -15.00 -34.03 -11.17
CA PRO B 233 -16.11 -33.81 -10.23
C PRO B 233 -17.45 -33.62 -10.90
N CYS B 234 -17.50 -32.87 -12.01
CA CYS B 234 -18.77 -32.65 -12.69
C CYS B 234 -19.33 -33.95 -13.26
N ILE B 235 -18.49 -34.74 -13.92
CA ILE B 235 -18.95 -36.00 -14.48
C ILE B 235 -19.44 -36.92 -13.38
N MET B 236 -18.69 -37.00 -12.28
CA MET B 236 -19.09 -37.87 -11.17
C MET B 236 -20.41 -37.40 -10.56
N THR B 237 -20.59 -36.09 -10.42
CA THR B 237 -21.86 -35.58 -9.89
C THR B 237 -23.01 -35.93 -10.82
N VAL B 238 -22.77 -35.89 -12.13
CA VAL B 238 -23.80 -36.35 -13.07
C VAL B 238 -24.11 -37.83 -12.83
N ILE B 239 -23.06 -38.64 -12.61
CA ILE B 239 -23.30 -40.06 -12.35
C ILE B 239 -24.12 -40.26 -11.10
N LEU B 240 -23.92 -39.43 -10.08
CA LEU B 240 -24.82 -39.48 -8.92
C LEU B 240 -26.25 -39.15 -9.32
N SER B 241 -26.43 -38.10 -10.12
CA SER B 241 -27.78 -37.79 -10.58
C SER B 241 -28.39 -38.98 -11.30
N GLN B 242 -27.54 -39.84 -11.88
CA GLN B 242 -28.04 -41.01 -12.60
C GLN B 242 -28.42 -42.12 -11.63
N VAL B 243 -27.55 -42.40 -10.65
CA VAL B 243 -27.88 -43.44 -9.69
C VAL B 243 -29.10 -43.05 -8.88
N SER B 244 -29.48 -41.77 -8.94
CA SER B 244 -30.80 -41.40 -8.41
C SER B 244 -31.88 -42.24 -9.07
N PHE B 245 -31.89 -42.28 -10.41
CA PHE B 245 -32.81 -43.15 -11.13
C PHE B 245 -32.58 -44.60 -10.74
N TRP B 246 -31.31 -44.96 -10.57
CA TRP B 246 -30.98 -46.34 -10.19
C TRP B 246 -31.36 -46.62 -8.74
N LEU B 247 -32.62 -46.39 -8.38
CA LEU B 247 -33.00 -46.44 -6.97
C LEU B 247 -34.51 -46.66 -6.88
N ASN B 248 -34.95 -47.05 -5.70
CA ASN B 248 -36.35 -47.45 -5.50
C ASN B 248 -37.28 -46.25 -5.55
N ARG B 249 -38.44 -46.44 -6.20
CA ARG B 249 -39.41 -45.35 -6.33
C ARG B 249 -40.11 -45.01 -5.03
N GLU B 250 -40.19 -45.98 -4.09
CA GLU B 250 -40.90 -45.73 -2.84
C GLU B 250 -40.15 -44.74 -1.95
N SER B 251 -38.82 -44.77 -1.97
CA SER B 251 -38.01 -43.99 -1.04
C SER B 251 -38.04 -42.52 -1.45
N VAL B 252 -39.22 -41.91 -1.24
CA VAL B 252 -39.42 -40.53 -1.67
C VAL B 252 -38.49 -39.56 -0.95
N PRO B 253 -38.41 -39.54 0.38
CA PRO B 253 -37.48 -38.61 1.02
C PRO B 253 -36.04 -38.83 0.60
N ALA B 254 -35.65 -40.10 0.44
CA ALA B 254 -34.28 -40.41 0.03
C ALA B 254 -33.98 -39.83 -1.33
N ARG B 255 -34.85 -40.08 -2.31
CA ARG B 255 -34.60 -39.57 -3.65
C ARG B 255 -34.64 -38.04 -3.68
N THR B 256 -35.53 -37.44 -2.89
CA THR B 256 -35.62 -35.98 -2.86
C THR B 256 -34.34 -35.37 -2.32
N VAL B 257 -33.88 -35.82 -1.15
CA VAL B 257 -32.65 -35.28 -0.58
C VAL B 257 -31.48 -35.58 -1.50
N PHE B 258 -31.48 -36.76 -2.13
CA PHE B 258 -30.40 -37.13 -3.04
C PHE B 258 -30.29 -36.13 -4.18
N GLY B 259 -31.40 -35.89 -4.87
CA GLY B 259 -31.37 -34.96 -5.99
C GLY B 259 -31.02 -33.54 -5.57
N VAL B 260 -31.61 -33.06 -4.47
CA VAL B 260 -31.38 -31.67 -4.11
C VAL B 260 -29.94 -31.45 -3.67
N THR B 261 -29.38 -32.40 -2.92
CA THR B 261 -27.98 -32.27 -2.53
C THR B 261 -27.06 -32.43 -3.72
N THR B 262 -27.43 -33.24 -4.72
CA THR B 262 -26.65 -33.27 -5.95
C THR B 262 -26.64 -31.89 -6.62
N VAL B 263 -27.80 -31.23 -6.63
CA VAL B 263 -27.86 -29.88 -7.21
C VAL B 263 -26.97 -28.92 -6.44
N LEU B 264 -27.02 -28.98 -5.10
CA LEU B 264 -26.20 -28.09 -4.30
C LEU B 264 -24.71 -28.36 -4.53
N THR B 265 -24.34 -29.64 -4.66
CA THR B 265 -22.96 -29.99 -4.96
C THR B 265 -22.52 -29.43 -6.30
N MET B 266 -23.38 -29.54 -7.32
CA MET B 266 -23.02 -29.02 -8.63
C MET B 266 -22.90 -27.51 -8.61
N THR B 267 -23.75 -26.83 -7.83
CA THR B 267 -23.61 -25.38 -7.67
C THR B 267 -22.26 -25.05 -7.04
N THR B 268 -21.88 -25.78 -6.00
CA THR B 268 -20.58 -25.56 -5.38
C THR B 268 -19.45 -25.76 -6.39
N LEU B 269 -19.53 -26.84 -7.17
CA LEU B 269 -18.48 -27.13 -8.14
C LEU B 269 -18.36 -26.03 -9.18
N SER B 270 -19.49 -25.58 -9.74
CA SER B 270 -19.43 -24.53 -10.76
C SER B 270 -18.92 -23.23 -10.18
N ILE B 271 -19.39 -22.85 -9.00
CA ILE B 271 -18.94 -21.61 -8.38
C ILE B 271 -17.44 -21.66 -8.16
N SER B 272 -16.93 -22.78 -7.66
CA SER B 272 -15.49 -22.92 -7.49
C SER B 272 -14.77 -22.85 -8.82
N ALA B 273 -15.31 -23.51 -9.85
CA ALA B 273 -14.62 -23.57 -11.13
C ALA B 273 -14.44 -22.18 -11.71
N ARG B 274 -15.49 -21.35 -11.68
CA ARG B 274 -15.39 -20.05 -12.33
C ARG B 274 -14.32 -19.18 -11.72
N ASN B 275 -14.14 -19.25 -10.40
CA ASN B 275 -13.21 -18.35 -9.73
C ASN B 275 -11.85 -18.36 -10.41
N SER B 276 -11.36 -19.54 -10.79
CA SER B 276 -10.05 -19.63 -11.40
C SER B 276 -9.99 -18.87 -12.72
N LEU B 277 -11.07 -18.92 -13.50
CA LEU B 277 -11.04 -18.39 -14.85
C LEU B 277 -10.83 -16.88 -14.84
N PRO B 278 -10.29 -16.32 -15.91
CA PRO B 278 -10.27 -14.87 -16.06
C PRO B 278 -11.69 -14.34 -16.30
N LYS B 279 -11.84 -13.03 -16.12
CA LYS B 279 -13.14 -12.37 -16.18
C LYS B 279 -13.58 -12.11 -17.62
N VAL B 280 -13.55 -13.15 -18.45
CA VAL B 280 -14.00 -13.00 -19.83
C VAL B 280 -15.49 -12.65 -19.85
N ALA B 281 -15.95 -12.17 -21.01
CA ALA B 281 -17.32 -11.69 -21.15
C ALA B 281 -18.26 -12.71 -21.77
N TYR B 282 -17.74 -13.72 -22.45
CA TYR B 282 -18.54 -14.71 -23.16
C TYR B 282 -18.29 -16.09 -22.55
N ALA B 283 -18.81 -17.12 -23.19
CA ALA B 283 -18.82 -18.47 -22.65
C ALA B 283 -17.66 -19.27 -23.22
N THR B 284 -16.87 -19.85 -22.32
CA THR B 284 -15.76 -20.72 -22.69
C THR B 284 -16.23 -22.17 -22.79
N ALA B 285 -15.34 -23.03 -23.28
CA ALA B 285 -15.68 -24.44 -23.39
C ALA B 285 -16.08 -25.00 -22.03
N MET B 286 -15.37 -24.62 -20.98
CA MET B 286 -15.70 -25.12 -19.65
C MET B 286 -17.03 -24.56 -19.17
N ASP B 287 -17.37 -23.34 -19.56
CA ASP B 287 -18.70 -22.81 -19.26
C ASP B 287 -19.78 -23.63 -19.94
N TRP B 288 -19.58 -24.00 -21.21
CA TRP B 288 -20.51 -24.88 -21.89
C TRP B 288 -20.67 -26.18 -21.11
N PHE B 289 -19.54 -26.80 -20.74
CA PHE B 289 -19.59 -28.10 -20.10
C PHE B 289 -20.32 -28.03 -18.76
N ILE B 290 -19.99 -27.03 -17.94
CA ILE B 290 -20.61 -26.93 -16.63
C ILE B 290 -22.09 -26.63 -16.77
N ALA B 291 -22.46 -25.80 -17.74
CA ALA B 291 -23.87 -25.49 -17.95
C ALA B 291 -24.65 -26.74 -18.33
N VAL B 292 -24.10 -27.54 -19.25
CA VAL B 292 -24.80 -28.75 -19.67
C VAL B 292 -24.90 -29.76 -18.53
N CYS B 293 -23.85 -29.86 -17.72
CA CYS B 293 -23.92 -30.78 -16.57
C CYS B 293 -24.97 -30.32 -15.57
N TYR B 294 -25.01 -29.03 -15.30
CA TYR B 294 -25.97 -28.52 -14.33
C TYR B 294 -27.37 -28.73 -14.86
N ALA B 295 -27.54 -28.63 -16.19
CA ALA B 295 -28.80 -28.94 -16.83
C ALA B 295 -29.18 -30.40 -16.65
N PHE B 296 -28.21 -31.32 -16.82
CA PHE B 296 -28.51 -32.74 -16.62
C PHE B 296 -28.98 -33.00 -15.20
N VAL B 297 -28.32 -32.39 -14.21
CA VAL B 297 -28.71 -32.63 -12.82
C VAL B 297 -30.12 -32.11 -12.56
N PHE B 298 -30.41 -30.89 -13.03
CA PHE B 298 -31.74 -30.32 -12.86
C PHE B 298 -32.79 -31.18 -13.55
N SER B 299 -32.47 -31.68 -14.74
CA SER B 299 -33.40 -32.52 -15.47
C SER B 299 -33.67 -33.82 -14.73
N ALA B 300 -32.64 -34.40 -14.13
CA ALA B 300 -32.82 -35.63 -13.37
C ALA B 300 -33.75 -35.41 -12.19
N LEU B 301 -33.56 -34.28 -11.48
CA LEU B 301 -34.45 -34.00 -10.37
C LEU B 301 -35.89 -33.81 -10.85
N ILE B 302 -36.07 -33.12 -11.98
CA ILE B 302 -37.44 -32.94 -12.51
C ILE B 302 -38.03 -34.28 -12.93
N GLU B 303 -37.22 -35.17 -13.48
CA GLU B 303 -37.69 -36.49 -13.84
C GLU B 303 -38.20 -37.24 -12.62
N PHE B 304 -37.44 -37.18 -11.52
CA PHE B 304 -37.92 -37.81 -10.29
C PHE B 304 -39.21 -37.17 -9.82
N ALA B 305 -39.33 -35.85 -9.97
CA ALA B 305 -40.57 -35.19 -9.58
C ALA B 305 -41.75 -35.74 -10.37
N THR B 306 -41.57 -35.93 -11.68
CA THR B 306 -42.64 -36.50 -12.49
C THR B 306 -42.96 -37.93 -12.06
N VAL B 307 -41.94 -38.74 -11.80
CA VAL B 307 -42.19 -40.12 -11.38
C VAL B 307 -42.97 -40.15 -10.08
N ASN B 308 -42.59 -39.31 -9.13
CA ASN B 308 -43.31 -39.24 -7.86
C ASN B 308 -44.75 -38.79 -8.08
N TYR B 309 -44.95 -37.81 -8.98
CA TYR B 309 -46.30 -37.35 -9.25
C TYR B 309 -47.17 -38.47 -9.79
N PHE B 310 -46.63 -39.25 -10.73
CA PHE B 310 -47.43 -40.27 -11.41
C PHE B 310 -47.50 -41.59 -10.64
N THR B 311 -46.70 -41.77 -9.59
CA THR B 311 -46.80 -43.00 -8.81
C THR B 311 -48.12 -43.02 -8.05
N LYS B 312 -48.55 -44.22 -7.67
CA LYS B 312 -49.77 -44.43 -6.90
C LYS B 312 -51.03 -44.18 -7.72
N SER B 313 -50.86 -43.73 -8.96
CA SER B 313 -51.98 -43.50 -9.87
C SER B 313 -51.78 -44.16 -11.22
N GLN B 314 -50.57 -44.14 -11.75
CA GLN B 314 -50.21 -44.96 -12.92
C GLN B 314 -48.86 -45.61 -12.66
N PRO B 315 -48.77 -46.49 -11.66
CA PRO B 315 -47.46 -47.07 -11.33
C PRO B 315 -46.77 -47.72 -12.51
N ALA B 316 -47.55 -48.33 -13.42
CA ALA B 316 -46.95 -48.89 -14.63
C ALA B 316 -46.25 -47.81 -15.44
N ARG B 317 -46.91 -46.66 -15.63
CA ARG B 317 -46.29 -45.56 -16.35
C ARG B 317 -45.06 -45.03 -15.60
N ALA B 318 -45.16 -44.94 -14.28
CA ALA B 318 -44.02 -44.49 -13.49
C ALA B 318 -42.81 -45.39 -13.72
N ALA B 319 -43.02 -46.70 -13.64
CA ALA B 319 -41.92 -47.63 -13.88
C ALA B 319 -41.41 -47.50 -15.30
N LYS B 320 -42.31 -47.34 -16.26
CA LYS B 320 -41.89 -47.24 -17.65
C LYS B 320 -40.98 -46.04 -17.87
N ILE B 321 -41.38 -44.87 -17.36
CA ILE B 321 -40.55 -43.69 -17.53
C ILE B 321 -39.26 -43.80 -16.74
N ASP B 322 -39.29 -44.48 -15.58
CA ASP B 322 -38.06 -44.70 -14.84
C ASP B 322 -37.07 -45.49 -15.68
N ARG B 323 -37.52 -46.62 -16.26
CA ARG B 323 -36.62 -47.41 -17.10
C ARG B 323 -36.17 -46.63 -18.33
N LEU B 324 -37.07 -45.85 -18.94
CA LEU B 324 -36.68 -45.04 -20.09
C LEU B 324 -35.58 -44.05 -19.72
N SER B 325 -35.71 -43.38 -18.59
CA SER B 325 -34.66 -42.46 -18.16
C SER B 325 -33.36 -43.21 -17.85
N ARG B 326 -33.47 -44.34 -17.15
CA ARG B 326 -32.31 -45.15 -16.81
C ARG B 326 -31.55 -45.61 -18.04
N ILE B 327 -32.22 -45.71 -19.19
CA ILE B 327 -31.50 -46.02 -20.42
C ILE B 327 -31.10 -44.77 -21.20
N ALA B 328 -31.89 -43.69 -21.12
CA ALA B 328 -31.68 -42.55 -22.00
C ALA B 328 -30.61 -41.59 -21.47
N PHE B 329 -30.71 -41.23 -20.20
CA PHE B 329 -29.77 -40.25 -19.66
C PHE B 329 -28.32 -40.68 -19.79
N PRO B 330 -27.94 -41.91 -19.42
CA PRO B 330 -26.51 -42.26 -19.47
C PRO B 330 -25.91 -42.17 -20.86
N LEU B 331 -26.54 -42.79 -21.86
CA LEU B 331 -25.99 -42.75 -23.20
C LEU B 331 -26.01 -41.32 -23.76
N LEU B 332 -27.03 -40.54 -23.40
CA LEU B 332 -27.09 -39.15 -23.86
C LEU B 332 -25.91 -38.36 -23.33
N PHE B 333 -25.62 -38.50 -22.04
CA PHE B 333 -24.45 -37.83 -21.46
C PHE B 333 -23.16 -38.33 -22.10
N GLY B 334 -23.07 -39.64 -22.31
CA GLY B 334 -21.86 -40.19 -22.91
C GLY B 334 -21.61 -39.64 -24.30
N ILE B 335 -22.65 -39.53 -25.12
CA ILE B 335 -22.46 -39.03 -26.47
C ILE B 335 -22.15 -37.53 -26.45
N PHE B 336 -22.79 -36.78 -25.53
CA PHE B 336 -22.39 -35.39 -25.34
C PHE B 336 -20.90 -35.28 -25.09
N ASN B 337 -20.38 -36.08 -24.15
CA ASN B 337 -18.95 -36.03 -23.85
C ASN B 337 -18.12 -36.43 -25.06
N LEU B 338 -18.55 -37.48 -25.78
CA LEU B 338 -17.79 -37.93 -26.93
C LEU B 338 -17.63 -36.82 -27.94
N VAL B 339 -18.74 -36.19 -28.34
CA VAL B 339 -18.66 -35.12 -29.34
C VAL B 339 -17.87 -33.94 -28.79
N TYR B 340 -18.12 -33.55 -27.54
CA TYR B 340 -17.44 -32.39 -26.96
C TYR B 340 -15.92 -32.57 -27.00
N TRP B 341 -15.44 -33.69 -26.45
CA TRP B 341 -14.00 -33.89 -26.40
C TRP B 341 -13.42 -34.07 -27.80
N ALA B 342 -14.11 -34.79 -28.68
CA ALA B 342 -13.59 -34.97 -30.02
C ALA B 342 -13.43 -33.63 -30.73
N THR B 343 -14.40 -32.73 -30.58
CA THR B 343 -14.31 -31.46 -31.28
C THR B 343 -13.26 -30.55 -30.65
N TYR B 344 -13.13 -30.58 -29.32
CA TYR B 344 -12.27 -29.60 -28.66
C TYR B 344 -10.82 -30.03 -28.53
N LEU B 345 -10.52 -31.33 -28.65
CA LEU B 345 -9.16 -31.82 -28.50
C LEU B 345 -8.47 -32.06 -29.84
N ASN B 346 -9.04 -31.54 -30.93
CA ASN B 346 -8.43 -31.68 -32.25
C ASN B 346 -8.13 -30.35 -32.91
N ARG B 347 -8.35 -29.23 -32.23
CA ARG B 347 -8.10 -27.91 -32.79
C ARG B 347 -6.62 -27.55 -32.62
N SER C 7 31.05 20.05 -43.78
CA SER C 7 30.23 19.06 -44.47
C SER C 7 28.78 19.16 -44.01
N ASN C 8 27.95 18.23 -44.46
CA ASN C 8 26.55 18.24 -44.07
C ASN C 8 26.39 18.07 -42.55
N MET C 9 27.17 17.16 -41.96
CA MET C 9 27.10 16.97 -40.52
C MET C 9 27.56 18.21 -39.78
N SER C 10 28.63 18.85 -40.25
CA SER C 10 29.06 20.10 -39.65
C SER C 10 28.00 21.18 -39.81
N LEU C 11 27.37 21.22 -40.98
CA LEU C 11 26.29 22.20 -41.20
C LEU C 11 25.18 22.02 -40.18
N VAL C 12 24.70 20.78 -40.02
CA VAL C 12 23.61 20.53 -39.08
C VAL C 12 24.03 20.83 -37.65
N LYS C 13 25.26 20.44 -37.28
CA LYS C 13 25.71 20.68 -35.92
C LYS C 13 25.77 22.17 -35.62
N GLU C 14 26.34 22.95 -36.54
CA GLU C 14 26.42 24.40 -36.33
C GLU C 14 25.03 25.00 -36.28
N THR C 15 24.13 24.53 -37.13
CA THR C 15 22.75 25.02 -37.09
C THR C 15 22.13 24.77 -35.72
N VAL C 16 22.23 23.54 -35.22
CA VAL C 16 21.58 23.21 -33.95
C VAL C 16 22.19 24.02 -32.82
N ASP C 17 23.50 24.20 -32.85
CA ASP C 17 24.14 25.03 -31.83
C ASP C 17 23.64 26.45 -31.89
N ARG C 18 23.48 27.00 -33.09
CA ARG C 18 22.95 28.34 -33.25
C ARG C 18 21.55 28.44 -32.67
N LEU C 19 20.68 27.48 -32.99
CA LEU C 19 19.33 27.49 -32.45
C LEU C 19 19.34 27.46 -30.93
N LEU C 20 20.07 26.51 -30.34
CA LEU C 20 20.01 26.34 -28.90
C LEU C 20 20.90 27.30 -28.13
N LYS C 21 21.62 28.18 -28.83
CA LYS C 21 22.37 29.24 -28.19
C LYS C 21 21.55 30.52 -28.22
N GLY C 22 21.27 31.08 -27.05
CA GLY C 22 20.37 32.20 -26.93
C GLY C 22 18.92 31.82 -26.70
N TYR C 23 18.64 30.56 -26.36
CA TYR C 23 17.29 30.08 -26.13
C TYR C 23 17.00 30.12 -24.64
N ASP C 24 16.07 30.98 -24.23
CA ASP C 24 15.63 31.03 -22.85
C ASP C 24 14.45 30.05 -22.71
N ILE C 25 14.66 29.01 -21.90
CA ILE C 25 13.69 27.93 -21.77
C ILE C 25 12.48 28.40 -20.98
N ARG C 26 12.53 29.63 -20.46
CA ARG C 26 11.45 30.15 -19.63
C ARG C 26 10.44 30.99 -20.40
N LEU C 27 10.73 31.34 -21.65
CA LEU C 27 9.87 32.19 -22.46
C LEU C 27 9.17 31.36 -23.51
N ARG C 28 7.84 31.49 -23.57
CA ARG C 28 7.08 30.79 -24.58
C ARG C 28 7.32 31.41 -25.95
N PRO C 29 7.07 30.67 -27.03
CA PRO C 29 7.09 31.29 -28.35
C PRO C 29 6.09 32.43 -28.42
N ASP C 30 6.53 33.56 -28.97
CA ASP C 30 5.73 34.78 -28.96
C ASP C 30 5.36 35.15 -27.53
N PHE C 31 6.39 35.43 -26.73
CA PHE C 31 6.17 35.63 -25.30
C PHE C 31 5.17 36.76 -25.04
N GLY C 32 5.30 37.86 -25.76
CA GLY C 32 4.37 38.96 -25.65
C GLY C 32 3.34 39.00 -26.77
N GLY C 33 3.36 38.04 -27.68
CA GLY C 33 2.50 38.08 -28.84
C GLY C 33 1.18 37.38 -28.61
N PRO C 34 0.50 37.02 -29.70
CA PRO C 34 -0.76 36.30 -29.58
C PRO C 34 -0.54 34.92 -29.00
N PRO C 35 -1.60 34.25 -28.55
CA PRO C 35 -1.43 32.97 -27.88
C PRO C 35 -0.74 31.94 -28.77
N VAL C 36 0.11 31.12 -28.16
CA VAL C 36 0.72 30.00 -28.84
C VAL C 36 -0.30 28.88 -28.97
N ALA C 37 -0.51 28.39 -30.19
CA ALA C 37 -1.50 27.37 -30.46
C ALA C 37 -0.84 26.01 -30.44
N VAL C 38 -1.33 25.12 -29.59
CA VAL C 38 -0.77 23.78 -29.41
C VAL C 38 -1.78 22.78 -29.95
N GLY C 39 -1.35 21.96 -30.91
CA GLY C 39 -2.21 20.94 -31.50
C GLY C 39 -1.85 19.57 -30.95
N MET C 40 -2.88 18.82 -30.58
CA MET C 40 -2.71 17.57 -29.84
C MET C 40 -3.35 16.41 -30.57
N ASN C 41 -2.59 15.34 -30.77
CA ASN C 41 -3.09 14.05 -31.21
C ASN C 41 -2.99 13.07 -30.06
N ILE C 42 -3.65 11.92 -30.23
CA ILE C 42 -3.48 10.79 -29.32
C ILE C 42 -3.70 9.51 -30.10
N ASP C 43 -2.70 8.63 -30.07
CA ASP C 43 -2.83 7.29 -30.62
C ASP C 43 -3.02 6.36 -29.43
N ILE C 44 -4.26 5.94 -29.19
CA ILE C 44 -4.54 5.05 -28.07
C ILE C 44 -3.90 3.70 -28.36
N ALA C 45 -3.05 3.24 -27.43
CA ALA C 45 -2.40 1.95 -27.56
C ALA C 45 -3.14 0.84 -26.84
N SER C 46 -3.83 1.14 -25.74
CA SER C 46 -4.58 0.12 -25.02
C SER C 46 -5.35 0.78 -23.88
N ILE C 47 -6.35 0.05 -23.37
CA ILE C 47 -7.06 0.40 -22.15
C ILE C 47 -7.05 -0.86 -21.30
N ASP C 48 -6.20 -0.90 -20.28
CA ASP C 48 -5.81 -2.16 -19.68
C ASP C 48 -6.87 -2.71 -18.73
N MET C 49 -7.15 -1.98 -17.65
CA MET C 49 -7.91 -2.54 -16.54
C MET C 49 -8.91 -1.51 -16.03
N VAL C 50 -10.18 -1.70 -16.40
CA VAL C 50 -11.26 -0.83 -15.96
C VAL C 50 -11.81 -1.46 -14.68
N SER C 51 -11.34 -0.97 -13.54
CA SER C 51 -11.73 -1.51 -12.24
C SER C 51 -12.89 -0.71 -11.68
N GLU C 52 -13.97 -1.40 -11.32
CA GLU C 52 -15.11 -0.74 -10.72
C GLU C 52 -14.91 -0.49 -9.23
N VAL C 53 -14.12 -1.33 -8.56
CA VAL C 53 -13.88 -1.12 -7.13
C VAL C 53 -13.00 0.11 -6.91
N ASN C 54 -12.02 0.34 -7.78
CA ASN C 54 -11.13 1.48 -7.67
C ASN C 54 -11.63 2.72 -8.40
N MET C 55 -12.69 2.61 -9.20
CA MET C 55 -13.26 3.75 -9.90
C MET C 55 -12.21 4.42 -10.79
N ASP C 56 -11.60 3.63 -11.67
CA ASP C 56 -10.56 4.15 -12.53
C ASP C 56 -10.36 3.22 -13.72
N TYR C 57 -9.54 3.68 -14.67
CA TYR C 57 -9.15 2.88 -15.82
C TYR C 57 -7.74 3.30 -16.22
N THR C 58 -7.00 2.38 -16.83
CA THR C 58 -5.64 2.63 -17.28
C THR C 58 -5.61 2.62 -18.80
N LEU C 59 -4.89 3.57 -19.40
CA LEU C 59 -4.71 3.58 -20.84
C LEU C 59 -3.29 4.00 -21.18
N THR C 60 -2.71 3.33 -22.16
CA THR C 60 -1.45 3.73 -22.74
C THR C 60 -1.73 4.47 -24.04
N MET C 61 -0.97 5.53 -24.29
CA MET C 61 -1.21 6.34 -25.47
C MET C 61 0.10 6.97 -25.93
N TYR C 62 0.13 7.36 -27.19
CA TYR C 62 1.18 8.23 -27.72
C TYR C 62 0.61 9.64 -27.74
N PHE C 63 1.17 10.50 -26.91
CA PHE C 63 0.69 11.86 -26.74
C PHE C 63 1.59 12.80 -27.54
N GLN C 64 1.01 13.53 -28.48
CA GLN C 64 1.73 14.46 -29.32
C GLN C 64 1.26 15.88 -29.08
N GLN C 65 2.20 16.83 -29.10
CA GLN C 65 1.88 18.24 -29.05
C GLN C 65 2.73 18.94 -30.10
N ALA C 66 2.10 19.81 -30.88
CA ALA C 66 2.79 20.55 -31.92
C ALA C 66 2.53 22.03 -31.76
N TRP C 67 3.57 22.83 -31.91
CA TRP C 67 3.46 24.28 -31.86
C TRP C 67 4.52 24.88 -32.74
N ARG C 68 4.38 26.16 -33.04
CA ARG C 68 5.37 26.89 -33.82
C ARG C 68 6.17 27.78 -32.88
N ASP C 69 7.47 27.53 -32.83
CA ASP C 69 8.40 28.35 -32.05
C ASP C 69 9.32 29.05 -33.05
N LYS C 70 9.21 30.37 -33.12
CA LYS C 70 9.99 31.12 -34.09
C LYS C 70 11.48 31.10 -33.76
N ARG C 71 11.83 30.96 -32.47
CA ARG C 71 13.23 30.95 -32.08
C ARG C 71 13.98 29.80 -32.73
N LEU C 72 13.31 28.68 -32.99
CA LEU C 72 13.94 27.49 -33.53
C LEU C 72 13.87 27.44 -35.05
N SER C 73 13.81 28.58 -35.72
CA SER C 73 13.68 28.62 -37.16
C SER C 73 15.05 28.63 -37.82
N TYR C 74 15.18 27.85 -38.89
CA TYR C 74 16.42 27.75 -39.62
C TYR C 74 16.13 27.57 -41.10
N ASN C 75 17.09 27.95 -41.94
CA ASN C 75 16.92 27.86 -43.38
C ASN C 75 18.16 27.37 -44.12
N VAL C 76 19.23 27.00 -43.41
CA VAL C 76 20.44 26.53 -44.08
C VAL C 76 20.30 25.13 -44.65
N ILE C 77 19.27 24.39 -44.27
CA ILE C 77 19.10 23.01 -44.74
C ILE C 77 17.62 22.73 -44.97
N PRO C 78 17.33 21.82 -45.90
CA PRO C 78 15.92 21.54 -46.24
C PRO C 78 15.25 20.47 -45.39
N LEU C 79 16.02 19.53 -44.85
CA LEU C 79 15.42 18.37 -44.20
C LEU C 79 14.94 18.70 -42.79
N ASN C 80 14.06 17.84 -42.28
CA ASN C 80 13.57 17.96 -40.91
C ASN C 80 14.56 17.34 -39.94
N LEU C 81 14.69 17.95 -38.78
CA LEU C 81 15.62 17.46 -37.76
C LEU C 81 14.84 16.67 -36.72
N THR C 82 15.09 15.36 -36.68
CA THR C 82 14.68 14.52 -35.56
C THR C 82 15.86 14.44 -34.62
N LEU C 83 15.82 15.22 -33.55
CA LEU C 83 16.92 15.29 -32.62
C LEU C 83 16.82 14.19 -31.58
N ASP C 84 17.95 13.89 -30.95
CA ASP C 84 17.97 12.97 -29.83
C ASP C 84 17.03 13.47 -28.75
N ASN C 85 16.30 12.55 -28.12
CA ASN C 85 15.21 12.96 -27.25
C ASN C 85 15.68 13.80 -26.07
N ARG C 86 16.95 13.75 -25.72
CA ARG C 86 17.44 14.51 -24.57
C ARG C 86 17.45 16.01 -24.81
N VAL C 87 17.34 16.47 -26.06
CA VAL C 87 17.26 17.89 -26.33
C VAL C 87 15.99 18.49 -25.76
N ALA C 88 14.98 17.66 -25.48
CA ALA C 88 13.71 18.17 -24.97
C ALA C 88 13.84 18.78 -23.58
N ASP C 89 14.94 18.52 -22.88
CA ASP C 89 15.21 19.20 -21.63
C ASP C 89 15.78 20.59 -21.84
N GLN C 90 16.07 20.97 -23.09
CA GLN C 90 16.65 22.26 -23.42
C GLN C 90 15.70 23.20 -24.13
N LEU C 91 14.54 22.72 -24.55
CA LEU C 91 13.55 23.52 -25.25
C LEU C 91 12.38 23.84 -24.32
N TRP C 92 11.57 24.80 -24.73
CA TRP C 92 10.33 25.08 -24.03
C TRP C 92 9.26 24.12 -24.52
N VAL C 93 8.62 23.42 -23.59
CA VAL C 93 7.51 22.54 -23.92
C VAL C 93 6.31 22.96 -23.09
N PRO C 94 5.09 22.82 -23.61
CA PRO C 94 3.92 23.26 -22.86
C PRO C 94 3.73 22.46 -21.58
N ASP C 95 3.05 23.08 -20.61
CA ASP C 95 2.79 22.45 -19.30
C ASP C 95 1.43 21.77 -19.32
N THR C 96 1.27 20.72 -20.13
CA THR C 96 -0.02 20.00 -20.29
C THR C 96 -0.14 18.98 -19.16
N TYR C 97 -1.27 18.95 -18.46
CA TYR C 97 -1.51 17.99 -17.35
C TYR C 97 -2.88 17.35 -17.53
N PHE C 98 -3.08 16.15 -17.00
CA PHE C 98 -4.38 15.44 -17.06
C PHE C 98 -5.04 15.64 -15.70
N LEU C 99 -6.10 16.42 -15.63
CA LEU C 99 -6.73 16.82 -14.34
C LEU C 99 -7.26 15.62 -13.55
N ASN C 100 -7.66 14.53 -14.19
CA ASN C 100 -8.28 13.43 -13.47
C ASN C 100 -7.39 12.21 -13.32
N ASP C 101 -6.09 12.32 -13.61
CA ASP C 101 -5.26 11.14 -13.46
C ASP C 101 -4.90 10.91 -12.00
N LYS C 102 -4.50 9.69 -11.69
CA LYS C 102 -4.05 9.32 -10.37
C LYS C 102 -2.57 8.96 -10.36
N LYS C 103 -2.16 8.04 -11.23
CA LYS C 103 -0.81 7.52 -11.25
C LYS C 103 -0.42 7.30 -12.70
N SER C 104 0.64 7.98 -13.13
CA SER C 104 0.99 7.97 -14.55
C SER C 104 2.49 8.15 -14.71
N PHE C 105 3.02 7.62 -15.81
CA PHE C 105 4.45 7.66 -16.06
C PHE C 105 4.71 7.66 -17.56
N VAL C 106 5.88 8.16 -17.93
CA VAL C 106 6.39 8.08 -19.29
C VAL C 106 7.33 6.90 -19.36
N HIS C 107 7.12 6.02 -20.34
CA HIS C 107 7.92 4.82 -20.45
C HIS C 107 9.38 5.17 -20.70
N GLY C 108 10.28 4.35 -20.16
CA GLY C 108 11.68 4.71 -20.14
C GLY C 108 12.66 3.63 -20.54
N VAL C 109 12.25 2.71 -21.40
CA VAL C 109 13.10 1.63 -21.89
C VAL C 109 12.91 1.55 -23.40
N THR C 110 14.00 1.44 -24.17
CA THR C 110 15.37 1.37 -23.67
C THR C 110 15.86 2.73 -23.23
N VAL C 111 15.31 3.77 -23.85
CA VAL C 111 15.53 5.15 -23.44
C VAL C 111 14.17 5.79 -23.26
N LYS C 112 14.15 6.96 -22.61
CA LYS C 112 12.92 7.69 -22.39
C LYS C 112 12.13 7.79 -23.69
N ASN C 113 10.94 7.20 -23.72
CA ASN C 113 10.13 7.14 -24.93
C ASN C 113 9.50 8.52 -25.16
N ARG C 114 10.28 9.41 -25.78
CA ARG C 114 9.76 10.69 -26.19
C ARG C 114 10.44 11.10 -27.48
N MET C 115 9.77 11.96 -28.23
CA MET C 115 10.17 12.36 -29.57
C MET C 115 10.21 13.87 -29.66
N ILE C 116 11.20 14.39 -30.37
CA ILE C 116 11.27 15.83 -30.60
C ILE C 116 11.73 16.07 -32.04
N ARG C 117 10.79 16.43 -32.91
CA ARG C 117 11.05 16.62 -34.32
C ARG C 117 10.85 18.08 -34.68
N LEU C 118 11.86 18.69 -35.29
CA LEU C 118 11.82 20.09 -35.69
C LEU C 118 11.51 20.19 -37.18
N HIS C 119 11.06 21.38 -37.58
CA HIS C 119 10.79 21.67 -38.98
C HIS C 119 11.38 23.03 -39.32
N PRO C 120 11.69 23.27 -40.60
CA PRO C 120 12.40 24.51 -40.95
C PRO C 120 11.66 25.77 -40.53
N ASP C 121 10.34 25.80 -40.63
CA ASP C 121 9.59 27.01 -40.31
C ASP C 121 9.58 27.32 -38.83
N GLY C 122 10.09 26.43 -37.98
CA GLY C 122 10.07 26.61 -36.56
C GLY C 122 9.05 25.76 -35.83
N THR C 123 8.36 24.88 -36.53
CA THR C 123 7.40 24.00 -35.88
C THR C 123 8.14 22.93 -35.07
N VAL C 124 7.55 22.57 -33.93
CA VAL C 124 8.11 21.56 -33.04
C VAL C 124 7.04 20.50 -32.85
N LEU C 125 7.42 19.23 -33.02
CA LEU C 125 6.54 18.11 -32.71
C LEU C 125 7.13 17.35 -31.54
N TYR C 126 6.33 17.16 -30.49
CA TYR C 126 6.79 16.64 -29.21
C TYR C 126 5.92 15.46 -28.83
N GLY C 127 6.46 14.26 -28.92
CA GLY C 127 5.71 13.04 -28.67
C GLY C 127 6.16 12.37 -27.39
N LEU C 128 5.19 11.83 -26.65
CA LEU C 128 5.45 11.11 -25.42
C LEU C 128 4.61 9.84 -25.41
N ARG C 129 5.16 8.77 -24.87
CA ARG C 129 4.41 7.54 -24.65
C ARG C 129 4.12 7.42 -23.17
N ILE C 130 2.84 7.39 -22.82
CA ILE C 130 2.40 7.57 -21.45
C ILE C 130 1.48 6.41 -21.08
N THR C 131 1.49 6.05 -19.79
CA THR C 131 0.49 5.18 -19.20
C THR C 131 -0.14 5.91 -18.04
N THR C 132 -1.45 6.15 -18.12
CA THR C 132 -2.17 6.96 -17.16
C THR C 132 -3.27 6.13 -16.52
N THR C 133 -3.33 6.15 -15.19
CA THR C 133 -4.47 5.60 -14.46
C THR C 133 -5.38 6.78 -14.12
N ALA C 134 -6.46 6.92 -14.87
CA ALA C 134 -7.36 8.06 -14.73
C ALA C 134 -8.61 7.66 -13.96
N ALA C 135 -9.04 8.54 -13.06
CA ALA C 135 -10.24 8.30 -12.28
C ALA C 135 -11.47 8.49 -13.14
N CYS C 136 -12.35 7.50 -13.14
CA CYS C 136 -13.60 7.54 -13.89
C CYS C 136 -14.72 7.14 -12.94
N MET C 137 -15.45 8.13 -12.44
CA MET C 137 -16.55 7.85 -11.51
C MET C 137 -17.63 7.05 -12.22
N MET C 138 -17.96 5.90 -11.64
CA MET C 138 -18.89 4.95 -12.23
C MET C 138 -20.18 4.88 -11.42
N ASP C 139 -21.30 4.76 -12.12
CA ASP C 139 -22.62 4.60 -11.50
C ASP C 139 -23.05 3.16 -11.70
N LEU C 140 -23.03 2.38 -10.62
CA LEU C 140 -23.26 0.95 -10.71
C LEU C 140 -24.63 0.55 -10.18
N ARG C 141 -25.58 1.48 -10.13
CA ARG C 141 -26.92 1.13 -9.68
C ARG C 141 -27.54 0.08 -10.60
N ARG C 142 -27.15 0.05 -11.87
CA ARG C 142 -27.70 -0.90 -12.83
C ARG C 142 -26.73 -2.00 -13.18
N TYR C 143 -25.64 -2.14 -12.43
CA TYR C 143 -24.69 -3.21 -12.68
C TYR C 143 -25.41 -4.56 -12.58
N PRO C 144 -25.16 -5.50 -13.49
CA PRO C 144 -24.23 -5.52 -14.63
C PRO C 144 -24.82 -5.00 -15.93
N LEU C 145 -25.96 -4.33 -15.86
CA LEU C 145 -26.59 -3.74 -17.04
C LEU C 145 -26.41 -2.23 -16.93
N ASP C 146 -25.23 -1.76 -17.35
CA ASP C 146 -24.89 -0.36 -17.21
C ASP C 146 -23.88 0.02 -18.27
N GLU C 147 -23.83 1.32 -18.58
CA GLU C 147 -22.85 1.89 -19.48
C GLU C 147 -22.10 2.98 -18.75
N GLN C 148 -20.79 2.92 -18.81
CA GLN C 148 -19.94 3.90 -18.14
C GLN C 148 -19.41 4.91 -19.14
N ASN C 149 -19.02 6.08 -18.62
CA ASN C 149 -18.69 7.24 -19.43
C ASN C 149 -17.38 7.80 -18.89
N CYS C 150 -16.26 7.34 -19.45
CA CYS C 150 -14.94 7.62 -18.91
C CYS C 150 -14.22 8.64 -19.78
N THR C 151 -13.70 9.70 -19.15
CA THR C 151 -13.13 10.84 -19.84
C THR C 151 -11.64 10.94 -19.56
N LEU C 152 -10.98 11.82 -20.31
CA LEU C 152 -9.59 12.20 -20.07
C LEU C 152 -9.51 13.71 -20.29
N GLU C 153 -9.40 14.50 -19.23
CA GLU C 153 -9.40 15.98 -19.32
C GLU C 153 -7.96 16.48 -19.42
N ILE C 154 -7.55 17.02 -20.56
CA ILE C 154 -6.18 17.54 -20.79
C ILE C 154 -6.23 19.07 -20.65
N GLU C 155 -5.57 19.65 -19.65
CA GLU C 155 -5.64 21.11 -19.40
C GLU C 155 -4.23 21.69 -19.34
N SER C 156 -4.07 23.01 -19.26
CA SER C 156 -2.77 23.69 -19.04
C SER C 156 -2.69 24.10 -17.57
N TYR C 157 -1.59 23.82 -16.89
CA TYR C 157 -1.50 24.06 -15.43
C TYR C 157 -1.29 25.54 -15.11
N GLY C 158 -0.48 26.28 -15.87
CA GLY C 158 -0.16 27.64 -15.49
C GLY C 158 -0.69 28.72 -16.40
N TYR C 159 -0.76 28.44 -17.70
CA TYR C 159 -1.12 29.47 -18.66
C TYR C 159 -2.64 29.60 -18.79
N THR C 160 -3.06 30.74 -19.32
CA THR C 160 -4.45 31.02 -19.65
C THR C 160 -4.59 31.09 -21.16
N THR C 161 -5.80 31.38 -21.64
CA THR C 161 -6.04 31.37 -23.07
C THR C 161 -5.35 32.53 -23.79
N ASP C 162 -4.91 33.56 -23.06
CA ASP C 162 -4.09 34.59 -23.67
C ASP C 162 -2.76 34.02 -24.14
N ASP C 163 -2.18 33.11 -23.37
CA ASP C 163 -0.89 32.52 -23.67
C ASP C 163 -1.02 31.29 -24.57
N ILE C 164 -1.75 30.28 -24.09
CA ILE C 164 -1.84 28.99 -24.77
C ILE C 164 -3.28 28.73 -25.16
N GLU C 165 -3.49 28.25 -26.37
CA GLU C 165 -4.79 27.76 -26.80
C GLU C 165 -4.63 26.33 -27.31
N PHE C 166 -5.48 25.42 -26.85
CA PHE C 166 -5.40 23.99 -27.22
C PHE C 166 -6.44 23.68 -28.29
N TYR C 167 -6.11 22.84 -29.27
CA TYR C 167 -7.01 22.41 -30.30
C TYR C 167 -6.59 21.03 -30.77
N TRP C 168 -7.56 20.20 -31.11
CA TRP C 168 -7.28 18.87 -31.63
C TRP C 168 -6.71 19.00 -33.04
N ARG C 169 -5.45 18.58 -33.23
CA ARG C 169 -4.80 18.68 -34.52
C ARG C 169 -5.30 17.56 -35.41
N GLY C 170 -6.16 17.90 -36.37
CA GLY C 170 -6.83 16.91 -37.19
C GLY C 170 -8.33 16.85 -37.01
N ASP C 171 -8.91 17.76 -36.24
CA ASP C 171 -10.36 17.81 -36.00
C ASP C 171 -10.78 16.49 -35.38
N ASP C 172 -11.59 15.67 -36.03
CA ASP C 172 -12.14 14.47 -35.42
C ASP C 172 -11.25 13.25 -35.61
N ASN C 173 -10.13 13.38 -36.32
CA ASN C 173 -9.15 12.30 -36.44
C ASN C 173 -7.97 12.49 -35.51
N ALA C 174 -8.04 13.45 -34.60
CA ALA C 174 -6.94 13.68 -33.67
C ALA C 174 -6.70 12.49 -32.76
N VAL C 175 -7.70 11.64 -32.56
CA VAL C 175 -7.57 10.42 -31.77
C VAL C 175 -7.80 9.23 -32.70
N THR C 176 -6.93 8.23 -32.59
CA THR C 176 -7.01 7.05 -33.43
C THR C 176 -6.77 5.82 -32.58
N GLY C 177 -6.92 4.65 -33.19
CA GLY C 177 -6.71 3.40 -32.50
C GLY C 177 -7.81 3.03 -31.52
N VAL C 178 -8.86 3.84 -31.41
CA VAL C 178 -9.93 3.56 -30.47
C VAL C 178 -10.91 2.52 -30.98
N THR C 179 -10.87 2.18 -32.26
CA THR C 179 -11.72 1.14 -32.82
C THR C 179 -11.05 -0.22 -32.84
N LYS C 180 -9.83 -0.33 -32.32
CA LYS C 180 -9.16 -1.62 -32.19
C LYS C 180 -9.14 -2.12 -30.75
N ILE C 181 -9.41 -1.26 -29.78
CA ILE C 181 -9.36 -1.68 -28.38
C ILE C 181 -10.38 -2.78 -28.16
N GLU C 182 -9.97 -3.82 -27.45
CA GLU C 182 -10.81 -4.99 -27.16
C GLU C 182 -10.73 -5.24 -25.66
N LEU C 183 -11.60 -4.59 -24.92
CA LEU C 183 -11.64 -4.78 -23.48
C LEU C 183 -12.22 -6.15 -23.14
N PRO C 184 -11.77 -6.77 -22.04
CA PRO C 184 -12.25 -8.12 -21.71
C PRO C 184 -13.69 -8.15 -21.25
N GLN C 185 -14.26 -7.02 -20.84
CA GLN C 185 -15.60 -6.98 -20.27
C GLN C 185 -16.48 -5.87 -20.80
N PHE C 186 -15.95 -4.93 -21.59
CA PHE C 186 -16.70 -3.78 -22.07
C PHE C 186 -16.61 -3.74 -23.59
N SER C 187 -17.24 -2.73 -24.18
CA SER C 187 -17.10 -2.48 -25.61
C SER C 187 -17.26 -0.98 -25.82
N ILE C 188 -16.26 -0.34 -26.42
CA ILE C 188 -16.30 1.10 -26.63
C ILE C 188 -17.30 1.38 -27.74
N VAL C 189 -18.49 1.85 -27.37
CA VAL C 189 -19.52 2.10 -28.37
C VAL C 189 -19.32 3.44 -29.04
N ASP C 190 -18.76 4.43 -28.33
CA ASP C 190 -18.58 5.74 -28.90
C ASP C 190 -17.47 6.48 -28.17
N TYR C 191 -16.81 7.38 -28.90
CA TYR C 191 -15.82 8.28 -28.32
C TYR C 191 -16.04 9.65 -28.91
N LYS C 192 -15.69 10.69 -28.15
CA LYS C 192 -15.94 12.05 -28.59
C LYS C 192 -14.84 12.98 -28.10
N LEU C 193 -14.60 14.03 -28.88
CA LEU C 193 -13.59 15.04 -28.58
C LEU C 193 -14.26 16.37 -28.34
N ILE C 194 -13.80 17.08 -27.31
CA ILE C 194 -14.39 18.33 -26.87
C ILE C 194 -13.28 19.35 -26.65
N THR C 195 -13.65 20.62 -26.68
CA THR C 195 -12.71 21.71 -26.43
C THR C 195 -13.48 22.87 -25.80
N LYS C 196 -12.98 23.37 -24.68
CA LYS C 196 -13.72 24.38 -23.91
C LYS C 196 -12.73 25.14 -23.03
N LYS C 197 -13.27 25.88 -22.04
CA LYS C 197 -12.47 26.71 -21.16
C LYS C 197 -12.99 26.62 -19.73
N VAL C 198 -12.05 26.59 -18.76
CA VAL C 198 -12.38 26.41 -17.32
C VAL C 198 -11.73 27.51 -16.49
N VAL C 199 -12.41 28.00 -15.46
CA VAL C 199 -11.95 29.05 -14.57
C VAL C 199 -11.87 28.50 -13.15
N PHE C 200 -10.74 28.71 -12.46
CA PHE C 200 -10.57 28.34 -11.04
C PHE C 200 -10.40 29.66 -10.28
N SER C 201 -9.98 29.62 -9.01
CA SER C 201 -9.73 30.84 -8.21
C SER C 201 -8.40 31.48 -8.65
N THR C 202 -7.73 30.83 -9.58
CA THR C 202 -6.36 31.17 -9.99
C THR C 202 -6.38 31.78 -11.40
N GLY C 203 -7.52 31.72 -12.10
CA GLY C 203 -7.64 32.23 -13.45
C GLY C 203 -8.25 31.20 -14.39
N SER C 204 -8.58 31.68 -15.58
CA SER C 204 -9.14 30.84 -16.63
C SER C 204 -8.06 29.91 -17.20
N TYR C 205 -8.49 28.84 -17.87
CA TYR C 205 -7.55 27.86 -18.47
C TYR C 205 -8.16 27.24 -19.72
N PRO C 206 -7.36 26.80 -20.72
CA PRO C 206 -7.88 26.09 -21.89
C PRO C 206 -7.99 24.60 -21.57
N ARG C 207 -9.09 23.94 -21.94
CA ARG C 207 -9.28 22.49 -21.64
C ARG C 207 -9.63 21.70 -22.90
N LEU C 208 -9.18 20.45 -22.99
CA LEU C 208 -9.56 19.51 -24.07
C LEU C 208 -10.09 18.30 -23.32
N SER C 209 -10.96 17.51 -23.93
CA SER C 209 -11.58 16.36 -23.30
C SER C 209 -11.78 15.26 -24.32
N LEU C 210 -11.30 14.07 -23.98
CA LEU C 210 -11.54 12.86 -24.73
C LEU C 210 -12.39 11.94 -23.86
N SER C 211 -13.53 11.50 -24.38
CA SER C 211 -14.44 10.67 -23.61
C SER C 211 -14.85 9.45 -24.42
N PHE C 212 -15.03 8.34 -23.73
CA PHE C 212 -15.52 7.10 -24.31
C PHE C 212 -16.85 6.73 -23.66
N LYS C 213 -17.57 5.81 -24.30
CA LYS C 213 -18.77 5.22 -23.74
C LYS C 213 -18.60 3.71 -23.76
N LEU C 214 -18.74 3.08 -22.60
CA LEU C 214 -18.55 1.65 -22.45
C LEU C 214 -19.89 0.99 -22.17
N LYS C 215 -20.13 -0.15 -22.81
CA LYS C 215 -21.32 -0.96 -22.56
C LYS C 215 -20.86 -2.33 -22.07
N ARG C 216 -21.27 -2.69 -20.86
CA ARG C 216 -20.83 -3.95 -20.29
C ARG C 216 -21.42 -5.12 -21.06
N ASN C 217 -20.67 -6.22 -21.11
CA ASN C 217 -21.11 -7.43 -21.76
C ASN C 217 -21.81 -8.33 -20.77
N ILE C 218 -22.88 -8.98 -21.21
CA ILE C 218 -23.84 -9.58 -20.30
C ILE C 218 -23.75 -11.10 -20.25
N GLY C 219 -23.23 -11.76 -21.29
CA GLY C 219 -23.31 -13.22 -21.35
C GLY C 219 -22.66 -13.91 -20.17
N TYR C 220 -21.47 -13.44 -19.79
CA TYR C 220 -20.81 -13.97 -18.60
C TYR C 220 -21.73 -13.91 -17.40
N PHE C 221 -22.33 -12.74 -17.18
CA PHE C 221 -23.16 -12.55 -16.01
C PHE C 221 -24.40 -13.44 -16.06
N ILE C 222 -24.99 -13.58 -17.25
CA ILE C 222 -26.14 -14.46 -17.39
C ILE C 222 -25.72 -15.84 -16.92
N LEU C 223 -24.80 -16.46 -17.66
CA LEU C 223 -24.46 -17.86 -17.41
C LEU C 223 -23.84 -18.08 -16.04
N GLN C 224 -23.39 -17.02 -15.37
CA GLN C 224 -22.76 -17.18 -14.07
C GLN C 224 -23.77 -17.03 -12.93
N THR C 225 -24.49 -15.90 -12.90
CA THR C 225 -25.31 -15.54 -11.77
C THR C 225 -26.80 -15.69 -11.99
N TYR C 226 -27.29 -15.51 -13.22
CA TYR C 226 -28.74 -15.46 -13.38
C TYR C 226 -29.33 -16.86 -13.51
N MET C 227 -28.80 -17.69 -14.40
CA MET C 227 -29.41 -19.00 -14.61
C MET C 227 -29.47 -19.82 -13.34
N PRO C 228 -28.41 -19.93 -12.54
CA PRO C 228 -28.50 -20.76 -11.32
C PRO C 228 -29.60 -20.32 -10.38
N SER C 229 -29.80 -19.00 -10.22
CA SER C 229 -30.86 -18.52 -9.33
C SER C 229 -32.23 -18.92 -9.84
N ILE C 230 -32.47 -18.72 -11.14
CA ILE C 230 -33.77 -19.10 -11.71
C ILE C 230 -34.01 -20.59 -11.52
N LEU C 231 -33.00 -21.42 -11.76
CA LEU C 231 -33.21 -22.86 -11.69
C LEU C 231 -33.39 -23.33 -10.25
N ILE C 232 -32.68 -22.72 -9.29
CA ILE C 232 -32.95 -23.02 -7.89
C ILE C 232 -34.38 -22.64 -7.53
N THR C 233 -34.88 -21.55 -8.10
CA THR C 233 -36.28 -21.21 -7.85
C THR C 233 -37.22 -22.24 -8.43
N ILE C 234 -36.91 -22.74 -9.63
CA ILE C 234 -37.73 -23.81 -10.22
C ILE C 234 -37.76 -25.01 -9.28
N LEU C 235 -36.59 -25.41 -8.79
CA LEU C 235 -36.52 -26.53 -7.86
C LEU C 235 -37.35 -26.26 -6.61
N SER C 236 -37.26 -25.04 -6.07
CA SER C 236 -38.09 -24.71 -4.92
C SER C 236 -39.56 -24.93 -5.23
N TRP C 237 -40.00 -24.56 -6.45
CA TRP C 237 -41.39 -24.80 -6.81
C TRP C 237 -41.71 -26.29 -6.86
N VAL C 238 -40.75 -27.09 -7.32
CA VAL C 238 -41.00 -28.53 -7.47
C VAL C 238 -41.68 -29.13 -6.25
N SER C 239 -41.42 -28.59 -5.06
CA SER C 239 -41.99 -29.16 -3.85
C SER C 239 -43.50 -29.12 -3.85
N PHE C 240 -44.11 -28.25 -4.67
CA PHE C 240 -45.56 -28.25 -4.78
C PHE C 240 -46.07 -29.57 -5.35
N TRP C 241 -45.35 -30.13 -6.33
CA TRP C 241 -45.79 -31.39 -6.93
C TRP C 241 -45.80 -32.50 -5.89
N ILE C 242 -44.79 -32.52 -5.01
CA ILE C 242 -44.69 -33.59 -4.03
C ILE C 242 -45.97 -33.66 -3.20
N ASN C 243 -46.23 -34.84 -2.66
CA ASN C 243 -47.42 -35.06 -1.88
C ASN C 243 -47.29 -34.43 -0.50
N TYR C 244 -48.45 -34.10 0.07
CA TYR C 244 -48.50 -33.57 1.43
C TYR C 244 -47.74 -34.42 2.43
N ASP C 245 -47.83 -35.75 2.30
CA ASP C 245 -47.26 -36.61 3.32
C ASP C 245 -45.75 -36.48 3.39
N ALA C 246 -45.09 -36.27 2.25
CA ALA C 246 -43.64 -36.24 2.24
C ALA C 246 -43.15 -34.99 2.94
N SER C 247 -43.42 -34.91 4.24
CA SER C 247 -43.02 -33.73 5.00
C SER C 247 -41.51 -33.60 5.04
N ALA C 248 -40.81 -34.71 5.31
CA ALA C 248 -39.36 -34.68 5.30
C ALA C 248 -38.82 -34.28 3.94
N ALA C 249 -39.39 -34.85 2.87
CA ALA C 249 -38.91 -34.53 1.53
C ALA C 249 -39.09 -33.04 1.24
N ARG C 250 -40.28 -32.51 1.51
CA ARG C 250 -40.57 -31.12 1.17
C ARG C 250 -39.73 -30.17 2.01
N VAL C 251 -39.61 -30.43 3.32
CA VAL C 251 -38.81 -29.55 4.16
C VAL C 251 -37.34 -29.59 3.73
N ALA C 252 -36.82 -30.79 3.47
CA ALA C 252 -35.43 -30.91 3.03
C ALA C 252 -35.22 -30.13 1.74
N LEU C 253 -36.12 -30.30 0.77
CA LEU C 253 -35.97 -29.60 -0.49
C LEU C 253 -36.01 -28.10 -0.31
N GLY C 254 -37.00 -27.59 0.43
CA GLY C 254 -37.15 -26.16 0.59
C GLY C 254 -35.95 -25.54 1.29
N ILE C 255 -35.52 -26.15 2.40
CA ILE C 255 -34.45 -25.52 3.15
C ILE C 255 -33.11 -25.72 2.45
N THR C 256 -32.96 -26.79 1.67
CA THR C 256 -31.74 -26.91 0.88
C THR C 256 -31.69 -25.86 -0.23
N THR C 257 -32.84 -25.54 -0.82
CA THR C 257 -32.88 -24.43 -1.76
C THR C 257 -32.52 -23.12 -1.08
N VAL C 258 -33.02 -22.90 0.14
CA VAL C 258 -32.65 -21.70 0.89
C VAL C 258 -31.14 -21.66 1.11
N LEU C 259 -30.57 -22.79 1.53
CA LEU C 259 -29.14 -22.83 1.83
C LEU C 259 -28.30 -22.61 0.57
N THR C 260 -28.70 -23.19 -0.55
CA THR C 260 -27.92 -23.00 -1.77
C THR C 260 -28.06 -21.57 -2.29
N MET C 261 -29.22 -20.96 -2.13
CA MET C 261 -29.37 -19.56 -2.50
C MET C 261 -28.46 -18.69 -1.63
N THR C 262 -28.40 -18.99 -0.33
CA THR C 262 -27.46 -18.29 0.55
C THR C 262 -26.02 -18.49 0.09
N THR C 263 -25.69 -19.71 -0.32
CA THR C 263 -24.33 -19.98 -0.80
C THR C 263 -24.00 -19.13 -2.02
N ILE C 264 -24.94 -19.07 -2.97
CA ILE C 264 -24.71 -18.28 -4.17
C ILE C 264 -24.53 -16.81 -3.80
N ASN C 265 -25.38 -16.30 -2.90
CA ASN C 265 -25.24 -14.91 -2.49
C ASN C 265 -23.88 -14.65 -1.84
N THR C 266 -23.52 -15.45 -0.85
CA THR C 266 -22.30 -15.21 -0.09
C THR C 266 -21.04 -15.50 -0.88
N HIS C 267 -21.14 -16.22 -1.99
CA HIS C 267 -19.96 -16.45 -2.83
C HIS C 267 -19.84 -15.44 -3.94
N LEU C 268 -20.96 -15.02 -4.53
CA LEU C 268 -20.91 -13.84 -5.40
C LEU C 268 -20.45 -12.61 -4.64
N ARG C 269 -20.66 -12.58 -3.32
CA ARG C 269 -20.10 -11.52 -2.49
C ARG C 269 -18.66 -11.22 -2.89
N GLU C 270 -17.79 -12.23 -2.84
CA GLU C 270 -16.38 -12.04 -3.13
C GLU C 270 -16.01 -12.36 -4.57
N THR C 271 -16.92 -12.95 -5.36
CA THR C 271 -16.67 -13.06 -6.79
C THR C 271 -16.79 -11.70 -7.48
N LEU C 272 -17.80 -10.93 -7.11
CA LEU C 272 -18.03 -9.62 -7.70
C LEU C 272 -17.16 -8.58 -7.03
N PRO C 273 -16.88 -7.46 -7.71
CA PRO C 273 -16.07 -6.41 -7.08
C PRO C 273 -16.77 -5.79 -5.89
N LYS C 274 -15.97 -5.36 -4.91
CA LYS C 274 -16.48 -4.84 -3.65
C LYS C 274 -17.05 -3.46 -3.88
N ILE C 275 -18.30 -3.42 -4.32
CA ILE C 275 -19.05 -2.17 -4.46
C ILE C 275 -20.01 -2.11 -3.28
N PRO C 276 -19.74 -1.31 -2.26
CA PRO C 276 -20.53 -1.40 -1.03
C PRO C 276 -21.88 -0.71 -1.06
N TYR C 277 -22.44 -0.45 -2.24
CA TYR C 277 -23.83 -0.02 -2.33
C TYR C 277 -24.63 -1.05 -3.15
N VAL C 278 -25.94 -0.80 -3.27
CA VAL C 278 -26.85 -1.79 -3.81
C VAL C 278 -26.87 -1.73 -5.34
N LYS C 279 -27.30 -2.82 -5.96
CA LYS C 279 -27.22 -2.96 -7.41
C LYS C 279 -28.35 -3.85 -7.93
N ALA C 280 -28.48 -3.88 -9.26
CA ALA C 280 -29.53 -4.67 -9.89
C ALA C 280 -29.36 -6.16 -9.65
N ILE C 281 -28.12 -6.65 -9.68
CA ILE C 281 -27.88 -8.06 -9.41
C ILE C 281 -28.31 -8.39 -7.98
N ASP C 282 -28.07 -7.47 -7.05
CA ASP C 282 -28.55 -7.64 -5.69
C ASP C 282 -30.06 -7.72 -5.65
N MET C 283 -30.74 -6.84 -6.38
CA MET C 283 -32.19 -6.91 -6.45
C MET C 283 -32.65 -8.26 -6.95
N TYR C 284 -32.05 -8.77 -8.02
CA TYR C 284 -32.52 -10.02 -8.58
C TYR C 284 -32.30 -11.19 -7.62
N LEU C 285 -31.11 -11.24 -7.00
CA LEU C 285 -30.83 -12.36 -6.11
C LEU C 285 -31.67 -12.30 -4.85
N MET C 286 -31.96 -11.10 -4.35
CA MET C 286 -32.88 -10.98 -3.21
C MET C 286 -34.29 -11.38 -3.61
N GLY C 287 -34.71 -11.06 -4.83
CA GLY C 287 -36.01 -11.51 -5.29
C GLY C 287 -36.11 -13.02 -5.31
N CYS C 288 -35.09 -13.68 -5.85
CA CYS C 288 -35.09 -15.13 -5.87
C CYS C 288 -35.08 -15.71 -4.45
N PHE C 289 -34.30 -15.10 -3.56
CA PHE C 289 -34.28 -15.58 -2.18
C PHE C 289 -35.64 -15.46 -1.52
N VAL C 290 -36.32 -14.33 -1.70
CA VAL C 290 -37.62 -14.17 -1.05
C VAL C 290 -38.64 -15.12 -1.67
N PHE C 291 -38.54 -15.40 -2.97
CA PHE C 291 -39.43 -16.38 -3.57
C PHE C 291 -39.24 -17.76 -2.94
N VAL C 292 -37.98 -18.20 -2.81
CA VAL C 292 -37.72 -19.50 -2.19
C VAL C 292 -38.24 -19.51 -0.75
N PHE C 293 -37.99 -18.44 -0.02
CA PHE C 293 -38.45 -18.33 1.36
C PHE C 293 -39.97 -18.46 1.43
N MET C 294 -40.67 -17.79 0.51
CA MET C 294 -42.12 -17.82 0.53
C MET C 294 -42.64 -19.19 0.18
N ALA C 295 -41.94 -19.91 -0.71
CA ALA C 295 -42.35 -21.29 -1.01
C ALA C 295 -42.23 -22.18 0.22
N LEU C 296 -41.12 -22.06 0.95
CA LEU C 296 -40.96 -22.88 2.15
C LEU C 296 -42.02 -22.52 3.18
N LEU C 297 -42.32 -21.22 3.32
CA LEU C 297 -43.41 -20.81 4.19
C LEU C 297 -44.73 -21.43 3.76
N GLU C 298 -44.97 -21.51 2.45
CA GLU C 298 -46.20 -22.09 1.94
C GLU C 298 -46.31 -23.55 2.36
N TYR C 299 -45.22 -24.30 2.23
CA TYR C 299 -45.28 -25.68 2.69
C TYR C 299 -45.55 -25.76 4.18
N ALA C 300 -44.92 -24.88 4.96
CA ALA C 300 -45.16 -24.93 6.40
C ALA C 300 -46.64 -24.70 6.70
N LEU C 301 -47.25 -23.73 6.02
CA LEU C 301 -48.68 -23.46 6.21
C LEU C 301 -49.50 -24.68 5.85
N VAL C 302 -49.20 -25.32 4.71
CA VAL C 302 -49.95 -26.50 4.30
C VAL C 302 -49.84 -27.60 5.35
N ASN C 303 -48.61 -27.84 5.84
CA ASN C 303 -48.40 -28.87 6.84
C ASN C 303 -49.21 -28.60 8.09
N TYR C 304 -49.22 -27.35 8.54
CA TYR C 304 -50.00 -27.03 9.73
C TYR C 304 -51.49 -27.23 9.49
N ILE C 305 -51.99 -26.80 8.33
CA ILE C 305 -53.42 -26.71 8.12
C ILE C 305 -53.97 -27.97 7.48
N PHE C 306 -53.12 -29.00 7.33
CA PHE C 306 -53.59 -30.23 6.69
C PHE C 306 -54.54 -31.00 7.59
N PHE C 307 -54.04 -31.46 8.75
CA PHE C 307 -54.82 -32.37 9.58
C PHE C 307 -56.20 -31.82 9.90
N SER C 308 -56.29 -30.52 10.11
CA SER C 308 -57.57 -29.92 10.47
C SER C 308 -58.51 -29.84 9.28
N GLN C 309 -57.97 -29.76 8.06
CA GLN C 309 -58.82 -29.59 6.88
C GLN C 309 -58.05 -29.84 5.58
N PRO C 310 -57.82 -31.12 5.26
CA PRO C 310 -57.13 -31.44 4.02
C PRO C 310 -57.82 -30.92 2.79
N ALA C 311 -59.14 -30.78 2.83
CA ALA C 311 -59.87 -30.30 1.65
C ALA C 311 -59.36 -28.93 1.24
N ARG C 312 -59.20 -28.02 2.20
CA ARG C 312 -58.63 -26.71 1.88
C ARG C 312 -57.13 -26.79 1.65
N ALA C 313 -56.44 -27.69 2.37
CA ALA C 313 -54.99 -27.78 2.19
C ALA C 313 -54.63 -28.15 0.75
N ALA C 314 -55.33 -29.11 0.17
CA ALA C 314 -55.04 -29.52 -1.20
C ALA C 314 -55.29 -28.38 -2.18
N ALA C 315 -56.40 -27.66 -2.00
CA ALA C 315 -56.70 -26.54 -2.87
C ALA C 315 -55.64 -25.46 -2.75
N ILE C 316 -55.16 -25.22 -1.53
CA ILE C 316 -54.09 -24.23 -1.34
C ILE C 316 -52.83 -24.67 -2.06
N ASP C 317 -52.49 -25.95 -1.99
CA ASP C 317 -51.29 -26.43 -2.67
C ASP C 317 -51.42 -26.25 -4.17
N ARG C 318 -52.59 -26.57 -4.74
CA ARG C 318 -52.78 -26.38 -6.18
C ARG C 318 -52.72 -24.90 -6.54
N TRP C 319 -53.31 -24.04 -5.73
CA TRP C 319 -53.24 -22.61 -6.01
C TRP C 319 -51.82 -22.11 -5.96
N SER C 320 -51.00 -22.63 -5.05
CA SER C 320 -49.59 -22.26 -5.03
C SER C 320 -48.90 -22.73 -6.30
N ARG C 321 -49.17 -23.96 -6.72
CA ARG C 321 -48.64 -24.48 -7.97
C ARG C 321 -48.92 -23.52 -9.12
N ILE C 322 -50.13 -23.00 -9.19
CA ILE C 322 -50.48 -22.05 -10.25
C ILE C 322 -49.83 -20.70 -10.01
N PHE C 323 -49.78 -20.26 -8.77
CA PHE C 323 -49.51 -18.87 -8.43
C PHE C 323 -48.03 -18.54 -8.58
N PHE C 324 -47.17 -19.41 -8.06
CA PHE C 324 -45.74 -19.07 -8.01
C PHE C 324 -45.14 -18.85 -9.40
N PRO C 325 -45.32 -19.75 -10.36
CA PRO C 325 -44.72 -19.51 -11.68
C PRO C 325 -45.16 -18.20 -12.33
N VAL C 326 -46.46 -17.89 -12.28
CA VAL C 326 -46.93 -16.68 -12.95
C VAL C 326 -46.38 -15.44 -12.27
N VAL C 327 -46.36 -15.43 -10.94
CA VAL C 327 -45.87 -14.25 -10.23
C VAL C 327 -44.38 -14.09 -10.43
N PHE C 328 -43.63 -15.19 -10.46
CA PHE C 328 -42.20 -15.10 -10.74
C PHE C 328 -41.96 -14.59 -12.16
N SER C 329 -42.75 -15.04 -13.12
CA SER C 329 -42.62 -14.52 -14.48
C SER C 329 -42.91 -13.03 -14.52
N PHE C 330 -43.93 -12.59 -13.79
CA PHE C 330 -44.23 -11.16 -13.71
C PHE C 330 -43.06 -10.39 -13.10
N PHE C 331 -42.44 -10.95 -12.05
CA PHE C 331 -41.29 -10.30 -11.44
C PHE C 331 -40.13 -10.20 -12.43
N ASN C 332 -39.87 -11.28 -13.16
CA ASN C 332 -38.81 -11.27 -14.15
C ASN C 332 -39.09 -10.22 -15.23
N ILE C 333 -40.34 -10.12 -15.68
CA ILE C 333 -40.69 -9.14 -16.71
C ILE C 333 -40.46 -7.72 -16.20
N VAL C 334 -41.00 -7.41 -15.02
CA VAL C 334 -40.87 -6.05 -14.50
C VAL C 334 -39.39 -5.71 -14.31
N TYR C 335 -38.61 -6.65 -13.78
CA TYR C 335 -37.19 -6.40 -13.57
C TYR C 335 -36.48 -6.13 -14.89
N TRP C 336 -36.65 -7.02 -15.87
CA TRP C 336 -35.89 -6.90 -17.11
C TRP C 336 -36.28 -5.63 -17.88
N LEU C 337 -37.56 -5.28 -17.90
CA LEU C 337 -37.93 -4.02 -18.56
C LEU C 337 -37.43 -2.80 -17.80
N TYR C 338 -37.59 -2.79 -16.47
CA TYR C 338 -37.18 -1.62 -15.71
C TYR C 338 -35.67 -1.38 -15.77
N TYR C 339 -34.88 -2.45 -15.92
CA TYR C 339 -33.43 -2.33 -15.94
C TYR C 339 -32.84 -2.42 -17.34
N VAL C 340 -33.66 -2.34 -18.38
CA VAL C 340 -33.16 -2.35 -19.75
C VAL C 340 -33.79 -1.21 -20.55
N ASP D 10 13.91 42.90 -30.04
CA ASP D 10 14.70 42.75 -28.83
C ASP D 10 13.86 42.98 -27.58
N ASN D 11 12.65 42.42 -27.56
CA ASN D 11 11.75 42.58 -26.42
C ASN D 11 11.78 41.43 -25.44
N THR D 12 12.55 40.37 -25.71
CA THR D 12 12.70 39.26 -24.76
C THR D 12 13.95 39.38 -23.90
N THR D 13 14.94 40.14 -24.37
CA THR D 13 16.15 40.37 -23.58
C THR D 13 15.81 41.03 -22.25
N VAL D 14 14.79 41.89 -22.23
CA VAL D 14 14.43 42.55 -20.98
C VAL D 14 13.99 41.52 -19.95
N PHE D 15 13.10 40.61 -20.33
CA PHE D 15 12.65 39.61 -19.37
C PHE D 15 13.77 38.67 -18.97
N THR D 16 14.61 38.26 -19.92
CA THR D 16 15.69 37.34 -19.54
C THR D 16 16.65 38.03 -18.57
N ARG D 17 16.96 39.31 -18.78
CA ARG D 17 17.85 40.00 -17.85
C ARG D 17 17.18 40.21 -16.51
N ILE D 18 15.88 40.52 -16.50
CA ILE D 18 15.17 40.67 -15.23
C ILE D 18 15.27 39.39 -14.42
N LEU D 19 14.98 38.26 -15.06
CA LEU D 19 15.03 36.98 -14.37
C LEU D 19 16.44 36.65 -13.91
N ASP D 20 17.43 36.95 -14.75
CA ASP D 20 18.81 36.64 -14.37
C ASP D 20 19.25 37.46 -13.17
N ARG D 21 18.86 38.74 -13.12
CA ARG D 21 19.24 39.59 -12.00
C ARG D 21 18.46 39.24 -10.74
N LEU D 22 17.23 38.75 -10.88
CA LEU D 22 16.35 38.55 -9.73
C LEU D 22 17.07 37.79 -8.62
N LEU D 23 17.76 36.71 -8.97
CA LEU D 23 18.40 35.85 -7.98
C LEU D 23 19.79 36.33 -7.59
N ASP D 24 20.25 37.46 -8.12
CA ASP D 24 21.60 37.92 -7.87
C ASP D 24 21.78 38.21 -6.39
N GLY D 25 22.66 37.47 -5.73
CA GLY D 25 22.86 37.63 -4.30
C GLY D 25 21.71 37.12 -3.47
N TYR D 26 21.09 36.02 -3.89
CA TYR D 26 19.94 35.45 -3.20
C TYR D 26 20.37 34.18 -2.47
N ASP D 27 20.06 34.12 -1.17
CA ASP D 27 20.36 32.95 -0.35
C ASP D 27 19.04 32.27 0.00
N ASN D 28 18.82 31.08 -0.55
CA ASN D 28 17.60 30.34 -0.31
C ASN D 28 17.69 29.43 0.91
N ARG D 29 18.77 29.54 1.68
CA ARG D 29 18.82 28.88 2.97
C ARG D 29 18.21 29.72 4.08
N LEU D 30 17.87 30.97 3.78
CA LEU D 30 17.37 31.93 4.76
C LEU D 30 15.93 32.28 4.42
N ARG D 31 15.05 32.22 5.40
CA ARG D 31 13.66 32.56 5.15
C ARG D 31 13.52 34.05 4.87
N PRO D 32 12.50 34.46 4.13
CA PRO D 32 12.27 35.89 3.93
C PRO D 32 11.91 36.57 5.25
N GLY D 33 12.38 37.80 5.41
CA GLY D 33 12.19 38.50 6.66
C GLY D 33 12.94 37.89 7.81
N LEU D 34 14.18 37.45 7.58
CA LEU D 34 14.94 36.77 8.63
C LEU D 34 15.19 37.68 9.81
N GLY D 35 15.55 38.94 9.56
CA GLY D 35 15.83 39.89 10.62
C GLY D 35 14.77 40.94 10.86
N GLU D 36 13.60 40.83 10.24
CA GLU D 36 12.53 41.81 10.40
C GLU D 36 11.24 41.23 10.94
N ARG D 37 10.80 40.08 10.46
CA ARG D 37 9.45 39.61 10.71
C ARG D 37 9.46 38.17 11.14
N VAL D 38 8.29 37.70 11.54
CA VAL D 38 7.94 36.28 11.52
C VAL D 38 7.30 36.01 10.16
N THR D 39 7.93 35.17 9.36
CA THR D 39 7.39 34.89 8.03
C THR D 39 5.97 34.39 8.15
N GLU D 40 5.08 34.91 7.30
CA GLU D 40 3.65 34.69 7.43
C GLU D 40 3.13 34.16 6.09
N VAL D 41 2.74 32.89 6.07
CA VAL D 41 2.34 32.19 4.86
C VAL D 41 0.81 32.05 4.87
N LYS D 42 0.14 32.51 3.82
CA LYS D 42 -1.34 32.44 3.69
C LYS D 42 -1.67 31.21 2.87
N THR D 43 -2.41 30.25 3.41
CA THR D 43 -2.64 28.94 2.73
C THR D 43 -4.11 28.76 2.33
N ASP D 44 -4.36 28.05 1.23
CA ASP D 44 -5.71 27.76 0.71
C ASP D 44 -5.64 26.36 0.10
N ILE D 45 -6.67 25.53 0.27
CA ILE D 45 -6.71 24.16 -0.32
C ILE D 45 -7.97 24.01 -1.15
N PHE D 46 -7.84 23.62 -2.41
CA PHE D 46 -8.99 23.31 -3.29
C PHE D 46 -9.01 21.80 -3.51
N VAL D 47 -9.96 21.10 -2.90
CA VAL D 47 -10.06 19.65 -2.99
C VAL D 47 -10.74 19.32 -4.32
N THR D 48 -9.96 18.89 -5.30
CA THR D 48 -10.54 18.53 -6.59
C THR D 48 -11.33 17.24 -6.51
N SER D 49 -10.97 16.34 -5.60
CA SER D 49 -11.67 15.08 -5.45
C SER D 49 -11.33 14.46 -4.12
N PHE D 50 -12.34 14.25 -3.28
CA PHE D 50 -12.14 13.57 -1.99
C PHE D 50 -12.11 12.08 -2.26
N GLY D 51 -10.90 11.53 -2.37
CA GLY D 51 -10.69 10.18 -2.83
C GLY D 51 -11.32 9.14 -1.93
N PRO D 52 -11.07 7.88 -2.24
CA PRO D 52 -11.69 6.80 -1.48
C PRO D 52 -11.16 6.72 -0.05
N VAL D 53 -11.99 6.16 0.82
CA VAL D 53 -11.65 5.93 2.22
C VAL D 53 -11.49 4.44 2.41
N SER D 54 -10.35 4.03 2.95
CA SER D 54 -10.03 2.62 3.17
C SER D 54 -10.13 2.36 4.66
N ASP D 55 -11.27 1.81 5.11
CA ASP D 55 -11.42 1.48 6.51
C ASP D 55 -10.52 0.32 6.94
N HIS D 56 -10.09 -0.51 6.00
CA HIS D 56 -9.14 -1.57 6.34
C HIS D 56 -7.82 -0.97 6.83
N ASP D 57 -7.33 0.06 6.16
CA ASP D 57 -6.09 0.71 6.51
C ASP D 57 -6.27 1.93 7.41
N MET D 58 -7.52 2.30 7.72
CA MET D 58 -7.81 3.54 8.42
C MET D 58 -7.10 4.71 7.77
N GLU D 59 -7.37 4.91 6.48
CA GLU D 59 -6.79 6.02 5.74
C GLU D 59 -7.77 6.47 4.67
N TYR D 60 -7.52 7.64 4.11
CA TYR D 60 -8.31 8.18 3.02
C TYR D 60 -7.39 8.96 2.10
N THR D 61 -7.75 9.01 0.82
CA THR D 61 -7.00 9.76 -0.16
C THR D 61 -7.73 11.04 -0.53
N ILE D 62 -6.96 12.05 -0.89
CA ILE D 62 -7.51 13.35 -1.24
C ILE D 62 -6.57 14.00 -2.23
N ASP D 63 -7.14 14.62 -3.27
CA ASP D 63 -6.38 15.29 -4.30
C ASP D 63 -6.68 16.78 -4.23
N VAL D 64 -5.64 17.60 -4.08
CA VAL D 64 -5.80 19.00 -3.74
C VAL D 64 -4.90 19.88 -4.59
N PHE D 65 -5.28 21.14 -4.70
CA PHE D 65 -4.44 22.19 -5.31
C PHE D 65 -4.02 23.03 -4.11
N PHE D 66 -2.85 22.77 -3.51
CA PHE D 66 -2.38 23.46 -2.28
C PHE D 66 -1.76 24.80 -2.66
N ARG D 67 -2.44 25.90 -2.34
CA ARG D 67 -1.97 27.27 -2.69
C ARG D 67 -1.40 27.93 -1.44
N GLN D 68 -0.12 28.27 -1.42
CA GLN D 68 0.55 28.96 -0.31
C GLN D 68 1.09 30.29 -0.83
N SER D 69 0.84 31.39 -0.14
CA SER D 69 1.36 32.72 -0.53
C SER D 69 2.12 33.34 0.63
N TRP D 70 3.09 34.19 0.34
CA TRP D 70 3.89 34.90 1.35
C TRP D 70 4.63 36.03 0.63
N LYS D 71 5.41 36.78 1.39
CA LYS D 71 6.11 37.94 0.86
C LYS D 71 7.61 37.72 0.96
N ASP D 72 8.32 38.18 -0.08
CA ASP D 72 9.78 38.05 -0.17
C ASP D 72 10.29 39.37 -0.72
N GLU D 73 10.68 40.27 0.17
CA GLU D 73 11.19 41.56 -0.26
C GLU D 73 12.44 41.42 -1.13
N ARG D 74 13.16 40.31 -1.02
CA ARG D 74 14.36 40.11 -1.82
C ARG D 74 14.06 39.96 -3.30
N LEU D 75 12.81 39.72 -3.68
CA LEU D 75 12.43 39.47 -5.06
C LEU D 75 11.59 40.60 -5.65
N LYS D 76 11.66 41.80 -5.08
CA LYS D 76 11.02 42.94 -5.70
C LYS D 76 11.66 43.21 -7.06
N PHE D 77 10.84 43.65 -8.01
CA PHE D 77 11.34 43.99 -9.33
C PHE D 77 10.48 45.09 -9.93
N LYS D 78 11.05 45.82 -10.88
CA LYS D 78 10.35 46.85 -11.63
C LYS D 78 10.54 46.55 -13.10
N GLY D 79 9.45 46.59 -13.86
CA GLY D 79 9.51 46.27 -15.27
C GLY D 79 8.18 46.46 -15.97
N PRO D 80 8.14 46.14 -17.26
CA PRO D 80 6.88 46.27 -18.00
C PRO D 80 5.76 45.43 -17.44
N MET D 81 6.07 44.28 -16.87
CA MET D 81 5.06 43.34 -16.41
C MET D 81 4.80 43.50 -14.92
N THR D 82 3.57 43.22 -14.52
CA THR D 82 3.19 43.28 -13.11
C THR D 82 3.39 41.95 -12.41
N VAL D 83 2.99 40.86 -13.04
CA VAL D 83 3.07 39.51 -12.47
C VAL D 83 3.97 38.67 -13.36
N LEU D 84 4.92 37.97 -12.75
CA LEU D 84 5.99 37.28 -13.46
C LEU D 84 5.84 35.78 -13.27
N ARG D 85 5.83 35.04 -14.38
CA ARG D 85 5.73 33.58 -14.33
C ARG D 85 7.12 32.97 -14.24
N LEU D 86 7.23 31.94 -13.41
CA LEU D 86 8.49 31.27 -13.16
C LEU D 86 8.33 29.78 -13.39
N ASN D 87 9.45 29.11 -13.69
CA ASN D 87 9.46 27.70 -13.97
C ASN D 87 10.11 26.94 -12.81
N ASN D 88 9.95 25.61 -12.85
CA ASN D 88 10.43 24.77 -11.76
C ASN D 88 11.91 24.98 -11.48
N LEU D 89 12.70 25.21 -12.53
CA LEU D 89 14.13 25.46 -12.33
C LEU D 89 14.34 26.72 -11.50
N MET D 90 13.43 27.67 -11.58
CA MET D 90 13.54 28.89 -10.80
C MET D 90 12.98 28.69 -9.39
N ALA D 91 11.78 28.11 -9.29
CA ALA D 91 11.17 27.89 -7.99
C ALA D 91 12.04 27.02 -7.11
N SER D 92 12.89 26.17 -7.69
CA SER D 92 13.79 25.36 -6.90
C SER D 92 14.97 26.15 -6.36
N LYS D 93 15.11 27.40 -6.76
CA LYS D 93 16.25 28.23 -6.37
C LYS D 93 15.89 29.30 -5.35
N ILE D 94 14.60 29.52 -5.10
CA ILE D 94 14.15 30.48 -4.10
C ILE D 94 13.66 29.72 -2.88
N TRP D 95 13.50 30.44 -1.77
CA TRP D 95 12.99 29.86 -0.56
C TRP D 95 11.49 29.62 -0.68
N THR D 96 11.06 28.42 -0.33
CA THR D 96 9.65 28.08 -0.24
C THR D 96 9.38 27.47 1.12
N PRO D 97 8.18 27.66 1.68
CA PRO D 97 7.88 27.04 2.97
C PRO D 97 7.91 25.52 2.84
N ASP D 98 8.46 24.87 3.86
CA ASP D 98 8.60 23.41 3.84
C ASP D 98 7.44 22.75 4.60
N THR D 99 6.25 22.97 4.07
CA THR D 99 5.05 22.40 4.66
C THR D 99 5.06 20.89 4.53
N PHE D 100 4.55 20.21 5.55
CA PHE D 100 4.35 18.78 5.51
C PHE D 100 3.03 18.46 6.20
N PHE D 101 2.50 17.28 5.93
CA PHE D 101 1.22 16.86 6.49
C PHE D 101 1.49 15.97 7.68
N HIS D 102 0.98 16.37 8.85
CA HIS D 102 1.33 15.70 10.09
C HIS D 102 0.89 14.24 10.08
N ASN D 103 -0.34 13.98 9.66
CA ASN D 103 -0.88 12.63 9.60
C ASN D 103 -0.74 12.01 8.22
N GLY D 104 -0.05 12.67 7.30
CA GLY D 104 0.14 12.09 5.99
C GLY D 104 0.93 10.80 6.05
N LYS D 105 0.57 9.88 5.16
CA LYS D 105 1.24 8.58 5.07
C LYS D 105 2.16 8.50 3.87
N LYS D 106 1.65 8.76 2.66
CA LYS D 106 2.48 8.71 1.47
C LYS D 106 1.81 9.60 0.41
N SER D 107 2.35 10.80 0.25
CA SER D 107 1.84 11.77 -0.70
C SER D 107 2.70 11.76 -1.95
N VAL D 108 2.07 12.02 -3.10
CA VAL D 108 2.77 12.07 -4.38
C VAL D 108 2.52 13.44 -4.98
N ALA D 109 3.59 14.07 -5.45
CA ALA D 109 3.48 15.29 -6.24
C ALA D 109 3.52 14.92 -7.71
N HIS D 110 2.53 15.38 -8.47
CA HIS D 110 2.38 14.99 -9.86
C HIS D 110 3.36 15.77 -10.72
N ASN D 111 4.03 15.08 -11.63
CA ASN D 111 4.95 15.74 -12.57
C ASN D 111 4.82 15.16 -13.96
N MET D 112 3.60 15.01 -14.46
CA MET D 112 3.42 14.73 -15.88
C MET D 112 2.35 15.65 -16.43
N THR D 113 2.57 16.24 -17.60
CA THR D 113 3.76 16.03 -18.42
C THR D 113 4.96 16.81 -17.90
N MET D 114 4.71 17.74 -16.99
CA MET D 114 5.72 18.53 -16.33
C MET D 114 5.31 18.66 -14.87
N PRO D 115 6.22 19.07 -14.00
CA PRO D 115 5.84 19.25 -12.58
C PRO D 115 4.60 20.11 -12.48
N ASN D 116 3.63 19.64 -11.69
CA ASN D 116 2.36 20.36 -11.53
C ASN D 116 2.52 21.38 -10.40
N LYS D 117 3.36 22.37 -10.66
CA LYS D 117 3.60 23.47 -9.75
C LYS D 117 3.58 24.77 -10.54
N LEU D 118 3.26 25.85 -9.86
CA LEU D 118 3.30 27.18 -10.45
C LEU D 118 3.83 28.14 -9.42
N LEU D 119 4.66 29.08 -9.86
CA LEU D 119 5.20 30.12 -8.99
C LEU D 119 5.05 31.45 -9.68
N ARG D 120 4.28 32.35 -9.08
CA ARG D 120 4.09 33.70 -9.58
C ARG D 120 4.66 34.69 -8.58
N ILE D 121 5.31 35.74 -9.09
CA ILE D 121 5.82 36.83 -8.26
C ILE D 121 5.21 38.13 -8.76
N THR D 122 4.79 38.96 -7.82
CA THR D 122 4.30 40.31 -8.09
C THR D 122 5.43 41.32 -7.89
N GLU D 123 5.26 42.50 -8.47
CA GLU D 123 6.31 43.52 -8.40
C GLU D 123 6.70 43.83 -6.97
N ASP D 124 5.78 43.69 -6.02
CA ASP D 124 6.03 44.04 -4.63
C ASP D 124 6.64 42.90 -3.83
N GLY D 125 6.98 41.78 -4.47
CA GLY D 125 7.64 40.68 -3.80
C GLY D 125 6.72 39.61 -3.26
N THR D 126 5.43 39.66 -3.58
CA THR D 126 4.51 38.63 -3.11
C THR D 126 4.56 37.41 -4.02
N LEU D 127 4.61 36.23 -3.42
CA LEU D 127 4.71 34.99 -4.14
C LEU D 127 3.44 34.17 -3.96
N LEU D 128 3.01 33.47 -5.01
CA LEU D 128 1.90 32.51 -4.93
C LEU D 128 2.44 31.19 -5.47
N TYR D 129 2.54 30.16 -4.64
CA TYR D 129 3.09 28.84 -5.04
C TYR D 129 1.97 27.82 -4.97
N THR D 130 1.42 27.42 -6.11
CA THR D 130 0.35 26.40 -6.18
C THR D 130 0.97 25.05 -6.50
N MET D 131 0.45 23.98 -5.94
CA MET D 131 0.95 22.61 -6.16
C MET D 131 -0.21 21.64 -6.21
N ARG D 132 -0.28 20.79 -7.22
CA ARG D 132 -1.25 19.73 -7.30
C ARG D 132 -0.60 18.46 -6.76
N LEU D 133 -1.21 17.87 -5.74
CA LEU D 133 -0.61 16.71 -5.10
C LEU D 133 -1.68 15.87 -4.44
N THR D 134 -1.50 14.55 -4.51
CA THR D 134 -2.41 13.60 -3.87
C THR D 134 -1.86 13.23 -2.51
N VAL D 135 -2.71 13.29 -1.50
CA VAL D 135 -2.32 13.06 -0.11
C VAL D 135 -3.06 11.83 0.40
N ARG D 136 -2.31 10.89 0.95
CA ARG D 136 -2.86 9.75 1.66
C ARG D 136 -2.64 10.01 3.14
N ALA D 137 -3.72 10.24 3.89
CA ALA D 137 -3.64 10.67 5.27
C ALA D 137 -4.33 9.65 6.17
N GLU D 138 -3.96 9.69 7.44
CA GLU D 138 -4.49 8.75 8.41
C GLU D 138 -5.87 9.17 8.89
N CYS D 139 -6.76 8.19 9.03
CA CYS D 139 -8.16 8.40 9.39
C CYS D 139 -8.48 7.48 10.55
N PRO D 140 -8.05 7.80 11.76
CA PRO D 140 -8.33 6.92 12.90
C PRO D 140 -9.82 6.74 13.10
N MET D 141 -10.26 5.48 13.05
CA MET D 141 -11.68 5.14 12.97
C MET D 141 -12.11 4.40 14.21
N HIS D 142 -13.18 4.87 14.84
CA HIS D 142 -13.84 4.17 15.94
C HIS D 142 -15.05 3.46 15.35
N LEU D 143 -14.91 2.16 15.09
CA LEU D 143 -15.92 1.37 14.40
C LEU D 143 -16.84 0.63 15.37
N GLU D 144 -17.12 1.22 16.53
CA GLU D 144 -18.00 0.57 17.48
C GLU D 144 -19.42 0.45 16.95
N ASP D 145 -19.91 1.49 16.29
CA ASP D 145 -21.29 1.53 15.79
C ASP D 145 -21.39 1.09 14.35
N PHE D 146 -20.43 0.34 13.85
CA PHE D 146 -20.50 -0.15 12.49
C PHE D 146 -21.76 -0.99 12.31
N PRO D 147 -22.48 -0.87 11.19
CA PRO D 147 -22.24 -0.02 10.01
C PRO D 147 -22.99 1.31 10.08
N MET D 148 -23.09 1.86 11.28
CA MET D 148 -23.82 3.10 11.52
C MET D 148 -22.90 4.16 12.10
N ASP D 149 -21.64 4.11 11.73
CA ASP D 149 -20.59 4.93 12.31
C ASP D 149 -20.30 6.14 11.43
N ALA D 150 -20.19 7.30 12.07
CA ALA D 150 -19.82 8.55 11.41
C ALA D 150 -18.43 8.95 11.87
N HIS D 151 -17.59 9.36 10.93
CA HIS D 151 -16.20 9.68 11.19
C HIS D 151 -15.90 11.12 10.78
N ALA D 152 -14.92 11.72 11.44
CA ALA D 152 -14.55 13.11 11.25
C ALA D 152 -13.04 13.25 11.15
N CYS D 153 -12.42 12.50 10.25
CA CYS D 153 -10.97 12.39 10.33
C CYS D 153 -10.25 13.48 9.53
N PRO D 154 -9.09 13.95 10.04
CA PRO D 154 -8.56 15.26 9.68
C PRO D 154 -7.56 15.30 8.53
N LEU D 155 -7.11 16.52 8.23
CA LEU D 155 -5.94 16.77 7.39
C LEU D 155 -5.18 17.91 8.06
N LYS D 156 -4.05 17.59 8.68
CA LYS D 156 -3.28 18.55 9.47
C LYS D 156 -1.92 18.77 8.82
N PHE D 157 -1.56 20.03 8.62
CA PHE D 157 -0.30 20.37 8.00
C PHE D 157 0.35 21.54 8.72
N GLY D 158 1.63 21.72 8.47
CA GLY D 158 2.37 22.79 9.11
C GLY D 158 3.79 22.75 8.64
N SER D 159 4.66 23.47 9.33
CA SER D 159 6.05 23.58 8.94
C SER D 159 6.91 22.58 9.70
N TYR D 160 7.86 22.00 9.00
CA TYR D 160 8.95 21.23 9.58
C TYR D 160 10.17 22.13 9.68
N ALA D 161 10.78 22.19 10.85
CA ALA D 161 12.01 22.93 11.11
C ALA D 161 11.83 24.41 11.37
N TYR D 162 10.62 24.97 11.32
CA TYR D 162 10.39 26.38 11.61
C TYR D 162 9.32 26.47 12.69
N THR D 163 9.68 26.97 13.86
CA THR D 163 8.74 27.11 14.94
C THR D 163 7.87 28.34 14.72
N ARG D 164 6.84 28.47 15.56
CA ARG D 164 5.90 29.57 15.41
C ARG D 164 6.58 30.92 15.54
N ALA D 165 7.78 30.95 16.10
CA ALA D 165 8.57 32.16 16.18
C ALA D 165 9.27 32.50 14.87
N GLU D 166 9.20 31.63 13.88
CA GLU D 166 9.84 31.84 12.59
C GLU D 166 8.85 31.84 11.43
N VAL D 167 7.94 30.88 11.37
CA VAL D 167 6.95 30.80 10.31
C VAL D 167 5.59 30.50 10.94
N VAL D 168 4.57 31.26 10.55
CA VAL D 168 3.21 31.04 11.00
C VAL D 168 2.30 30.98 9.79
N TYR D 169 1.34 30.06 9.83
CA TYR D 169 0.40 29.86 8.74
C TYR D 169 -0.93 30.51 9.09
N GLU D 170 -1.58 31.08 8.08
CA GLU D 170 -2.91 31.64 8.22
C GLU D 170 -3.72 31.25 6.99
N TRP D 171 -5.03 31.16 7.17
CA TRP D 171 -5.92 30.89 6.05
C TRP D 171 -6.10 32.16 5.24
N THR D 172 -5.99 32.03 3.91
CA THR D 172 -5.99 33.22 3.06
C THR D 172 -7.30 33.98 3.14
N ARG D 173 -8.41 33.28 3.34
CA ARG D 173 -9.74 33.91 3.47
C ARG D 173 -10.29 33.48 4.82
N GLU D 174 -11.52 33.85 5.14
CA GLU D 174 -12.16 33.34 6.34
C GLU D 174 -11.96 31.82 6.38
N PRO D 175 -11.63 31.24 7.54
CA PRO D 175 -11.24 29.83 7.55
C PRO D 175 -12.24 28.90 6.87
N ALA D 176 -13.54 29.10 7.09
CA ALA D 176 -14.52 28.17 6.54
C ALA D 176 -14.55 28.18 5.02
N ARG D 177 -14.14 29.30 4.41
CA ARG D 177 -14.13 29.40 2.95
C ARG D 177 -12.74 29.19 2.35
N SER D 178 -11.76 28.80 3.16
CA SER D 178 -10.41 28.56 2.66
C SER D 178 -10.18 27.12 2.24
N VAL D 179 -11.06 26.20 2.58
CA VAL D 179 -11.01 24.82 2.11
C VAL D 179 -12.27 24.59 1.28
N VAL D 180 -12.11 24.41 -0.03
CA VAL D 180 -13.25 24.29 -0.98
C VAL D 180 -13.21 22.96 -1.69
N VAL D 181 -14.29 22.17 -1.62
CA VAL D 181 -14.40 20.85 -2.23
C VAL D 181 -15.18 21.00 -3.52
N ALA D 182 -14.66 20.42 -4.60
CA ALA D 182 -15.34 20.48 -5.87
C ALA D 182 -16.69 19.78 -5.77
N GLU D 183 -17.64 20.23 -6.60
CA GLU D 183 -18.98 19.67 -6.53
C GLU D 183 -18.99 18.20 -6.89
N ASP D 184 -18.27 17.83 -7.94
CA ASP D 184 -18.14 16.44 -8.35
C ASP D 184 -16.90 15.78 -7.77
N GLY D 185 -16.34 16.35 -6.70
CA GLY D 185 -15.11 15.82 -6.16
C GLY D 185 -15.28 14.44 -5.53
N SER D 186 -16.38 14.24 -4.81
CA SER D 186 -16.56 13.02 -4.03
C SER D 186 -16.32 11.77 -4.87
N ARG D 187 -15.29 11.01 -4.50
CA ARG D 187 -15.03 9.70 -5.06
C ARG D 187 -15.37 8.59 -4.06
N LEU D 188 -16.32 8.87 -3.17
CA LEU D 188 -16.71 7.92 -2.14
C LEU D 188 -17.90 7.10 -2.62
N ASN D 189 -17.83 5.80 -2.36
CA ASN D 189 -18.95 4.92 -2.68
C ASN D 189 -19.59 4.29 -1.46
N GLN D 190 -18.92 4.27 -0.32
CA GLN D 190 -19.48 3.72 0.90
C GLN D 190 -19.68 4.76 1.99
N TYR D 191 -19.36 6.02 1.72
CA TYR D 191 -19.51 7.11 2.67
C TYR D 191 -20.22 8.28 2.01
N ASP D 192 -20.52 9.29 2.80
CA ASP D 192 -21.15 10.51 2.32
C ASP D 192 -20.50 11.69 3.05
N LEU D 193 -20.09 12.70 2.29
CA LEU D 193 -19.31 13.82 2.82
C LEU D 193 -20.28 14.91 3.27
N LEU D 194 -20.49 15.02 4.58
CA LEU D 194 -21.44 16.00 5.09
C LEU D 194 -20.88 17.42 5.03
N GLY D 195 -19.59 17.58 5.29
CA GLY D 195 -18.98 18.89 5.29
C GLY D 195 -17.63 18.84 5.98
N GLN D 196 -17.07 20.03 6.22
CA GLN D 196 -15.76 20.11 6.84
C GLN D 196 -15.72 21.26 7.83
N THR D 197 -14.76 21.18 8.74
CA THR D 197 -14.47 22.23 9.70
C THR D 197 -12.97 22.49 9.68
N VAL D 198 -12.59 23.76 9.67
CA VAL D 198 -11.18 24.14 9.66
C VAL D 198 -10.85 24.80 10.98
N ASP D 199 -9.57 24.79 11.32
CA ASP D 199 -9.11 25.28 12.60
C ASP D 199 -7.61 25.50 12.52
N SER D 200 -7.09 26.23 13.50
CA SER D 200 -5.66 26.45 13.66
C SER D 200 -5.26 26.01 15.05
N GLY D 201 -3.96 25.94 15.29
CA GLY D 201 -3.50 25.50 16.58
C GLY D 201 -2.00 25.50 16.70
N ILE D 202 -1.53 24.96 17.81
CA ILE D 202 -0.10 24.87 18.10
C ILE D 202 0.19 23.48 18.64
N VAL D 203 1.30 22.91 18.21
CA VAL D 203 1.77 21.61 18.67
C VAL D 203 3.12 21.82 19.34
N GLN D 204 3.23 21.35 20.58
CA GLN D 204 4.47 21.47 21.36
C GLN D 204 5.33 20.24 21.13
N SER D 205 6.60 20.46 20.84
CA SER D 205 7.58 19.40 20.64
C SER D 205 8.80 19.68 21.49
N SER D 206 9.77 18.78 21.44
CA SER D 206 11.03 19.01 22.13
C SER D 206 11.87 20.08 21.45
N THR D 207 11.55 20.42 20.20
CA THR D 207 12.28 21.44 19.46
C THR D 207 11.57 22.78 19.45
N GLY D 208 10.40 22.88 20.05
CA GLY D 208 9.70 24.13 20.16
C GLY D 208 8.23 23.94 19.88
N GLU D 209 7.55 25.06 19.66
CA GLU D 209 6.13 25.07 19.35
C GLU D 209 5.95 25.38 17.88
N TYR D 210 5.05 24.65 17.24
CA TYR D 210 4.82 24.75 15.80
C TYR D 210 3.35 25.01 15.54
N VAL D 211 3.08 25.79 14.50
CA VAL D 211 1.72 26.05 14.08
C VAL D 211 1.19 24.85 13.32
N VAL D 212 -0.07 24.49 13.58
CA VAL D 212 -0.75 23.40 12.91
C VAL D 212 -2.04 23.94 12.31
N MET D 213 -2.30 23.60 11.06
CA MET D 213 -3.54 23.94 10.37
C MET D 213 -4.30 22.65 10.13
N THR D 214 -5.49 22.54 10.72
CA THR D 214 -6.25 21.31 10.68
C THR D 214 -7.55 21.51 9.92
N THR D 215 -8.03 20.42 9.32
CA THR D 215 -9.31 20.41 8.63
C THR D 215 -9.93 19.05 8.83
N HIS D 216 -11.16 19.01 9.32
CA HIS D 216 -11.86 17.76 9.55
C HIS D 216 -12.97 17.62 8.51
N PHE D 217 -12.93 16.52 7.76
CA PHE D 217 -13.98 16.18 6.83
C PHE D 217 -14.90 15.16 7.52
N HIS D 218 -16.19 15.46 7.56
CA HIS D 218 -17.14 14.66 8.31
C HIS D 218 -17.84 13.69 7.37
N LEU D 219 -17.76 12.40 7.70
CA LEU D 219 -18.28 11.33 6.86
C LEU D 219 -19.35 10.54 7.61
N LYS D 220 -20.29 10.00 6.85
CA LYS D 220 -21.38 9.18 7.38
C LYS D 220 -21.53 7.97 6.48
N ARG D 221 -21.43 6.78 7.07
CA ARG D 221 -21.47 5.56 6.27
C ARG D 221 -22.87 5.29 5.76
N LYS D 222 -22.96 4.77 4.54
CA LYS D 222 -24.23 4.34 3.98
C LYS D 222 -24.57 2.94 4.45
N ILE D 223 -25.86 2.70 4.70
CA ILE D 223 -26.30 1.47 5.34
C ILE D 223 -27.00 0.51 4.38
N GLY D 224 -27.48 0.98 3.23
CA GLY D 224 -28.36 0.15 2.41
C GLY D 224 -27.74 -1.18 2.04
N TYR D 225 -26.46 -1.17 1.70
CA TYR D 225 -25.77 -2.40 1.31
C TYR D 225 -25.80 -3.41 2.44
N PHE D 226 -25.38 -3.00 3.64
CA PHE D 226 -25.35 -3.91 4.77
C PHE D 226 -26.74 -4.38 5.12
N VAL D 227 -27.73 -3.49 5.07
CA VAL D 227 -29.11 -3.93 5.27
C VAL D 227 -29.41 -5.07 4.33
N ILE D 228 -29.39 -4.78 3.03
CA ILE D 228 -29.96 -5.70 2.04
C ILE D 228 -29.11 -6.96 1.86
N GLN D 229 -27.90 -7.00 2.39
CA GLN D 229 -27.07 -8.19 2.19
C GLN D 229 -26.61 -8.87 3.48
N THR D 230 -26.85 -8.28 4.66
CA THR D 230 -26.57 -8.96 5.91
C THR D 230 -27.82 -9.04 6.79
N TYR D 231 -28.52 -7.92 6.97
CA TYR D 231 -29.56 -7.87 7.98
C TYR D 231 -30.77 -8.67 7.57
N LEU D 232 -31.23 -8.48 6.33
CA LEU D 232 -32.42 -9.20 5.88
C LEU D 232 -32.20 -10.70 5.83
N PRO D 233 -31.10 -11.21 5.27
CA PRO D 233 -30.89 -12.67 5.33
C PRO D 233 -30.90 -13.22 6.74
N CYS D 234 -30.29 -12.52 7.70
CA CYS D 234 -30.26 -13.02 9.06
C CYS D 234 -31.63 -12.99 9.70
N ILE D 235 -32.36 -11.90 9.52
CA ILE D 235 -33.73 -11.80 10.04
C ILE D 235 -34.58 -12.93 9.47
N MET D 236 -34.43 -13.20 8.16
CA MET D 236 -35.27 -14.22 7.54
C MET D 236 -34.86 -15.62 7.95
N THR D 237 -33.57 -15.86 8.21
CA THR D 237 -33.18 -17.16 8.76
C THR D 237 -33.78 -17.36 10.14
N VAL D 238 -33.79 -16.32 10.97
CA VAL D 238 -34.44 -16.43 12.27
C VAL D 238 -35.92 -16.71 12.09
N ILE D 239 -36.55 -16.03 11.13
CA ILE D 239 -37.96 -16.27 10.85
C ILE D 239 -38.20 -17.72 10.49
N LEU D 240 -37.34 -18.30 9.65
CA LEU D 240 -37.47 -19.72 9.32
C LEU D 240 -37.38 -20.60 10.56
N SER D 241 -36.32 -20.39 11.34
CA SER D 241 -36.13 -21.17 12.55
C SER D 241 -37.41 -21.17 13.37
N GLN D 242 -38.07 -20.01 13.44
CA GLN D 242 -39.32 -19.93 14.20
C GLN D 242 -40.46 -20.61 13.46
N VAL D 243 -40.49 -20.50 12.12
CA VAL D 243 -41.49 -21.20 11.32
C VAL D 243 -41.49 -22.68 11.64
N SER D 244 -40.36 -23.20 12.12
CA SER D 244 -40.33 -24.61 12.48
C SER D 244 -41.44 -24.98 13.46
N PHE D 245 -41.87 -24.06 14.32
CA PHE D 245 -42.79 -24.38 15.41
C PHE D 245 -44.19 -24.75 14.95
N TRP D 246 -44.65 -24.26 13.81
CA TRP D 246 -45.99 -24.56 13.33
C TRP D 246 -46.12 -25.92 12.66
N LEU D 247 -45.05 -26.70 12.55
CA LEU D 247 -45.18 -28.07 12.07
C LEU D 247 -45.69 -28.97 13.19
N ASN D 248 -45.83 -30.25 12.90
CA ASN D 248 -46.30 -31.24 13.86
C ASN D 248 -45.13 -32.00 14.47
N ARG D 249 -45.30 -32.44 15.72
CA ARG D 249 -44.20 -33.06 16.43
C ARG D 249 -43.77 -34.39 15.80
N GLU D 250 -44.68 -35.14 15.18
CA GLU D 250 -44.30 -36.42 14.60
C GLU D 250 -43.39 -36.27 13.38
N SER D 251 -43.22 -35.04 12.86
CA SER D 251 -42.29 -34.78 11.76
C SER D 251 -40.89 -34.51 12.31
N VAL D 252 -40.39 -35.49 13.07
CA VAL D 252 -39.08 -35.33 13.72
C VAL D 252 -37.97 -35.12 12.70
N PRO D 253 -37.86 -35.92 11.64
CA PRO D 253 -36.76 -35.67 10.68
C PRO D 253 -36.85 -34.29 10.06
N ALA D 254 -38.07 -33.85 9.74
CA ALA D 254 -38.25 -32.53 9.16
C ALA D 254 -37.76 -31.45 10.11
N ARG D 255 -38.19 -31.51 11.38
CA ARG D 255 -37.80 -30.47 12.32
C ARG D 255 -36.29 -30.48 12.55
N THR D 256 -35.70 -31.67 12.66
CA THR D 256 -34.26 -31.74 12.94
C THR D 256 -33.45 -31.19 11.77
N VAL D 257 -33.72 -31.69 10.56
CA VAL D 257 -32.99 -31.18 9.40
C VAL D 257 -33.21 -29.70 9.26
N PHE D 258 -34.43 -29.24 9.51
CA PHE D 258 -34.75 -27.83 9.35
C PHE D 258 -33.87 -27.00 10.27
N GLY D 259 -33.85 -27.35 11.56
CA GLY D 259 -33.07 -26.58 12.51
C GLY D 259 -31.58 -26.61 12.22
N VAL D 260 -31.07 -27.79 11.88
CA VAL D 260 -29.62 -27.89 11.69
C VAL D 260 -29.19 -27.14 10.44
N THR D 261 -29.97 -27.23 9.35
CA THR D 261 -29.64 -26.47 8.15
C THR D 261 -29.82 -24.98 8.37
N THR D 262 -30.77 -24.57 9.22
CA THR D 262 -30.88 -23.16 9.54
C THR D 262 -29.65 -22.67 10.28
N VAL D 263 -29.14 -23.47 11.22
CA VAL D 263 -27.91 -23.09 11.91
C VAL D 263 -26.75 -23.01 10.92
N LEU D 264 -26.70 -23.95 9.97
CA LEU D 264 -25.63 -23.92 8.96
C LEU D 264 -25.70 -22.64 8.14
N THR D 265 -26.90 -22.25 7.71
CA THR D 265 -27.05 -21.00 6.95
C THR D 265 -26.66 -19.81 7.80
N MET D 266 -26.99 -19.84 9.09
CA MET D 266 -26.64 -18.73 9.96
C MET D 266 -25.13 -18.58 10.09
N THR D 267 -24.42 -19.71 10.23
CA THR D 267 -22.96 -19.64 10.27
C THR D 267 -22.41 -19.11 8.96
N THR D 268 -22.99 -19.53 7.82
CA THR D 268 -22.55 -19.01 6.54
C THR D 268 -22.70 -17.49 6.48
N LEU D 269 -23.87 -16.99 6.89
CA LEU D 269 -24.09 -15.54 6.89
C LEU D 269 -23.10 -14.83 7.80
N SER D 270 -22.87 -15.35 9.00
CA SER D 270 -21.98 -14.68 9.93
C SER D 270 -20.56 -14.63 9.38
N ILE D 271 -20.10 -15.74 8.80
CA ILE D 271 -18.77 -15.75 8.20
C ILE D 271 -18.68 -14.70 7.11
N SER D 272 -19.69 -14.64 6.24
CA SER D 272 -19.64 -13.68 5.14
C SER D 272 -19.60 -12.25 5.67
N ALA D 273 -20.44 -11.94 6.67
CA ALA D 273 -20.49 -10.58 7.19
C ALA D 273 -19.15 -10.17 7.81
N ARG D 274 -18.62 -11.00 8.70
CA ARG D 274 -17.37 -10.65 9.35
C ARG D 274 -16.22 -10.58 8.36
N ASN D 275 -16.19 -11.50 7.40
CA ASN D 275 -15.19 -11.42 6.34
C ASN D 275 -15.32 -10.14 5.54
N SER D 276 -16.52 -9.59 5.45
CA SER D 276 -16.68 -8.27 4.83
C SER D 276 -16.06 -7.18 5.70
N LEU D 277 -16.37 -7.18 6.99
CA LEU D 277 -15.83 -6.15 7.87
C LEU D 277 -14.32 -6.35 8.08
N PRO D 278 -13.56 -5.27 8.28
CA PRO D 278 -12.16 -5.42 8.69
C PRO D 278 -12.01 -6.05 10.06
N LYS D 279 -10.78 -6.44 10.37
CA LYS D 279 -10.47 -7.31 11.52
C LYS D 279 -10.17 -6.47 12.76
N VAL D 280 -11.23 -5.95 13.36
CA VAL D 280 -11.14 -5.17 14.60
C VAL D 280 -11.55 -6.05 15.76
N ALA D 281 -10.76 -6.02 16.82
CA ALA D 281 -10.94 -6.93 17.96
C ALA D 281 -11.81 -6.27 19.02
N TYR D 282 -13.10 -6.18 18.71
CA TYR D 282 -14.13 -5.71 19.63
C TYR D 282 -15.47 -5.78 18.90
N ALA D 283 -16.55 -5.53 19.63
CA ALA D 283 -17.89 -5.85 19.18
C ALA D 283 -18.53 -4.63 18.53
N THR D 284 -19.07 -4.82 17.33
CA THR D 284 -19.80 -3.78 16.61
C THR D 284 -21.28 -4.13 16.59
N ALA D 285 -22.10 -3.12 16.24
CA ALA D 285 -23.54 -3.32 16.19
C ALA D 285 -23.90 -4.50 15.31
N MET D 286 -23.18 -4.67 14.20
CA MET D 286 -23.44 -5.81 13.33
C MET D 286 -23.16 -7.11 14.06
N ASP D 287 -22.09 -7.15 14.85
CA ASP D 287 -21.78 -8.35 15.63
C ASP D 287 -22.88 -8.63 16.66
N TRP D 288 -23.37 -7.59 17.31
CA TRP D 288 -24.45 -7.81 18.28
C TRP D 288 -25.67 -8.40 17.60
N PHE D 289 -26.07 -7.83 16.46
CA PHE D 289 -27.22 -8.38 15.74
C PHE D 289 -26.96 -9.83 15.34
N ILE D 290 -25.77 -10.12 14.81
CA ILE D 290 -25.45 -11.48 14.39
C ILE D 290 -25.57 -12.44 15.56
N ALA D 291 -24.96 -12.08 16.69
CA ALA D 291 -24.95 -12.98 17.83
C ALA D 291 -26.35 -13.22 18.38
N VAL D 292 -27.16 -12.17 18.48
CA VAL D 292 -28.50 -12.33 19.03
C VAL D 292 -29.36 -13.19 18.10
N CYS D 293 -29.28 -12.94 16.80
CA CYS D 293 -30.05 -13.77 15.87
C CYS D 293 -29.59 -15.22 15.91
N TYR D 294 -28.27 -15.43 16.00
CA TYR D 294 -27.74 -16.78 16.06
C TYR D 294 -28.21 -17.49 17.32
N ALA D 295 -28.29 -16.74 18.43
CA ALA D 295 -28.81 -17.29 19.67
C ALA D 295 -30.27 -17.67 19.53
N PHE D 296 -31.07 -16.85 18.83
CA PHE D 296 -32.46 -17.22 18.61
C PHE D 296 -32.58 -18.52 17.83
N VAL D 297 -31.78 -18.69 16.77
CA VAL D 297 -31.83 -19.93 16.00
C VAL D 297 -31.45 -21.12 16.89
N PHE D 298 -30.37 -20.98 17.64
CA PHE D 298 -29.92 -22.06 18.52
C PHE D 298 -31.00 -22.41 19.54
N SER D 299 -31.61 -21.40 20.14
CA SER D 299 -32.62 -21.64 21.16
C SER D 299 -33.84 -22.32 20.57
N ALA D 300 -34.22 -21.97 19.35
CA ALA D 300 -35.32 -22.67 18.70
C ALA D 300 -34.99 -24.15 18.52
N LEU D 301 -33.77 -24.45 18.07
CA LEU D 301 -33.41 -25.85 17.89
C LEU D 301 -33.44 -26.62 19.21
N ILE D 302 -32.87 -26.04 20.27
CA ILE D 302 -32.85 -26.75 21.54
C ILE D 302 -34.26 -26.89 22.11
N GLU D 303 -35.11 -25.88 21.90
CA GLU D 303 -36.50 -25.98 22.34
C GLU D 303 -37.20 -27.12 21.62
N PHE D 304 -36.98 -27.26 20.32
CA PHE D 304 -37.56 -28.40 19.62
C PHE D 304 -37.06 -29.70 20.21
N ALA D 305 -35.78 -29.75 20.57
CA ALA D 305 -35.24 -30.96 21.18
C ALA D 305 -35.98 -31.29 22.47
N THR D 306 -36.25 -30.27 23.30
CA THR D 306 -36.97 -30.51 24.54
C THR D 306 -38.39 -30.99 24.26
N VAL D 307 -39.05 -30.40 23.26
CA VAL D 307 -40.41 -30.83 22.91
C VAL D 307 -40.40 -32.29 22.49
N ASN D 308 -39.44 -32.66 21.65
CA ASN D 308 -39.36 -34.05 21.21
C ASN D 308 -39.09 -34.98 22.37
N TYR D 309 -38.22 -34.58 23.29
CA TYR D 309 -37.96 -35.39 24.47
C TYR D 309 -39.24 -35.62 25.26
N PHE D 310 -39.95 -34.54 25.61
CA PHE D 310 -41.13 -34.67 26.45
C PHE D 310 -42.31 -35.28 25.72
N THR D 311 -42.25 -35.42 24.40
CA THR D 311 -43.24 -36.24 23.73
C THR D 311 -43.06 -37.70 24.14
N LYS D 312 -44.16 -38.45 24.11
CA LYS D 312 -44.26 -39.85 24.49
C LYS D 312 -44.22 -40.04 26.00
N SER D 313 -43.97 -39.01 26.79
CA SER D 313 -43.91 -39.14 28.23
C SER D 313 -44.73 -38.08 28.95
N GLN D 314 -44.72 -36.84 28.46
CA GLN D 314 -45.55 -35.76 28.98
C GLN D 314 -46.13 -34.99 27.80
N PRO D 315 -47.04 -35.61 27.04
CA PRO D 315 -47.57 -34.92 25.85
C PRO D 315 -48.25 -33.60 26.16
N ALA D 316 -48.92 -33.50 27.31
CA ALA D 316 -49.58 -32.25 27.67
C ALA D 316 -48.56 -31.12 27.81
N ARG D 317 -47.49 -31.37 28.56
CA ARG D 317 -46.46 -30.35 28.73
C ARG D 317 -45.72 -30.08 27.43
N ALA D 318 -45.53 -31.11 26.59
CA ALA D 318 -44.89 -30.89 25.30
C ALA D 318 -45.70 -29.92 24.46
N ALA D 319 -47.01 -30.14 24.36
CA ALA D 319 -47.86 -29.22 23.61
C ALA D 319 -47.87 -27.84 24.25
N LYS D 320 -47.88 -27.78 25.59
CA LYS D 320 -47.89 -26.49 26.26
C LYS D 320 -46.63 -25.69 25.90
N ILE D 321 -45.46 -26.34 25.95
CA ILE D 321 -44.24 -25.61 25.65
C ILE D 321 -44.16 -25.27 24.17
N ASP D 322 -44.69 -26.11 23.29
CA ASP D 322 -44.72 -25.75 21.88
C ASP D 322 -45.55 -24.48 21.68
N ARG D 323 -46.72 -24.41 22.31
CA ARG D 323 -47.55 -23.22 22.20
C ARG D 323 -46.83 -22.01 22.79
N LEU D 324 -46.18 -22.19 23.94
CA LEU D 324 -45.49 -21.08 24.59
C LEU D 324 -44.35 -20.55 23.74
N SER D 325 -43.53 -21.44 23.16
CA SER D 325 -42.45 -21.01 22.29
C SER D 325 -43.00 -20.28 21.07
N ARG D 326 -44.04 -20.87 20.46
CA ARG D 326 -44.71 -20.25 19.33
C ARG D 326 -45.10 -18.81 19.65
N ILE D 327 -45.64 -18.60 20.85
CA ILE D 327 -46.10 -17.26 21.23
C ILE D 327 -44.94 -16.33 21.57
N ALA D 328 -43.91 -16.85 22.24
CA ALA D 328 -42.89 -15.99 22.85
C ALA D 328 -41.79 -15.60 21.89
N PHE D 329 -41.20 -16.56 21.18
CA PHE D 329 -40.01 -16.26 20.38
C PHE D 329 -40.22 -15.09 19.43
N PRO D 330 -41.29 -15.03 18.64
CA PRO D 330 -41.50 -13.84 17.80
C PRO D 330 -41.58 -12.54 18.59
N LEU D 331 -42.21 -12.54 19.76
CA LEU D 331 -42.27 -11.32 20.55
C LEU D 331 -40.88 -10.89 21.01
N LEU D 332 -40.06 -11.84 21.47
CA LEU D 332 -38.70 -11.49 21.86
C LEU D 332 -37.92 -10.91 20.69
N PHE D 333 -38.03 -11.55 19.52
CA PHE D 333 -37.29 -11.04 18.37
C PHE D 333 -37.78 -9.65 17.95
N GLY D 334 -39.09 -9.44 17.96
CA GLY D 334 -39.61 -8.13 17.61
C GLY D 334 -39.16 -7.05 18.56
N ILE D 335 -39.20 -7.34 19.86
CA ILE D 335 -38.74 -6.37 20.85
C ILE D 335 -37.26 -6.09 20.65
N PHE D 336 -36.46 -7.13 20.40
CA PHE D 336 -35.03 -6.91 20.20
C PHE D 336 -34.77 -6.05 18.98
N ASN D 337 -35.49 -6.30 17.88
CA ASN D 337 -35.31 -5.47 16.70
C ASN D 337 -35.67 -4.02 17.00
N LEU D 338 -36.81 -3.80 17.65
CA LEU D 338 -37.20 -2.42 17.96
C LEU D 338 -36.12 -1.73 18.78
N VAL D 339 -35.68 -2.37 19.85
CA VAL D 339 -34.70 -1.76 20.75
C VAL D 339 -33.40 -1.49 20.01
N TYR D 340 -32.90 -2.49 19.27
CA TYR D 340 -31.62 -2.36 18.57
C TYR D 340 -31.66 -1.23 17.56
N TRP D 341 -32.66 -1.25 16.67
CA TRP D 341 -32.71 -0.25 15.62
C TRP D 341 -32.91 1.14 16.21
N ALA D 342 -33.76 1.27 17.23
CA ALA D 342 -33.94 2.58 17.85
C ALA D 342 -32.65 3.08 18.47
N THR D 343 -31.99 2.24 19.26
CA THR D 343 -30.81 2.69 20.00
C THR D 343 -29.66 3.02 19.07
N TYR D 344 -29.57 2.33 17.93
CA TYR D 344 -28.49 2.61 17.00
C TYR D 344 -28.85 3.62 15.91
N LEU D 345 -30.11 4.03 15.81
CA LEU D 345 -30.48 5.09 14.89
C LEU D 345 -30.66 6.45 15.55
N ASN D 346 -30.97 6.48 16.85
CA ASN D 346 -30.98 7.77 17.53
C ASN D 346 -29.61 8.43 17.50
N ARG D 347 -28.56 7.65 17.70
CA ARG D 347 -27.20 8.17 17.54
C ARG D 347 -27.00 8.61 16.09
N GLU E 61 26.83 39.21 1.98
CA GLU E 61 26.18 40.46 2.39
C GLU E 61 25.61 40.35 3.80
N GLY E 62 24.55 39.57 3.95
CA GLY E 62 23.95 39.39 5.25
C GLY E 62 24.88 38.67 6.22
N ASP E 63 24.59 38.82 7.51
CA ASP E 63 25.45 38.25 8.53
C ASP E 63 25.41 36.72 8.48
N VAL E 64 24.20 36.15 8.46
CA VAL E 64 24.08 34.69 8.47
C VAL E 64 24.63 34.09 7.19
N THR E 65 24.45 34.78 6.06
CA THR E 65 25.00 34.27 4.81
C THR E 65 26.52 34.17 4.88
N VAL E 66 27.17 35.19 5.45
CA VAL E 66 28.61 35.14 5.59
C VAL E 66 29.02 34.02 6.54
N ILE E 67 28.27 33.84 7.63
CA ILE E 67 28.59 32.75 8.55
C ILE E 67 28.54 31.42 7.82
N LEU E 68 27.49 31.19 7.05
CA LEU E 68 27.34 29.92 6.35
C LEU E 68 28.43 29.72 5.32
N ASN E 69 28.71 30.77 4.53
CA ASN E 69 29.74 30.66 3.50
C ASN E 69 31.09 30.36 4.12
N ASN E 70 31.38 30.94 5.29
CA ASN E 70 32.64 30.64 5.95
C ASN E 70 32.65 29.22 6.51
N LEU E 71 31.53 28.76 7.05
CA LEU E 71 31.48 27.40 7.60
C LEU E 71 31.74 26.38 6.51
N LEU E 72 31.14 26.56 5.34
CA LEU E 72 31.27 25.58 4.27
C LEU E 72 32.59 25.67 3.53
N GLU E 73 33.42 26.67 3.82
CA GLU E 73 34.69 26.82 3.12
C GLU E 73 35.75 25.94 3.76
N GLY E 74 36.42 25.15 2.93
CA GLY E 74 37.41 24.21 3.43
C GLY E 74 36.79 23.10 4.24
N TYR E 75 35.63 22.61 3.83
CA TYR E 75 34.91 21.56 4.54
C TYR E 75 34.90 20.31 3.66
N ASP E 76 35.26 19.18 4.25
CA ASP E 76 35.22 17.89 3.57
C ASP E 76 34.14 17.05 4.23
N ASN E 77 33.04 16.83 3.52
CA ASN E 77 31.94 16.06 4.08
C ASN E 77 32.14 14.55 3.92
N LYS E 78 33.24 14.12 3.30
CA LYS E 78 33.56 12.71 3.25
C LYS E 78 34.22 12.21 4.53
N LEU E 79 34.71 13.11 5.37
CA LEU E 79 35.45 12.75 6.58
C LEU E 79 34.61 13.10 7.79
N ARG E 80 34.43 12.13 8.67
CA ARG E 80 33.66 12.38 9.89
C ARG E 80 34.43 13.32 10.80
N PRO E 81 33.76 14.02 11.70
CA PRO E 81 34.50 14.84 12.67
C PRO E 81 35.40 13.97 13.52
N ASP E 82 36.68 14.37 13.60
CA ASP E 82 37.69 13.62 14.32
C ASP E 82 37.97 12.28 13.66
N ILE E 83 38.26 12.32 12.35
CA ILE E 83 38.40 11.09 11.58
C ILE E 83 39.55 10.24 12.10
N GLY E 84 40.50 10.81 12.82
CA GLY E 84 41.63 10.05 13.31
C GLY E 84 42.04 10.39 14.72
N VAL E 85 41.07 10.78 15.55
CA VAL E 85 41.37 11.26 16.89
C VAL E 85 40.61 10.42 17.91
N LYS E 86 39.28 10.42 17.81
CA LYS E 86 38.43 9.73 18.78
C LYS E 86 37.11 9.40 18.10
N PRO E 87 36.34 8.46 18.64
CA PRO E 87 35.06 8.12 18.02
C PRO E 87 34.05 9.24 18.13
N THR E 88 33.27 9.44 17.06
CA THR E 88 32.19 10.40 17.08
C THR E 88 31.07 9.87 17.97
N LEU E 89 30.64 10.69 18.92
CA LEU E 89 29.60 10.30 19.87
C LEU E 89 28.29 10.95 19.44
N ILE E 90 27.28 10.13 19.17
CA ILE E 90 26.00 10.58 18.62
C ILE E 90 24.91 10.23 19.60
N HIS E 91 24.18 11.24 20.08
CA HIS E 91 23.02 11.03 20.93
C HIS E 91 21.77 10.98 20.07
N THR E 92 20.86 10.08 20.42
CA THR E 92 19.73 9.76 19.56
C THR E 92 18.42 9.87 20.33
N ASP E 93 17.36 10.22 19.60
CA ASP E 93 16.02 10.35 20.14
C ASP E 93 15.02 9.77 19.17
N MET E 94 13.82 9.50 19.66
CA MET E 94 12.72 9.06 18.81
C MET E 94 11.43 9.61 19.38
N TYR E 95 10.57 10.11 18.51
CA TYR E 95 9.20 10.44 18.87
C TYR E 95 8.30 9.60 17.99
N VAL E 96 7.70 8.57 18.59
CA VAL E 96 6.89 7.60 17.84
C VAL E 96 5.54 8.24 17.56
N ASN E 97 5.30 8.62 16.30
CA ASN E 97 4.00 9.14 15.92
C ASN E 97 2.93 8.06 16.03
N SER E 98 3.21 6.86 15.53
CA SER E 98 2.24 5.78 15.58
C SER E 98 2.96 4.46 15.36
N ILE E 99 2.29 3.38 15.72
CA ILE E 99 2.72 2.03 15.40
C ILE E 99 1.62 1.43 14.56
N GLY E 100 1.90 1.26 13.27
CA GLY E 100 0.90 0.88 12.31
C GLY E 100 0.46 -0.56 12.49
N PRO E 101 -0.05 -1.18 11.43
CA PRO E 101 -0.62 -2.52 11.57
C PRO E 101 0.45 -3.57 11.72
N VAL E 102 0.14 -4.56 12.56
CA VAL E 102 1.02 -5.72 12.77
C VAL E 102 0.41 -6.86 11.98
N ASN E 103 1.00 -7.20 10.83
CA ASN E 103 0.54 -8.33 10.04
C ASN E 103 1.43 -9.54 10.34
N ALA E 104 0.89 -10.50 11.09
CA ALA E 104 1.65 -11.68 11.43
C ALA E 104 1.97 -12.55 10.21
N ILE E 105 1.24 -12.38 9.11
CA ILE E 105 1.52 -13.19 7.93
C ILE E 105 2.91 -12.91 7.41
N ASN E 106 3.25 -11.63 7.22
CA ASN E 106 4.55 -11.25 6.71
C ASN E 106 5.56 -10.99 7.81
N MET E 107 5.17 -11.08 9.07
CA MET E 107 6.08 -10.89 10.20
C MET E 107 6.73 -9.51 10.14
N GLU E 108 5.90 -8.47 10.08
CA GLU E 108 6.40 -7.11 10.09
C GLU E 108 5.35 -6.19 10.71
N TYR E 109 5.80 -5.02 11.15
CA TYR E 109 4.93 -4.01 11.70
C TYR E 109 5.45 -2.64 11.30
N THR E 110 4.53 -1.72 11.00
CA THR E 110 4.89 -0.38 10.59
C THR E 110 5.00 0.53 11.80
N ILE E 111 5.91 1.49 11.71
CA ILE E 111 6.12 2.46 12.77
C ILE E 111 6.55 3.78 12.13
N ASP E 112 5.98 4.87 12.61
CA ASP E 112 6.27 6.22 12.13
C ASP E 112 6.93 6.99 13.27
N ILE E 113 8.12 7.54 13.01
CA ILE E 113 8.90 8.18 14.05
C ILE E 113 9.50 9.48 13.54
N PHE E 114 9.75 10.42 14.45
CA PHE E 114 10.64 11.54 14.23
C PHE E 114 11.98 11.16 14.85
N PHE E 115 13.00 11.02 14.02
CA PHE E 115 14.31 10.54 14.44
C PHE E 115 15.29 11.69 14.50
N ALA E 116 15.87 11.92 15.68
CA ALA E 116 16.80 13.02 15.90
C ALA E 116 18.16 12.47 16.29
N GLN E 117 19.21 13.12 15.83
CA GLN E 117 20.58 12.76 16.18
C GLN E 117 21.38 14.02 16.45
N THR E 118 22.19 13.99 17.49
CA THR E 118 23.01 15.12 17.89
C THR E 118 24.45 14.69 18.03
N TRP E 119 25.38 15.51 17.55
CA TRP E 119 26.80 15.23 17.70
C TRP E 119 27.55 16.55 17.61
N TYR E 120 28.84 16.49 17.86
CA TYR E 120 29.72 17.64 17.83
C TYR E 120 30.63 17.56 16.60
N ASP E 121 30.64 18.62 15.81
CA ASP E 121 31.48 18.73 14.63
C ASP E 121 32.33 19.98 14.84
N ARG E 122 33.61 19.80 15.16
CA ARG E 122 34.46 20.93 15.50
C ARG E 122 34.68 21.87 14.32
N ARG E 123 34.38 21.45 13.10
CA ARG E 123 34.55 22.31 11.95
C ARG E 123 33.34 23.21 11.71
N LEU E 124 32.29 23.06 12.51
CA LEU E 124 31.05 23.80 12.32
C LEU E 124 30.80 24.82 13.43
N LYS E 125 31.85 25.21 14.14
CA LYS E 125 31.73 26.23 15.19
C LYS E 125 32.13 27.59 14.62
N PHE E 126 31.34 28.60 14.96
CA PHE E 126 31.52 29.96 14.46
C PHE E 126 31.58 30.90 15.65
N ASN E 127 31.96 32.15 15.39
CA ASN E 127 32.19 33.12 16.45
C ASN E 127 31.35 34.37 16.29
N SER E 128 30.15 34.24 15.74
CA SER E 128 29.27 35.38 15.56
C SER E 128 28.52 35.69 16.85
N THR E 129 27.74 36.76 16.81
CA THR E 129 26.83 37.07 17.92
C THR E 129 25.61 36.14 17.92
N ILE E 130 25.23 35.63 16.75
CA ILE E 130 24.13 34.68 16.67
C ILE E 130 24.55 33.38 17.32
N LYS E 131 23.65 32.79 18.10
CA LYS E 131 23.99 31.61 18.88
C LYS E 131 23.67 30.29 18.17
N VAL E 132 22.70 30.27 17.27
CA VAL E 132 22.26 29.04 16.64
C VAL E 132 21.83 29.33 15.21
N LEU E 133 22.23 28.46 14.29
CA LEU E 133 21.75 28.50 12.92
C LEU E 133 20.58 27.54 12.77
N ARG E 134 19.47 28.03 12.26
CA ARG E 134 18.26 27.24 12.06
C ARG E 134 18.03 27.08 10.57
N LEU E 135 18.05 25.83 10.10
CA LEU E 135 18.22 25.57 8.68
C LEU E 135 17.19 24.58 8.17
N ASN E 136 17.07 24.56 6.83
CA ASN E 136 16.22 23.63 6.10
C ASN E 136 16.94 22.30 5.92
N SER E 137 16.41 21.48 5.02
CA SER E 137 17.12 20.35 4.47
C SER E 137 18.12 20.72 3.39
N ASN E 138 18.39 22.01 3.19
CA ASN E 138 19.29 22.41 2.11
C ASN E 138 20.75 22.13 2.43
N MET E 139 21.13 22.20 3.70
CA MET E 139 22.52 22.01 4.11
C MET E 139 22.85 20.58 4.49
N VAL E 140 21.85 19.71 4.54
CA VAL E 140 22.05 18.35 5.02
C VAL E 140 23.04 17.62 4.12
N GLY E 141 22.92 17.81 2.81
CA GLY E 141 23.88 17.22 1.91
C GLY E 141 25.22 17.92 1.88
N LYS E 142 25.31 19.11 2.48
CA LYS E 142 26.54 19.86 2.49
C LYS E 142 27.44 19.52 3.67
N ILE E 143 26.87 19.17 4.82
CA ILE E 143 27.66 18.80 5.98
C ILE E 143 27.75 17.29 6.08
N TRP E 144 28.65 16.81 6.93
CA TRP E 144 28.74 15.38 7.19
C TRP E 144 27.57 14.91 8.06
N ILE E 145 27.02 13.75 7.70
CA ILE E 145 25.84 13.22 8.35
C ILE E 145 26.11 11.74 8.66
N PRO E 146 25.82 11.26 9.87
CA PRO E 146 26.06 9.84 10.16
C PRO E 146 25.18 8.95 9.29
N ASP E 147 25.74 7.80 8.91
CA ASP E 147 25.04 6.86 8.04
C ASP E 147 24.27 5.81 8.86
N THR E 148 23.40 6.32 9.73
CA THR E 148 22.59 5.45 10.55
C THR E 148 21.57 4.70 9.70
N PHE E 149 21.38 3.43 10.01
CA PHE E 149 20.41 2.60 9.29
C PHE E 149 19.76 1.65 10.27
N PHE E 150 18.59 1.15 9.91
CA PHE E 150 17.79 0.29 10.77
C PHE E 150 18.02 -1.15 10.38
N ARG E 151 18.64 -1.90 11.30
CA ARG E 151 19.18 -3.22 10.95
C ARG E 151 18.09 -4.22 10.62
N ASN E 152 16.90 -4.08 11.21
CA ASN E 152 15.85 -5.07 11.05
C ASN E 152 14.68 -4.56 10.22
N SER E 153 14.90 -3.57 9.37
CA SER E 153 13.82 -2.98 8.57
C SER E 153 13.76 -3.65 7.21
N LYS E 154 12.57 -4.11 6.83
CA LYS E 154 12.36 -4.65 5.49
C LYS E 154 12.33 -3.54 4.46
N LYS E 155 11.76 -2.40 4.83
CA LYS E 155 11.76 -1.23 3.98
C LYS E 155 11.46 -0.02 4.84
N ALA E 156 12.16 1.07 4.59
CA ALA E 156 11.91 2.33 5.26
C ALA E 156 11.95 3.43 4.23
N ASP E 157 11.23 4.51 4.51
CA ASP E 157 11.23 5.65 3.60
C ASP E 157 11.16 6.92 4.41
N ALA E 158 11.86 7.94 3.93
CA ALA E 158 11.69 9.29 4.42
C ALA E 158 10.54 9.95 3.67
N HIS E 159 10.17 11.15 4.10
CA HIS E 159 9.05 11.87 3.53
C HIS E 159 9.55 13.10 2.81
N TRP E 160 8.93 13.40 1.66
CA TRP E 160 9.47 14.39 0.74
C TRP E 160 8.44 15.43 0.32
N ILE E 161 7.24 15.41 0.89
CA ILE E 161 6.15 16.30 0.50
C ILE E 161 5.84 17.22 1.67
N THR E 162 5.77 18.53 1.44
CA THR E 162 5.98 19.18 0.14
C THR E 162 7.45 19.37 -0.16
N THR E 163 8.23 19.41 0.91
CA THR E 163 9.67 19.61 0.90
C THR E 163 10.29 18.52 1.76
N PRO E 164 11.52 18.08 1.46
CA PRO E 164 12.15 17.08 2.32
C PRO E 164 11.94 17.40 3.79
N ASN E 165 11.59 16.39 4.58
CA ASN E 165 11.13 16.59 5.94
C ASN E 165 12.26 16.49 6.93
N ARG E 166 13.44 16.99 6.58
CA ARG E 166 14.58 17.07 7.47
C ARG E 166 14.63 18.43 8.17
N MET E 167 15.47 18.50 9.18
CA MET E 167 15.72 19.74 9.92
C MET E 167 17.16 19.70 10.40
N LEU E 168 17.82 20.85 10.38
CA LEU E 168 19.20 20.96 10.82
C LEU E 168 19.36 22.19 11.69
N ARG E 169 20.12 22.08 12.76
CA ARG E 169 20.39 23.21 13.65
C ARG E 169 21.81 23.09 14.18
N ILE E 170 22.64 24.08 13.87
CA ILE E 170 24.04 24.11 14.27
C ILE E 170 24.20 25.16 15.35
N TRP E 171 24.86 24.79 16.44
CA TRP E 171 25.06 25.70 17.55
C TRP E 171 26.42 26.38 17.46
N ASN E 172 26.59 27.36 18.33
CA ASN E 172 27.79 28.19 18.30
C ASN E 172 29.04 27.37 18.53
N ASP E 173 28.95 26.32 19.34
CA ASP E 173 30.11 25.53 19.74
C ASP E 173 30.34 24.32 18.86
N GLY E 174 29.70 24.24 17.71
CA GLY E 174 29.87 23.13 16.80
C GLY E 174 28.91 21.99 17.01
N ARG E 175 27.96 22.10 17.94
CA ARG E 175 26.98 21.06 18.13
C ARG E 175 25.97 21.07 17.00
N VAL E 176 25.61 19.89 16.51
CA VAL E 176 24.70 19.75 15.38
C VAL E 176 23.50 18.92 15.83
N LEU E 177 22.31 19.36 15.46
CA LEU E 177 21.09 18.61 15.65
C LEU E 177 20.49 18.34 14.27
N TYR E 178 20.17 17.08 14.01
CA TYR E 178 19.61 16.65 12.74
C TYR E 178 18.40 15.78 13.02
N THR E 179 17.26 16.14 12.44
CA THR E 179 16.03 15.40 12.62
C THR E 179 15.41 15.11 11.27
N LEU E 180 14.85 13.91 11.13
CA LEU E 180 14.11 13.57 9.92
C LEU E 180 12.96 12.66 10.29
N ARG E 181 11.92 12.69 9.45
CA ARG E 181 10.73 11.88 9.65
C ARG E 181 10.85 10.58 8.85
N LEU E 182 10.58 9.46 9.51
CA LEU E 182 10.75 8.15 8.90
C LEU E 182 9.51 7.30 9.09
N THR E 183 9.25 6.43 8.13
CA THR E 183 8.28 5.36 8.24
C THR E 183 9.01 4.05 7.97
N ILE E 184 8.90 3.10 8.90
CA ILE E 184 9.71 1.90 8.89
C ILE E 184 8.78 0.69 8.92
N ASP E 185 9.04 -0.28 8.04
CA ASP E 185 8.37 -1.58 8.10
C ASP E 185 9.32 -2.57 8.76
N ALA E 186 9.42 -2.47 10.08
CA ALA E 186 10.34 -3.31 10.82
C ALA E 186 9.89 -4.76 10.78
N GLU E 187 10.85 -5.66 10.78
CA GLU E 187 10.60 -7.09 10.75
C GLU E 187 10.78 -7.68 12.14
N CYS E 188 9.85 -8.54 12.54
CA CYS E 188 10.06 -9.34 13.73
C CYS E 188 9.35 -10.68 13.60
N GLN E 189 10.05 -11.72 14.02
CA GLN E 189 9.54 -13.08 13.94
C GLN E 189 8.64 -13.33 15.14
N LEU E 190 7.34 -13.51 14.88
CA LEU E 190 6.35 -13.70 15.93
C LEU E 190 6.23 -15.19 16.25
N GLN E 191 6.60 -15.57 17.46
CA GLN E 191 6.38 -16.93 17.95
C GLN E 191 4.87 -17.09 18.17
N LEU E 192 4.20 -17.70 17.21
CA LEU E 192 2.75 -17.78 17.23
C LEU E 192 2.26 -19.06 17.91
N HIS E 193 2.79 -19.33 19.09
CA HIS E 193 2.23 -20.31 20.00
C HIS E 193 1.48 -19.56 21.09
N ASN E 194 0.34 -20.10 21.50
CA ASN E 194 -0.65 -19.47 22.37
C ASN E 194 -1.55 -18.52 21.58
N PHE E 195 -1.35 -18.39 20.27
CA PHE E 195 -2.26 -17.59 19.47
C PHE E 195 -3.66 -18.16 19.60
N PRO E 196 -4.68 -17.33 19.92
CA PRO E 196 -4.68 -15.87 20.03
C PRO E 196 -4.32 -15.31 21.41
N MET E 197 -3.90 -16.16 22.34
CA MET E 197 -3.46 -15.68 23.65
C MET E 197 -1.95 -15.47 23.68
N ASP E 198 -1.44 -14.71 22.70
CA ASP E 198 -0.01 -14.52 22.53
C ASP E 198 0.37 -13.07 22.83
N GLU E 199 1.54 -12.90 23.41
CA GLU E 199 2.13 -11.60 23.68
C GLU E 199 3.43 -11.50 22.90
N HIS E 200 3.74 -10.30 22.41
CA HIS E 200 4.94 -10.07 21.62
C HIS E 200 5.65 -8.83 22.11
N SER E 201 6.97 -8.82 21.94
CA SER E 201 7.79 -7.66 22.24
C SER E 201 8.94 -7.66 21.24
N CYS E 202 8.75 -6.95 20.13
CA CYS E 202 9.75 -7.07 19.09
C CYS E 202 10.34 -5.72 18.71
N PRO E 203 11.61 -5.71 18.25
CA PRO E 203 12.44 -4.53 18.38
C PRO E 203 12.47 -3.59 17.19
N LEU E 204 13.24 -2.52 17.35
CA LEU E 204 13.70 -1.69 16.23
C LEU E 204 15.17 -1.41 16.50
N GLU E 205 16.04 -1.99 15.69
CA GLU E 205 17.48 -1.87 15.88
C GLU E 205 18.06 -0.92 14.83
N PHE E 206 19.02 -0.10 15.24
CA PHE E 206 19.74 0.73 14.29
C PHE E 206 21.18 0.84 14.71
N SER E 207 22.02 1.19 13.75
CA SER E 207 23.45 1.32 13.96
C SER E 207 24.03 1.97 12.72
N SER E 208 25.32 2.30 12.79
CA SER E 208 26.00 2.83 11.63
C SER E 208 26.23 1.72 10.62
N TYR E 209 26.20 2.07 9.34
CA TYR E 209 26.42 1.05 8.33
C TYR E 209 27.91 0.80 8.08
N GLY E 210 28.75 1.82 8.17
CA GLY E 210 30.13 1.68 7.78
C GLY E 210 31.16 2.03 8.84
N TYR E 211 30.74 2.58 9.96
CA TYR E 211 31.66 3.04 10.99
C TYR E 211 31.60 2.10 12.20
N PRO E 212 32.61 1.27 12.42
CA PRO E 212 32.57 0.38 13.59
C PRO E 212 32.72 1.12 14.91
N ARG E 213 32.77 0.38 16.02
CA ARG E 213 32.70 1.00 17.34
C ARG E 213 33.82 1.99 17.59
N GLU E 214 34.92 1.90 16.84
CA GLU E 214 36.06 2.80 17.05
C GLU E 214 35.88 4.15 16.37
N GLU E 215 34.88 4.33 15.52
CA GLU E 215 34.58 5.64 14.94
C GLU E 215 33.30 6.26 15.48
N ILE E 216 32.21 5.51 15.54
CA ILE E 216 30.92 6.06 15.92
C ILE E 216 30.38 5.26 17.11
N VAL E 217 29.94 5.97 18.14
CA VAL E 217 29.28 5.39 19.29
C VAL E 217 27.96 6.10 19.48
N TYR E 218 26.88 5.33 19.62
CA TYR E 218 25.56 5.87 19.87
C TYR E 218 25.25 5.82 21.35
N GLN E 219 24.40 6.75 21.79
CA GLN E 219 24.03 6.81 23.19
C GLN E 219 22.63 7.41 23.30
N TRP E 220 21.81 6.81 24.15
CA TRP E 220 20.44 7.29 24.34
C TRP E 220 20.42 8.50 25.25
N LYS E 221 19.61 9.49 24.91
CA LYS E 221 19.42 10.64 25.77
C LYS E 221 18.51 10.28 26.94
N ARG E 222 18.50 11.14 27.96
CA ARG E 222 17.77 10.85 29.19
C ARG E 222 16.34 10.36 28.90
N SER E 223 15.54 11.22 28.27
CA SER E 223 14.22 10.85 27.79
C SER E 223 14.30 10.92 26.26
N SER E 224 14.73 9.82 25.65
CA SER E 224 14.99 9.76 24.22
C SER E 224 13.77 9.32 23.44
N VAL E 225 13.28 8.12 23.69
CA VAL E 225 12.16 7.57 22.95
C VAL E 225 10.86 7.90 23.68
N GLU E 226 9.97 8.61 23.00
CA GLU E 226 8.70 9.04 23.56
C GLU E 226 7.58 8.66 22.59
N VAL E 227 6.45 8.27 23.14
CA VAL E 227 5.29 7.91 22.35
C VAL E 227 4.24 9.01 22.49
N GLY E 228 3.35 9.08 21.52
CA GLY E 228 2.36 10.15 21.47
C GLY E 228 1.07 9.78 22.17
N ASP E 229 -0.02 9.67 21.41
CA ASP E 229 -1.31 9.37 21.99
C ASP E 229 -1.40 7.92 22.43
N THR E 230 -1.23 7.00 21.50
CA THR E 230 -1.50 5.57 21.62
C THR E 230 -2.98 5.29 21.50
N ARG E 231 -3.83 6.32 21.43
CA ARG E 231 -5.26 6.13 21.27
C ARG E 231 -5.65 6.01 19.81
N SER E 232 -4.99 6.77 18.93
CA SER E 232 -5.28 6.77 17.51
C SER E 232 -4.43 5.80 16.72
N TRP E 233 -3.52 5.09 17.38
CA TRP E 233 -2.65 4.16 16.68
C TRP E 233 -3.46 3.05 16.01
N ARG E 234 -2.89 2.49 14.95
CA ARG E 234 -3.59 1.50 14.12
C ARG E 234 -3.34 0.07 14.58
N LEU E 235 -3.15 -0.15 15.87
CA LEU E 235 -2.99 -1.50 16.41
C LEU E 235 -4.37 -2.13 16.50
N TYR E 236 -4.74 -2.91 15.48
CA TYR E 236 -6.04 -3.58 15.45
C TYR E 236 -6.19 -4.56 16.60
N GLN E 237 -5.39 -5.63 16.58
CA GLN E 237 -5.57 -6.74 17.50
C GLN E 237 -4.67 -6.65 18.72
N PHE E 238 -3.72 -5.72 18.74
CA PHE E 238 -2.73 -5.64 19.78
C PHE E 238 -2.97 -4.41 20.64
N SER E 239 -2.22 -4.30 21.73
CA SER E 239 -2.34 -3.16 22.63
C SER E 239 -0.95 -2.80 23.11
N PHE E 240 -0.51 -1.59 22.81
CA PHE E 240 0.79 -1.13 23.24
C PHE E 240 0.87 -1.17 24.76
N VAL E 241 1.86 -1.89 25.28
CA VAL E 241 2.01 -2.07 26.72
C VAL E 241 3.18 -1.28 27.29
N GLY E 242 4.22 -1.03 26.50
CA GLY E 242 5.37 -0.29 26.98
C GLY E 242 6.55 -0.49 26.05
N LEU E 243 7.62 0.22 26.34
CA LEU E 243 8.82 0.18 25.53
C LEU E 243 10.06 0.18 26.39
N ARG E 244 11.15 -0.38 25.85
CA ARG E 244 12.45 -0.42 26.48
C ARG E 244 13.50 -0.16 25.43
N ASN E 245 14.61 0.46 25.83
CA ASN E 245 15.71 0.74 24.91
C ASN E 245 17.01 0.18 25.47
N THR E 246 17.89 -0.24 24.57
CA THR E 246 19.04 -1.04 24.91
C THR E 246 20.22 -0.65 24.02
N THR E 247 21.43 -1.01 24.46
CA THR E 247 22.63 -0.85 23.67
C THR E 247 23.42 -2.15 23.71
N GLU E 248 24.12 -2.43 22.62
CA GLU E 248 24.91 -3.65 22.50
C GLU E 248 26.03 -3.43 21.50
N VAL E 249 26.95 -4.37 21.47
CA VAL E 249 28.00 -4.42 20.46
C VAL E 249 27.83 -5.72 19.68
N VAL E 250 27.78 -5.63 18.36
CA VAL E 250 27.56 -6.78 17.50
C VAL E 250 28.75 -6.91 16.57
N LYS E 251 29.33 -8.11 16.53
CA LYS E 251 30.43 -8.41 15.63
C LYS E 251 29.89 -8.75 14.25
N THR E 252 30.62 -8.30 13.22
CA THR E 252 30.19 -8.45 11.85
C THR E 252 31.43 -8.72 11.01
N THR E 253 31.21 -9.06 9.74
CA THR E 253 32.32 -9.20 8.81
C THR E 253 33.12 -7.91 8.68
N SER E 254 32.47 -6.76 8.93
CA SER E 254 33.16 -5.48 8.78
C SER E 254 33.83 -5.06 10.08
N GLY E 255 33.23 -5.34 11.22
CA GLY E 255 33.82 -4.99 12.49
C GLY E 255 32.78 -5.00 13.59
N ASP E 256 33.17 -4.42 14.73
CA ASP E 256 32.30 -4.33 15.88
C ASP E 256 31.49 -3.04 15.80
N TYR E 257 30.18 -3.14 15.99
CA TYR E 257 29.27 -2.03 15.79
C TYR E 257 28.40 -1.84 17.03
N VAL E 258 28.22 -0.59 17.44
CA VAL E 258 27.30 -0.26 18.50
C VAL E 258 25.89 -0.31 17.94
N VAL E 259 25.07 -1.21 18.47
CA VAL E 259 23.70 -1.41 18.01
C VAL E 259 22.76 -0.91 19.09
N MET E 260 21.85 -0.03 18.71
CA MET E 260 20.87 0.53 19.62
C MET E 260 19.51 -0.08 19.34
N SER E 261 18.82 -0.49 20.39
CA SER E 261 17.56 -1.20 20.25
C SER E 261 16.47 -0.48 21.03
N VAL E 262 15.25 -0.59 20.51
CA VAL E 262 14.04 -0.16 21.20
C VAL E 262 13.03 -1.29 21.07
N TYR E 263 12.42 -1.67 22.18
CA TYR E 263 11.47 -2.76 22.20
C TYR E 263 10.07 -2.22 22.47
N PHE E 264 9.09 -2.77 21.77
CA PHE E 264 7.69 -2.38 21.92
C PHE E 264 6.88 -3.61 22.29
N ASP E 265 6.27 -3.58 23.48
CA ASP E 265 5.53 -4.72 24.01
C ASP E 265 4.10 -4.67 23.49
N LEU E 266 3.72 -5.66 22.69
CA LEU E 266 2.40 -5.72 22.07
C LEU E 266 1.67 -6.95 22.58
N SER E 267 0.48 -6.75 23.12
CA SER E 267 -0.36 -7.81 23.64
C SER E 267 -1.58 -7.95 22.75
N ARG E 268 -1.83 -9.16 22.25
CA ARG E 268 -2.99 -9.38 21.40
C ARG E 268 -4.27 -9.26 22.20
N ARG E 269 -5.34 -8.85 21.51
CA ARG E 269 -6.68 -8.80 22.08
C ARG E 269 -7.50 -9.91 21.44
N MET E 270 -8.10 -10.77 22.26
CA MET E 270 -8.82 -11.92 21.75
C MET E 270 -9.95 -11.49 20.83
N GLY E 271 -10.96 -10.82 21.38
CA GLY E 271 -11.90 -10.07 20.57
C GLY E 271 -12.44 -10.80 19.35
N TYR E 272 -11.98 -10.36 18.19
CA TYR E 272 -12.34 -10.95 16.90
C TYR E 272 -12.29 -12.47 16.93
N PHE E 273 -11.12 -13.01 17.25
CA PHE E 273 -10.94 -14.45 17.24
C PHE E 273 -11.87 -15.12 18.22
N THR E 274 -11.89 -14.65 19.47
CA THR E 274 -12.75 -15.31 20.44
C THR E 274 -14.18 -15.37 19.94
N ILE E 275 -14.75 -14.24 19.52
CA ILE E 275 -16.14 -14.29 19.09
C ILE E 275 -16.24 -15.33 17.98
N GLN E 276 -15.60 -15.04 16.85
CA GLN E 276 -15.88 -15.77 15.61
C GLN E 276 -15.61 -17.26 15.76
N THR E 277 -14.44 -17.62 16.28
CA THR E 277 -14.08 -19.02 16.37
C THR E 277 -14.72 -19.67 17.59
N TYR E 278 -14.44 -19.14 18.79
CA TYR E 278 -14.75 -19.90 19.98
C TYR E 278 -16.25 -20.09 20.18
N ILE E 279 -17.05 -19.03 20.05
CA ILE E 279 -18.45 -19.26 20.44
C ILE E 279 -19.17 -20.17 19.44
N PRO E 280 -19.12 -19.88 18.14
CA PRO E 280 -19.81 -20.77 17.21
C PRO E 280 -19.36 -22.21 17.30
N CYS E 281 -18.06 -22.45 17.50
CA CYS E 281 -17.58 -23.83 17.57
C CYS E 281 -18.16 -24.56 18.79
N THR E 282 -18.19 -23.88 19.94
CA THR E 282 -18.76 -24.49 21.14
C THR E 282 -20.22 -24.83 20.94
N LEU E 283 -20.99 -23.91 20.36
CA LEU E 283 -22.40 -24.22 20.17
C LEU E 283 -22.61 -25.31 19.12
N ILE E 284 -21.74 -25.39 18.11
CA ILE E 284 -21.85 -26.47 17.15
C ILE E 284 -21.60 -27.82 17.81
N VAL E 285 -20.60 -27.90 18.69
CA VAL E 285 -20.38 -29.16 19.39
C VAL E 285 -21.56 -29.46 20.29
N VAL E 286 -22.18 -28.44 20.88
CA VAL E 286 -23.38 -28.68 21.69
C VAL E 286 -24.54 -29.21 20.86
N LEU E 287 -24.56 -28.93 19.55
CA LEU E 287 -25.62 -29.46 18.71
C LEU E 287 -25.65 -30.99 18.73
N SER E 288 -24.48 -31.63 18.68
CA SER E 288 -24.47 -33.09 18.75
C SER E 288 -24.95 -33.58 20.11
N TRP E 289 -24.58 -32.88 21.18
CA TRP E 289 -25.09 -33.25 22.49
C TRP E 289 -26.61 -33.25 22.49
N VAL E 290 -27.22 -32.18 21.96
CA VAL E 290 -28.67 -32.15 21.92
C VAL E 290 -29.19 -33.27 21.03
N SER E 291 -28.47 -33.61 19.97
CA SER E 291 -28.85 -34.75 19.14
C SER E 291 -28.98 -36.01 19.99
N PHE E 292 -28.11 -36.17 20.98
CA PHE E 292 -28.16 -37.38 21.80
C PHE E 292 -29.55 -37.60 22.42
N TRP E 293 -30.29 -36.54 22.67
CA TRP E 293 -31.58 -36.61 23.37
C TRP E 293 -32.77 -36.67 22.43
N ILE E 294 -32.81 -37.63 21.49
CA ILE E 294 -33.89 -37.62 20.51
C ILE E 294 -34.68 -38.94 20.51
N ASN E 295 -34.06 -40.02 20.07
CA ASN E 295 -34.69 -41.33 20.04
C ASN E 295 -33.70 -42.30 19.40
N LYS E 296 -33.97 -43.59 19.54
CA LYS E 296 -33.14 -44.59 18.86
C LYS E 296 -33.68 -44.96 17.49
N ASP E 297 -34.99 -44.87 17.29
CA ASP E 297 -35.62 -45.21 16.03
C ASP E 297 -35.67 -44.04 15.06
N ALA E 298 -35.25 -42.85 15.49
CA ALA E 298 -35.19 -41.68 14.61
C ALA E 298 -33.87 -41.68 13.84
N VAL E 299 -33.69 -42.73 13.04
CA VAL E 299 -32.43 -42.92 12.33
C VAL E 299 -32.14 -41.78 11.37
N PRO E 300 -33.03 -41.42 10.45
CA PRO E 300 -32.74 -40.27 9.58
C PRO E 300 -32.50 -38.99 10.36
N ALA E 301 -33.23 -38.77 11.44
CA ALA E 301 -33.07 -37.54 12.21
C ALA E 301 -31.66 -37.45 12.79
N ARG E 302 -31.23 -38.47 13.53
CA ARG E 302 -29.89 -38.44 14.09
C ARG E 302 -28.82 -38.38 13.00
N THR E 303 -28.96 -39.18 11.95
CA THR E 303 -27.90 -39.21 10.94
C THR E 303 -27.78 -37.84 10.26
N SER E 304 -28.91 -37.25 9.88
CA SER E 304 -28.89 -35.93 9.25
C SER E 304 -28.30 -34.89 10.19
N LEU E 305 -28.70 -34.92 11.46
CA LEU E 305 -28.19 -33.95 12.41
C LEU E 305 -26.68 -34.05 12.53
N GLY E 306 -26.17 -35.27 12.69
CA GLY E 306 -24.73 -35.44 12.83
C GLY E 306 -23.97 -34.97 11.60
N ILE E 307 -24.46 -35.35 10.43
CA ILE E 307 -23.74 -35.02 9.19
C ILE E 307 -23.76 -33.51 8.95
N THR E 308 -24.88 -32.85 9.26
CA THR E 308 -24.92 -31.42 9.03
C THR E 308 -24.09 -30.66 10.05
N THR E 309 -24.01 -31.16 11.29
CA THR E 309 -23.08 -30.56 12.24
C THR E 309 -21.64 -30.74 11.79
N VAL E 310 -21.32 -31.90 11.20
CA VAL E 310 -19.98 -32.09 10.66
C VAL E 310 -19.70 -31.07 9.55
N LEU E 311 -20.69 -30.86 8.67
CA LEU E 311 -20.51 -29.90 7.59
C LEU E 311 -20.30 -28.49 8.12
N THR E 312 -21.10 -28.09 9.12
CA THR E 312 -20.96 -26.77 9.70
C THR E 312 -19.60 -26.60 10.38
N MET E 313 -19.16 -27.62 11.11
CA MET E 313 -17.84 -27.56 11.75
C MET E 313 -16.74 -27.44 10.71
N THR E 314 -16.85 -28.17 9.61
CA THR E 314 -15.85 -28.06 8.56
C THR E 314 -15.83 -26.67 7.97
N THR E 315 -17.02 -26.07 7.77
CA THR E 315 -17.06 -24.68 7.30
C THR E 315 -16.34 -23.76 8.28
N LEU E 316 -16.59 -23.93 9.57
CA LEU E 316 -15.98 -23.04 10.57
C LEU E 316 -14.47 -23.20 10.61
N SER E 317 -13.98 -24.44 10.50
CA SER E 317 -12.57 -24.71 10.78
C SER E 317 -11.63 -23.95 9.87
N THR E 318 -12.08 -23.54 8.69
CA THR E 318 -11.17 -22.94 7.71
C THR E 318 -10.78 -21.52 8.08
N ILE E 319 -11.75 -20.70 8.50
CA ILE E 319 -11.50 -19.28 8.71
C ILE E 319 -10.74 -18.99 9.99
N ALA E 320 -10.51 -20.01 10.83
CA ALA E 320 -9.73 -19.79 12.04
C ALA E 320 -8.30 -19.39 11.72
N ARG E 321 -7.69 -20.04 10.72
CA ARG E 321 -6.30 -19.82 10.37
C ARG E 321 -6.10 -18.86 9.21
N LYS E 322 -7.18 -18.27 8.68
CA LYS E 322 -7.01 -17.31 7.60
C LYS E 322 -6.31 -16.05 8.06
N SER E 323 -6.15 -15.85 9.37
CA SER E 323 -5.44 -14.72 9.93
C SER E 323 -4.04 -15.10 10.41
N LEU E 324 -3.50 -16.22 9.91
CA LEU E 324 -2.24 -16.75 10.38
C LEU E 324 -1.33 -17.08 9.20
N PRO E 325 -0.02 -17.00 9.38
CA PRO E 325 0.89 -17.56 8.38
C PRO E 325 0.89 -19.08 8.42
N LYS E 326 1.49 -19.67 7.39
CA LYS E 326 1.46 -21.12 7.20
C LYS E 326 2.45 -21.81 8.13
N VAL E 327 2.31 -21.54 9.42
CA VAL E 327 3.18 -22.15 10.42
C VAL E 327 2.82 -23.63 10.56
N SER E 328 3.85 -24.46 10.71
CA SER E 328 3.67 -25.91 10.69
C SER E 328 3.58 -26.51 12.08
N TYR E 329 3.42 -25.70 13.13
CA TYR E 329 3.12 -26.17 14.46
C TYR E 329 1.67 -25.87 14.80
N VAL E 330 1.24 -26.38 15.95
CA VAL E 330 -0.15 -26.27 16.38
C VAL E 330 -0.29 -25.10 17.35
N THR E 331 -1.25 -24.24 17.08
CA THR E 331 -1.56 -23.11 17.95
C THR E 331 -2.74 -23.44 18.86
N ALA E 332 -3.00 -22.55 19.80
CA ALA E 332 -4.13 -22.77 20.71
C ALA E 332 -5.44 -22.83 19.95
N MET E 333 -5.62 -21.92 18.98
CA MET E 333 -6.85 -21.93 18.20
C MET E 333 -7.00 -23.22 17.42
N ASP E 334 -5.91 -23.69 16.80
CA ASP E 334 -5.99 -24.91 16.02
C ASP E 334 -6.30 -26.10 16.91
N LEU E 335 -5.69 -26.16 18.09
CA LEU E 335 -6.00 -27.25 19.01
C LEU E 335 -7.46 -27.23 19.41
N PHE E 336 -7.99 -26.05 19.74
CA PHE E 336 -9.39 -25.96 20.12
C PHE E 336 -10.30 -26.42 18.99
N VAL E 337 -10.05 -25.94 17.77
CA VAL E 337 -10.93 -26.27 16.64
C VAL E 337 -10.86 -27.74 16.32
N SER E 338 -9.65 -28.32 16.34
CA SER E 338 -9.52 -29.74 16.07
C SER E 338 -10.22 -30.57 17.12
N VAL E 339 -10.11 -30.18 18.40
CA VAL E 339 -10.78 -30.92 19.45
C VAL E 339 -12.29 -30.87 19.25
N CYS E 340 -12.83 -29.69 18.90
CA CYS E 340 -14.26 -29.60 18.63
C CYS E 340 -14.67 -30.50 17.46
N PHE E 341 -13.87 -30.51 16.40
CA PHE E 341 -14.22 -31.34 15.25
C PHE E 341 -14.21 -32.81 15.62
N ILE E 342 -13.23 -33.23 16.43
CA ILE E 342 -13.19 -34.61 16.91
C ILE E 342 -14.41 -34.92 17.78
N PHE E 343 -14.84 -33.95 18.58
CA PHE E 343 -16.03 -34.18 19.40
C PHE E 343 -17.25 -34.46 18.53
N VAL E 344 -17.44 -33.66 17.48
CA VAL E 344 -18.56 -33.89 16.57
C VAL E 344 -18.45 -35.25 15.88
N PHE E 345 -17.25 -35.53 15.37
CA PHE E 345 -16.99 -36.81 14.72
C PHE E 345 -17.34 -37.97 15.64
N SER E 346 -16.87 -37.90 16.88
CA SER E 346 -17.10 -38.98 17.83
C SER E 346 -18.57 -39.12 18.17
N ALA E 347 -19.30 -38.01 18.29
CA ALA E 347 -20.73 -38.12 18.54
C ALA E 347 -21.42 -38.89 17.44
N LEU E 348 -21.16 -38.52 16.18
CA LEU E 348 -21.85 -39.21 15.08
C LEU E 348 -21.43 -40.67 14.99
N VAL E 349 -20.14 -40.96 15.18
CA VAL E 349 -19.69 -42.35 15.14
C VAL E 349 -20.30 -43.13 16.30
N GLU E 350 -20.48 -42.50 17.46
CA GLU E 350 -21.13 -43.17 18.58
C GLU E 350 -22.54 -43.58 18.20
N TYR E 351 -23.29 -42.66 17.59
CA TYR E 351 -24.64 -43.03 17.18
C TYR E 351 -24.59 -44.18 16.17
N GLY E 352 -23.66 -44.13 15.23
CA GLY E 352 -23.54 -45.22 14.27
C GLY E 352 -23.34 -46.56 14.95
N THR E 353 -22.42 -46.59 15.92
CA THR E 353 -22.15 -47.83 16.65
C THR E 353 -23.37 -48.29 17.43
N LEU E 354 -24.07 -47.36 18.07
CA LEU E 354 -25.28 -47.73 18.81
C LEU E 354 -26.34 -48.31 17.89
N HIS E 355 -26.54 -47.70 16.72
CA HIS E 355 -27.51 -48.23 15.77
C HIS E 355 -27.10 -49.60 15.26
N TYR E 356 -25.81 -49.84 15.06
CA TYR E 356 -25.36 -51.17 14.69
C TYR E 356 -25.65 -52.18 15.79
N PHE E 357 -25.39 -51.80 17.05
CA PHE E 357 -25.55 -52.73 18.16
C PHE E 357 -27.00 -52.88 18.60
N VAL E 358 -27.91 -52.07 18.06
CA VAL E 358 -29.32 -52.20 18.44
C VAL E 358 -29.82 -53.60 18.16
N SER E 359 -29.27 -54.26 17.14
CA SER E 359 -29.65 -55.64 16.83
C SER E 359 -28.77 -56.66 17.55
N SER E 360 -27.57 -56.28 17.97
CA SER E 360 -26.68 -57.22 18.64
C SER E 360 -26.96 -57.29 20.14
N GLN E 361 -26.78 -56.19 20.85
CA GLN E 361 -26.93 -56.14 22.31
C GLN E 361 -27.77 -54.93 22.69
N PRO E 362 -29.10 -55.03 22.59
CA PRO E 362 -29.95 -53.91 23.04
C PRO E 362 -29.73 -53.56 24.50
N ALA E 363 -29.49 -54.55 25.36
CA ALA E 363 -29.26 -54.28 26.77
C ALA E 363 -28.01 -53.43 26.96
N ARG E 364 -26.98 -53.67 26.16
CA ARG E 364 -25.76 -52.89 26.25
C ARG E 364 -25.93 -51.50 25.64
N ALA E 365 -26.66 -51.42 24.52
CA ALA E 365 -26.89 -50.11 23.89
C ALA E 365 -27.74 -49.20 24.79
N ALA E 366 -28.66 -49.78 25.55
CA ALA E 366 -29.45 -48.97 26.46
C ALA E 366 -28.56 -48.27 27.48
N LYS E 367 -27.57 -48.98 28.02
CA LYS E 367 -26.58 -48.34 28.86
C LYS E 367 -25.78 -47.31 28.08
N MET E 368 -25.37 -47.66 26.87
CA MET E 368 -24.45 -46.80 26.11
C MET E 368 -25.05 -45.43 25.83
N ASP E 369 -26.35 -45.37 25.56
CA ASP E 369 -26.96 -44.07 25.23
C ASP E 369 -26.76 -43.08 26.37
N SER E 370 -27.15 -43.47 27.59
CA SER E 370 -26.99 -42.59 28.73
C SER E 370 -25.52 -42.39 29.09
N TYR E 371 -24.69 -43.42 28.88
CA TYR E 371 -23.27 -43.26 29.17
C TYR E 371 -22.67 -42.17 28.30
N ALA E 372 -23.05 -42.13 27.01
CA ALA E 372 -22.59 -41.06 26.13
C ALA E 372 -23.17 -39.72 26.56
N ARG E 373 -24.47 -39.69 26.89
CA ARG E 373 -25.09 -38.47 27.39
C ARG E 373 -24.29 -37.88 28.53
N ILE E 374 -23.79 -38.74 29.41
CA ILE E 374 -23.02 -38.27 30.57
C ILE E 374 -21.61 -37.86 30.16
N PHE E 375 -20.92 -38.72 29.41
CA PHE E 375 -19.50 -38.52 29.19
C PHE E 375 -19.24 -37.31 28.31
N PHE E 376 -19.95 -37.18 27.19
CA PHE E 376 -19.57 -36.15 26.22
C PHE E 376 -19.56 -34.75 26.82
N PRO E 377 -20.63 -34.27 27.46
CA PRO E 377 -20.57 -32.94 28.08
C PRO E 377 -19.47 -32.83 29.13
N THR E 378 -19.27 -33.87 29.93
CA THR E 378 -18.26 -33.82 30.98
C THR E 378 -16.86 -33.75 30.37
N ALA E 379 -16.58 -34.56 29.35
CA ALA E 379 -15.28 -34.51 28.71
C ALA E 379 -15.02 -33.15 28.11
N PHE E 380 -16.03 -32.57 27.45
CA PHE E 380 -15.82 -31.26 26.86
C PHE E 380 -15.60 -30.18 27.91
N CYS E 381 -16.32 -30.27 29.04
CA CYS E 381 -16.12 -29.28 30.10
C CYS E 381 -14.73 -29.39 30.70
N LEU E 382 -14.25 -30.61 30.94
CA LEU E 382 -12.88 -30.78 31.43
C LEU E 382 -11.86 -30.25 30.43
N PHE E 383 -12.09 -30.52 29.14
CA PHE E 383 -11.18 -30.00 28.13
C PHE E 383 -11.14 -28.48 28.16
N ASN E 384 -12.32 -27.85 28.23
CA ASN E 384 -12.35 -26.39 28.36
C ASN E 384 -11.58 -25.92 29.58
N LEU E 385 -11.82 -26.55 30.73
CA LEU E 385 -11.18 -26.10 31.96
C LEU E 385 -9.66 -26.16 31.83
N VAL E 386 -9.14 -27.33 31.45
CA VAL E 386 -7.69 -27.49 31.37
C VAL E 386 -7.10 -26.57 30.31
N TYR E 387 -7.73 -26.51 29.14
CA TYR E 387 -7.25 -25.65 28.05
C TYR E 387 -7.14 -24.20 28.51
N TRP E 388 -8.23 -23.66 29.05
CA TRP E 388 -8.26 -22.25 29.39
C TRP E 388 -7.32 -21.92 30.55
N VAL E 389 -7.28 -22.77 31.57
CA VAL E 389 -6.36 -22.48 32.67
C VAL E 389 -4.92 -22.52 32.20
N SER E 390 -4.56 -23.53 31.39
CA SER E 390 -3.17 -23.65 30.95
C SER E 390 -2.77 -22.46 30.07
N TYR E 391 -3.60 -22.13 29.08
CA TYR E 391 -3.20 -21.09 28.14
C TYR E 391 -3.26 -19.71 28.78
N LEU E 392 -4.33 -19.40 29.52
CA LEU E 392 -4.39 -18.12 30.21
C LEU E 392 -3.28 -17.98 31.22
N TYR E 393 -2.85 -19.10 31.82
CA TYR E 393 -1.69 -19.08 32.70
C TYR E 393 -0.45 -18.60 31.96
N LEU E 394 -0.28 -19.04 30.71
CA LEU E 394 0.84 -18.59 29.89
C LEU E 394 0.52 -17.24 29.24
N GLU F 1 31.78 49.19 27.72
CA GLU F 1 32.01 49.91 26.44
C GLU F 1 30.70 50.33 25.80
N VAL F 2 29.71 49.43 25.81
CA VAL F 2 28.42 49.76 25.23
C VAL F 2 27.80 50.91 26.00
N GLN F 3 27.20 51.85 25.28
CA GLN F 3 26.69 53.08 25.88
C GLN F 3 25.45 53.53 25.13
N LEU F 4 24.32 53.55 25.83
CA LEU F 4 23.08 54.10 25.30
C LEU F 4 22.74 55.34 26.11
N LEU F 5 22.60 56.48 25.44
CA LEU F 5 22.45 57.78 26.08
C LEU F 5 21.18 58.44 25.57
N GLU F 6 20.10 58.34 26.34
CA GLU F 6 18.86 58.99 25.98
C GLU F 6 18.98 60.50 26.15
N SER F 7 18.12 61.23 25.45
CA SER F 7 18.12 62.69 25.50
C SER F 7 16.73 63.17 25.16
N GLY F 8 16.60 64.47 24.87
CA GLY F 8 15.32 65.04 24.53
C GLY F 8 14.43 65.35 25.70
N GLU F 9 14.95 65.31 26.91
CA GLU F 9 14.14 65.60 28.08
C GLU F 9 13.55 67.01 27.97
N GLY F 10 12.31 67.15 28.41
CA GLY F 10 11.67 68.44 28.43
C GLY F 10 10.19 68.40 28.72
N LEU F 11 9.66 69.49 29.29
CA LEU F 11 8.23 69.59 29.51
C LEU F 11 7.50 69.63 28.16
N VAL F 12 6.27 69.15 28.17
CA VAL F 12 5.41 69.21 27.00
C VAL F 12 3.99 69.48 27.47
N GLN F 13 3.32 70.36 26.76
CA GLN F 13 1.91 70.56 27.05
C GLN F 13 1.09 69.43 26.44
N PRO F 14 -0.06 69.09 27.04
CA PRO F 14 -0.90 68.03 26.47
C PRO F 14 -1.23 68.33 25.02
N GLY F 15 -1.19 67.28 24.19
CA GLY F 15 -1.38 67.43 22.76
C GLY F 15 -0.16 67.91 22.01
N GLY F 16 1.00 67.97 22.66
CA GLY F 16 2.22 68.44 22.05
C GLY F 16 3.01 67.33 21.41
N SER F 17 4.29 67.60 21.19
CA SER F 17 5.18 66.67 20.51
C SER F 17 6.54 66.72 21.16
N LEU F 18 7.31 65.65 20.95
CA LEU F 18 8.64 65.52 21.52
C LEU F 18 9.39 64.47 20.72
N ARG F 19 10.71 64.63 20.63
CA ARG F 19 11.55 63.74 19.85
C ARG F 19 12.70 63.26 20.73
N LEU F 20 12.54 62.06 21.29
CA LEU F 20 13.61 61.45 22.06
C LEU F 20 14.65 60.85 21.13
N SER F 21 15.91 60.94 21.51
CA SER F 21 17.00 60.35 20.75
C SER F 21 17.91 59.60 21.71
N CYS F 22 18.39 58.44 21.27
CA CYS F 22 19.25 57.58 22.09
C CYS F 22 20.52 57.31 21.29
N ALA F 23 21.61 57.94 21.70
CA ALA F 23 22.89 57.78 21.02
C ALA F 23 23.57 56.50 21.52
N ALA F 24 23.97 55.65 20.59
CA ALA F 24 24.56 54.36 20.91
C ALA F 24 26.02 54.34 20.49
N SER F 25 26.85 53.68 21.29
CA SER F 25 28.27 53.58 20.99
C SER F 25 28.85 52.39 21.74
N GLY F 26 29.88 51.78 21.18
CA GLY F 26 30.52 50.62 21.75
C GLY F 26 30.16 49.30 21.11
N PHE F 27 29.29 49.30 20.10
CA PHE F 27 28.90 48.07 19.43
C PHE F 27 28.40 48.41 18.04
N THR F 28 28.29 47.38 17.20
CA THR F 28 27.77 47.53 15.86
C THR F 28 26.28 47.86 15.93
N PHE F 29 25.90 49.07 15.50
CA PHE F 29 24.53 49.51 15.72
C PHE F 29 23.55 48.85 14.77
N LYS F 30 23.98 48.49 13.56
CA LYS F 30 23.04 48.04 12.55
C LYS F 30 22.64 46.58 12.71
N THR F 31 23.24 45.86 13.64
CA THR F 31 22.91 44.45 13.82
C THR F 31 21.87 44.20 14.91
N TYR F 32 21.68 45.15 15.83
CA TYR F 32 20.80 44.97 16.97
C TYR F 32 19.47 45.66 16.73
N ALA F 33 18.39 45.00 17.14
CA ALA F 33 17.09 45.64 17.19
C ALA F 33 16.96 46.43 18.48
N MET F 34 16.46 47.65 18.38
CA MET F 34 16.35 48.55 19.51
C MET F 34 14.89 48.81 19.81
N SER F 35 14.58 49.04 21.08
CA SER F 35 13.19 49.21 21.51
C SER F 35 13.11 50.31 22.55
N TRP F 36 11.90 50.82 22.74
CA TRP F 36 11.62 51.86 23.73
C TRP F 36 10.72 51.28 24.80
N VAL F 37 11.19 51.34 26.05
CA VAL F 37 10.44 50.87 27.20
C VAL F 37 10.27 52.06 28.15
N ARG F 38 9.06 52.25 28.65
CA ARG F 38 8.75 53.35 29.53
C ARG F 38 8.23 52.83 30.86
N GLN F 39 8.57 53.54 31.94
CA GLN F 39 8.10 53.21 33.28
C GLN F 39 7.43 54.45 33.88
N ALA F 40 6.13 54.39 34.06
CA ALA F 40 5.42 55.49 34.68
C ALA F 40 5.82 55.59 36.15
N PRO F 41 5.69 56.78 36.75
CA PRO F 41 6.11 56.94 38.15
C PRO F 41 5.35 56.01 39.07
N GLY F 42 6.09 55.14 39.77
CA GLY F 42 5.49 54.21 40.70
C GLY F 42 4.77 53.05 40.05
N LYS F 43 5.12 52.69 38.83
CA LYS F 43 4.49 51.59 38.11
C LYS F 43 5.56 50.66 37.57
N GLY F 44 5.13 49.63 36.85
CA GLY F 44 6.06 48.67 36.29
C GLY F 44 6.52 49.04 34.89
N LEU F 45 7.46 48.25 34.38
CA LEU F 45 8.00 48.48 33.05
C LEU F 45 6.96 48.16 31.99
N GLU F 46 6.96 48.96 30.92
CA GLU F 46 6.00 48.80 29.84
C GLU F 46 6.69 49.07 28.51
N TRP F 47 6.45 48.20 27.55
CA TRP F 47 7.12 48.26 26.24
C TRP F 47 6.34 49.18 25.32
N VAL F 48 7.05 50.06 24.61
CA VAL F 48 6.42 51.07 23.77
C VAL F 48 6.50 50.69 22.30
N SER F 49 7.71 50.57 21.77
CA SER F 49 7.87 50.26 20.36
C SER F 49 9.23 49.64 20.13
N ALA F 50 9.36 48.96 18.99
CA ALA F 50 10.59 48.31 18.60
C ALA F 50 10.81 48.51 17.11
N ILE F 51 12.08 48.56 16.72
CA ILE F 51 12.47 48.71 15.32
C ILE F 51 13.48 47.63 14.99
N SER F 52 13.36 47.08 13.78
CA SER F 52 14.34 46.11 13.31
C SER F 52 15.74 46.70 13.33
N GLY F 53 16.73 45.82 13.21
CA GLY F 53 18.11 46.27 13.21
C GLY F 53 18.53 46.93 11.92
N SER F 54 17.72 46.86 10.88
CA SER F 54 17.96 47.59 9.64
C SER F 54 17.00 48.74 9.44
N GLY F 55 16.02 48.91 10.33
CA GLY F 55 15.06 49.99 10.23
C GLY F 55 13.88 49.72 9.34
N ALA F 56 13.80 48.53 8.75
CA ALA F 56 12.74 48.26 7.78
C ALA F 56 11.40 48.06 8.44
N SER F 57 11.37 47.40 9.60
CA SER F 57 10.13 47.02 10.26
C SER F 57 10.02 47.68 11.62
N THR F 58 8.81 48.15 11.95
CA THR F 58 8.55 48.86 13.20
C THR F 58 7.30 48.30 13.85
N TYR F 59 7.33 48.17 15.17
CA TYR F 59 6.22 47.63 15.94
C TYR F 59 5.89 48.55 17.11
N TYR F 60 4.61 48.73 17.39
CA TYR F 60 4.16 49.63 18.44
C TYR F 60 3.22 48.91 19.38
N ALA F 61 3.19 49.37 20.63
CA ALA F 61 2.27 48.82 21.60
C ALA F 61 0.84 49.25 21.28
N ASP F 62 -0.12 48.68 22.00
CA ASP F 62 -1.53 48.96 21.71
C ASP F 62 -1.90 50.38 22.11
N PHE F 63 -1.40 50.85 23.25
CA PHE F 63 -1.85 52.13 23.79
C PHE F 63 -1.45 53.31 22.93
N VAL F 64 -0.53 53.14 22.00
CA VAL F 64 -0.07 54.23 21.14
C VAL F 64 -0.77 54.04 19.79
N GLU F 65 -1.93 54.66 19.65
CA GLU F 65 -2.74 54.51 18.44
C GLU F 65 -2.16 55.40 17.35
N GLY F 66 -1.10 54.90 16.72
CA GLY F 66 -0.51 55.61 15.60
C GLY F 66 0.02 56.99 15.93
N ARG F 67 0.27 57.26 17.20
CA ARG F 67 0.74 58.58 17.62
C ARG F 67 2.26 58.69 17.57
N PHE F 68 2.97 57.69 18.09
CA PHE F 68 4.43 57.70 18.05
C PHE F 68 4.93 57.12 16.73
N THR F 69 6.21 57.30 16.48
CA THR F 69 6.87 56.68 15.34
C THR F 69 8.35 56.55 15.65
N ILE F 70 8.87 55.34 15.50
CA ILE F 70 10.25 55.02 15.83
C ILE F 70 11.08 55.01 14.57
N SER F 71 12.35 55.38 14.70
CA SER F 71 13.24 55.43 13.55
C SER F 71 14.66 55.35 14.06
N ARG F 72 15.59 55.13 13.13
CA ARG F 72 16.99 55.00 13.48
C ARG F 72 17.83 55.47 12.32
N ASP F 73 19.11 55.72 12.59
CA ASP F 73 20.08 56.09 11.57
C ASP F 73 21.37 55.35 11.88
N ASN F 74 21.71 54.37 11.04
CA ASN F 74 22.90 53.58 11.29
C ASN F 74 24.18 54.37 11.02
N SER F 75 24.10 55.44 10.24
CA SER F 75 25.27 56.30 10.03
C SER F 75 25.58 57.11 11.28
N LYS F 76 24.56 57.70 11.89
CA LYS F 76 24.73 58.44 13.13
C LYS F 76 24.78 57.54 14.37
N ASN F 77 24.37 56.28 14.25
CA ASN F 77 24.29 55.36 15.38
C ASN F 77 23.37 55.94 16.46
N THR F 78 22.13 56.23 16.05
CA THR F 78 21.19 56.92 16.92
C THR F 78 19.80 56.32 16.72
N LEU F 79 19.02 56.28 17.81
CA LEU F 79 17.66 55.78 17.80
C LEU F 79 16.72 56.89 18.22
N TYR F 80 15.63 57.06 17.47
CA TYR F 80 14.70 58.17 17.65
C TYR F 80 13.33 57.65 18.02
N LEU F 81 12.51 58.55 18.55
CA LEU F 81 11.10 58.25 18.81
C LEU F 81 10.36 59.60 18.79
N GLN F 82 9.70 59.88 17.68
CA GLN F 82 8.87 61.08 17.58
C GLN F 82 7.52 60.78 18.18
N MET F 83 7.13 61.57 19.18
CA MET F 83 5.85 61.41 19.86
C MET F 83 4.94 62.57 19.50
N ASN F 84 3.65 62.26 19.33
CA ASN F 84 2.68 63.25 18.87
C ASN F 84 1.35 63.00 19.55
N SER F 85 0.54 64.05 19.63
CA SER F 85 -0.79 63.97 20.25
C SER F 85 -0.68 63.39 21.65
N LEU F 86 0.25 63.93 22.43
CA LEU F 86 0.58 63.37 23.73
C LEU F 86 -0.62 63.43 24.68
N ARG F 87 -0.42 62.88 25.88
CA ARG F 87 -1.42 62.94 26.93
C ARG F 87 -0.70 62.94 28.27
N ALA F 88 -1.44 63.29 29.32
CA ALA F 88 -0.88 63.28 30.67
C ALA F 88 -0.55 61.88 31.15
N GLU F 89 -1.17 60.86 30.56
CA GLU F 89 -0.89 59.47 30.91
C GLU F 89 0.43 58.98 30.34
N ASP F 90 1.08 59.77 29.48
CA ASP F 90 2.32 59.36 28.84
C ASP F 90 3.55 59.75 29.62
N THR F 91 3.39 60.29 30.82
CA THR F 91 4.55 60.65 31.63
C THR F 91 5.23 59.40 32.15
N ALA F 92 6.54 59.32 31.99
CA ALA F 92 7.30 58.15 32.40
C ALA F 92 8.77 58.39 32.11
N VAL F 93 9.62 57.54 32.68
CA VAL F 93 11.01 57.45 32.28
C VAL F 93 11.10 56.51 31.10
N TYR F 94 11.69 56.98 30.01
CA TYR F 94 11.77 56.22 28.77
C TYR F 94 13.18 55.68 28.58
N TYR F 95 13.30 54.37 28.40
CA TYR F 95 14.58 53.71 28.21
C TYR F 95 14.69 53.20 26.78
N CYS F 96 15.88 53.30 26.21
CA CYS F 96 16.21 52.57 24.99
C CYS F 96 16.95 51.31 25.40
N ALA F 97 16.52 50.17 24.87
CA ALA F 97 17.11 48.88 25.19
C ALA F 97 17.42 48.14 23.89
N LYS F 98 18.55 47.44 23.86
CA LYS F 98 18.99 46.76 22.66
C LYS F 98 18.73 45.26 22.77
N GLU F 99 18.38 44.62 21.66
CA GLU F 99 18.00 43.19 21.66
C GLU F 99 19.03 42.42 20.83
N PRO F 100 19.55 41.28 21.31
CA PRO F 100 20.61 40.58 20.59
C PRO F 100 20.14 40.07 19.23
N PRO F 101 21.01 39.89 18.23
CA PRO F 101 20.60 39.30 16.94
C PRO F 101 20.26 37.81 17.04
N ALA F 102 19.30 37.31 16.25
CA ALA F 102 18.95 35.87 16.21
C ALA F 102 18.19 35.54 14.93
N MET F 103 18.07 34.27 14.57
CA MET F 103 17.31 33.84 13.41
C MET F 103 15.86 33.58 13.73
N VAL F 104 15.42 33.86 14.96
CA VAL F 104 14.01 33.73 15.40
C VAL F 104 13.46 35.14 15.53
N TRP F 105 12.14 35.33 15.53
CA TRP F 105 11.51 36.68 15.59
C TRP F 105 12.37 37.63 14.76
N PHE F 106 12.64 38.84 15.21
CA PHE F 106 13.60 39.72 14.56
C PHE F 106 14.74 40.05 15.51
N GLY F 107 15.18 39.04 16.27
CA GLY F 107 16.23 39.18 17.28
C GLY F 107 15.85 38.29 18.44
N GLY F 108 16.73 38.04 19.40
CA GLY F 108 16.34 37.28 20.59
C GLY F 108 15.14 37.99 21.18
N GLY F 109 14.36 37.37 22.04
CA GLY F 109 13.14 38.01 22.55
C GLY F 109 13.41 39.01 23.66
N TYR F 110 14.61 39.06 24.22
CA TYR F 110 14.93 39.89 25.41
C TYR F 110 15.79 41.11 25.10
N PHE F 111 16.03 41.97 26.09
CA PHE F 111 16.84 43.17 25.96
C PHE F 111 18.14 42.95 26.70
N ASP F 112 19.25 42.94 25.95
CA ASP F 112 20.54 42.63 26.53
C ASP F 112 21.09 43.80 27.36
N TYR F 113 20.75 45.02 26.99
CA TYR F 113 21.27 46.20 27.66
C TYR F 113 20.18 47.27 27.71
N TRP F 114 20.34 48.21 28.63
CA TRP F 114 19.38 49.28 28.83
C TRP F 114 20.10 50.61 28.95
N GLY F 115 19.37 51.68 28.64
CA GLY F 115 19.86 53.02 28.89
C GLY F 115 19.46 53.51 30.27
N GLN F 116 19.94 54.70 30.61
CA GLN F 116 19.61 55.27 31.92
C GLN F 116 18.20 55.83 31.94
N GLY F 117 17.75 56.41 30.85
CA GLY F 117 16.39 56.87 30.73
C GLY F 117 16.24 58.34 31.05
N THR F 118 15.27 58.97 30.41
CA THR F 118 14.98 60.38 30.61
C THR F 118 13.52 60.55 30.99
N LEU F 119 13.27 61.40 31.97
CA LEU F 119 11.90 61.70 32.37
C LEU F 119 11.23 62.58 31.34
N VAL F 120 9.99 62.25 31.00
CA VAL F 120 9.20 63.00 30.04
C VAL F 120 7.88 63.34 30.73
N THR F 121 7.74 64.59 31.16
CA THR F 121 6.57 65.03 31.90
C THR F 121 5.63 65.77 30.98
N VAL F 122 4.34 65.41 31.02
CA VAL F 122 3.31 66.03 30.21
C VAL F 122 2.33 66.69 31.16
N SER F 123 2.30 68.01 31.18
CA SER F 123 1.43 68.76 32.07
C SER F 123 1.43 70.22 31.67
N SER F 124 0.25 70.82 31.64
CA SER F 124 0.11 72.21 31.22
C SER F 124 0.54 73.19 32.31
N ALA F 125 0.72 72.73 33.54
CA ALA F 125 1.11 73.60 34.65
C ALA F 125 2.28 74.50 34.26
N GLU G 1 -5.07 37.61 24.69
CA GLU G 1 -3.61 37.78 24.47
C GLU G 1 -2.84 37.18 25.64
N ILE G 2 -1.52 37.33 25.62
CA ILE G 2 -0.67 36.84 26.69
C ILE G 2 -0.66 37.88 27.81
N VAL G 3 -0.89 37.43 29.03
CA VAL G 3 -0.84 38.29 30.22
C VAL G 3 0.04 37.57 31.24
N LEU G 4 1.15 38.19 31.60
CA LEU G 4 2.03 37.63 32.62
C LEU G 4 1.57 38.10 33.99
N THR G 5 1.52 37.16 34.93
CA THR G 5 1.13 37.43 36.30
C THR G 5 2.24 36.96 37.23
N GLN G 6 2.74 37.86 38.06
CA GLN G 6 3.80 37.55 39.00
C GLN G 6 3.21 37.44 40.40
N SER G 7 3.49 36.32 41.06
CA SER G 7 3.09 36.12 42.43
C SER G 7 4.30 35.63 43.23
N PRO G 8 4.44 36.07 44.49
CA PRO G 8 3.58 37.01 45.20
C PRO G 8 3.82 38.45 44.77
N ALA G 9 2.85 39.33 45.03
CA ALA G 9 3.04 40.74 44.73
C ALA G 9 4.19 41.34 45.52
N THR G 10 4.56 40.70 46.63
CA THR G 10 5.74 41.10 47.40
C THR G 10 6.28 39.85 48.10
N LEU G 11 7.54 39.92 48.50
CA LEU G 11 8.21 38.76 49.10
C LEU G 11 9.20 39.28 50.13
N SER G 12 8.89 39.09 51.41
CA SER G 12 9.69 39.60 52.52
C SER G 12 10.58 38.50 53.06
N LEU G 13 11.89 38.66 52.90
CA LEU G 13 12.86 37.65 53.30
C LEU G 13 14.08 38.34 53.89
N SER G 14 14.89 37.55 54.60
CA SER G 14 16.08 38.07 55.26
C SER G 14 17.34 37.55 54.57
N PRO G 15 18.45 38.27 54.68
CA PRO G 15 19.66 37.87 53.95
C PRO G 15 20.10 36.45 54.32
N GLY G 16 20.62 35.74 53.32
CA GLY G 16 21.08 34.39 53.49
C GLY G 16 20.04 33.33 53.26
N GLU G 17 18.79 33.71 53.00
CA GLU G 17 17.70 32.76 52.80
C GLU G 17 17.57 32.47 51.30
N ARG G 18 16.59 31.65 50.92
CA ARG G 18 16.41 31.22 49.53
C ARG G 18 15.05 31.69 49.04
N ALA G 19 15.05 32.46 47.96
CA ALA G 19 13.85 33.09 47.42
C ALA G 19 13.37 32.40 46.16
N THR G 20 12.08 32.55 45.88
CA THR G 20 11.45 31.92 44.72
C THR G 20 10.38 32.87 44.19
N LEU G 21 10.59 33.38 42.98
CA LEU G 21 9.62 34.23 42.30
C LEU G 21 8.97 33.45 41.18
N SER G 22 7.66 33.60 41.03
CA SER G 22 6.89 32.85 40.05
C SER G 22 6.22 33.80 39.07
N CYS G 23 6.38 33.52 37.78
CA CYS G 23 5.70 34.22 36.70
C CYS G 23 4.90 33.18 35.93
N ARG G 24 3.59 33.37 35.85
CA ARG G 24 2.70 32.44 35.18
C ARG G 24 1.98 33.16 34.05
N ALA G 25 2.05 32.58 32.85
CA ALA G 25 1.47 33.18 31.65
C ALA G 25 0.13 32.54 31.35
N SER G 26 -0.76 33.34 30.75
CA SER G 26 -2.08 32.84 30.41
C SER G 26 -2.01 31.75 29.35
N GLN G 27 -1.28 32.00 28.26
CA GLN G 27 -1.00 31.00 27.24
C GLN G 27 0.48 30.68 27.24
N SER G 28 0.84 29.66 26.47
CA SER G 28 2.22 29.21 26.45
C SER G 28 3.10 30.22 25.70
N VAL G 29 4.21 30.59 26.32
CA VAL G 29 5.22 31.44 25.70
C VAL G 29 6.48 30.65 25.36
N SER G 30 6.36 29.33 25.28
CA SER G 30 7.48 28.45 24.94
C SER G 30 8.63 28.76 25.91
N SER G 31 9.85 28.97 25.43
CA SER G 31 10.98 29.22 26.30
C SER G 31 11.33 30.71 26.39
N TYR G 32 10.52 31.58 25.79
CA TYR G 32 10.88 32.99 25.66
C TYR G 32 10.35 33.75 26.87
N LEU G 33 11.07 33.60 27.98
CA LEU G 33 10.81 34.38 29.18
C LEU G 33 12.14 34.83 29.76
N ALA G 34 12.23 36.12 30.09
CA ALA G 34 13.43 36.70 30.66
C ALA G 34 13.10 37.38 31.98
N TRP G 35 14.11 37.49 32.83
CA TRP G 35 13.97 38.09 34.15
C TRP G 35 14.88 39.31 34.25
N TYR G 36 14.34 40.40 34.78
CA TYR G 36 15.08 41.64 34.92
C TYR G 36 15.06 42.07 36.38
N GLN G 37 16.16 42.72 36.80
CA GLN G 37 16.29 43.28 38.13
C GLN G 37 16.44 44.78 38.00
N GLN G 38 15.64 45.53 38.74
CA GLN G 38 15.73 46.99 38.75
C GLN G 38 15.89 47.45 40.19
N LYS G 39 17.12 47.78 40.57
CA LYS G 39 17.34 48.40 41.86
C LYS G 39 16.82 49.84 41.82
N PRO G 40 16.07 50.28 42.83
CA PRO G 40 15.40 51.59 42.72
C PRO G 40 16.41 52.70 42.45
N GLY G 41 16.05 53.60 41.55
CA GLY G 41 16.93 54.66 41.13
C GLY G 41 17.86 54.33 39.97
N GLN G 42 17.69 53.16 39.33
CA GLN G 42 18.55 52.77 38.21
C GLN G 42 17.74 52.19 37.07
N ALA G 43 18.43 51.70 36.05
CA ALA G 43 17.81 51.04 34.92
C ALA G 43 17.83 49.54 35.10
N PRO G 44 16.90 48.82 34.45
CA PRO G 44 16.86 47.37 34.64
C PRO G 44 18.14 46.69 34.17
N ARG G 45 18.32 45.46 34.65
CA ARG G 45 19.48 44.65 34.34
C ARG G 45 19.00 43.24 34.00
N LEU G 46 19.49 42.68 32.89
CA LEU G 46 19.10 41.35 32.49
C LEU G 46 19.73 40.31 33.40
N LEU G 47 18.92 39.38 33.89
CA LEU G 47 19.39 38.30 34.76
C LEU G 47 19.35 36.95 34.06
N ILE G 48 18.18 36.55 33.59
CA ILE G 48 17.96 35.24 32.98
C ILE G 48 17.24 35.46 31.67
N TYR G 49 17.70 34.80 30.61
CA TYR G 49 17.03 34.86 29.33
C TYR G 49 16.77 33.44 28.84
N ASP G 50 15.76 33.30 28.00
CA ASP G 50 15.28 31.99 27.55
C ASP G 50 14.86 31.11 28.72
N ALA G 51 14.52 31.74 29.85
CA ALA G 51 13.91 31.08 30.99
C ALA G 51 14.88 30.23 31.80
N SER G 52 16.11 30.00 31.31
CA SER G 52 17.07 29.19 32.05
C SER G 52 18.49 29.71 32.04
N ASN G 53 18.89 30.54 31.09
CA ASN G 53 20.30 30.89 30.91
C ASN G 53 20.62 32.18 31.65
N ARG G 54 21.72 32.19 32.37
CA ARG G 54 22.17 33.39 33.06
C ARG G 54 22.84 34.35 32.10
N ALA G 55 22.55 35.64 32.24
CA ALA G 55 23.20 36.65 31.44
C ALA G 55 24.68 36.72 31.79
N THR G 56 25.40 37.56 31.06
CA THR G 56 26.85 37.67 31.24
C THR G 56 27.16 38.47 32.49
N GLY G 57 28.05 37.93 33.33
CA GLY G 57 28.47 38.62 34.53
C GLY G 57 27.55 38.48 35.71
N ILE G 58 26.48 37.70 35.60
CA ILE G 58 25.54 37.53 36.71
C ILE G 58 26.12 36.50 37.68
N PRO G 59 26.16 36.80 38.99
CA PRO G 59 26.66 35.81 39.94
C PRO G 59 25.83 34.53 39.88
N ALA G 60 26.51 33.42 40.16
CA ALA G 60 25.90 32.10 39.96
C ALA G 60 24.69 31.86 40.86
N ARG G 61 24.47 32.70 41.87
CA ARG G 61 23.36 32.47 42.79
C ARG G 61 22.00 32.68 42.15
N PHE G 62 21.93 33.25 40.95
CA PHE G 62 20.66 33.46 40.25
C PHE G 62 20.39 32.27 39.34
N SER G 63 19.24 31.62 39.54
CA SER G 63 18.86 30.47 38.75
C SER G 63 17.40 30.59 38.34
N GLY G 64 17.09 30.12 37.14
CA GLY G 64 15.73 30.17 36.65
C GLY G 64 15.39 28.88 35.92
N SER G 65 14.10 28.60 35.85
CA SER G 65 13.61 27.38 35.23
C SER G 65 12.16 27.59 34.80
N GLY G 66 11.66 26.64 34.03
CA GLY G 66 10.29 26.64 33.60
C GLY G 66 10.17 26.57 32.10
N SER G 67 8.93 26.51 31.64
CA SER G 67 8.62 26.49 30.22
C SER G 67 7.11 26.53 30.09
N GLY G 68 6.64 26.86 28.90
CA GLY G 68 5.22 26.91 28.67
C GLY G 68 4.56 28.08 29.38
N THR G 69 3.85 27.78 30.47
CA THR G 69 3.07 28.79 31.19
C THR G 69 3.50 28.99 32.64
N ASP G 70 4.46 28.22 33.13
CA ASP G 70 4.87 28.30 34.54
C ASP G 70 6.38 28.46 34.60
N PHE G 71 6.83 29.59 35.16
CA PHE G 71 8.23 29.92 35.24
C PHE G 71 8.59 30.30 36.66
N THR G 72 9.87 30.17 37.00
CA THR G 72 10.34 30.40 38.36
C THR G 72 11.76 30.93 38.33
N LEU G 73 12.04 31.89 39.21
CA LEU G 73 13.38 32.41 39.44
C LEU G 73 13.75 32.18 40.89
N THR G 74 14.89 31.54 41.13
CA THR G 74 15.32 31.21 42.49
C THR G 74 16.65 31.89 42.79
N ILE G 75 16.71 32.60 43.90
CA ILE G 75 17.93 33.21 44.41
C ILE G 75 18.34 32.43 45.66
N SER G 76 19.58 31.95 45.68
CA SER G 76 20.12 31.19 46.79
C SER G 76 21.11 32.06 47.56
N SER G 77 20.95 32.11 48.88
CA SER G 77 21.82 32.93 49.73
C SER G 77 21.72 34.40 49.35
N LEU G 78 20.52 34.95 49.58
CA LEU G 78 20.29 36.37 49.34
C LEU G 78 21.41 37.22 49.93
N GLU G 79 22.11 37.94 49.07
CA GLU G 79 23.03 38.96 49.51
C GLU G 79 22.27 40.25 49.80
N PRO G 80 22.87 41.18 50.54
CA PRO G 80 22.13 42.40 50.88
C PRO G 80 21.67 43.21 49.67
N GLU G 81 22.46 43.23 48.60
CA GLU G 81 22.13 44.07 47.45
C GLU G 81 21.15 43.41 46.49
N ASP G 82 20.77 42.16 46.71
CA ASP G 82 19.82 41.47 45.85
C ASP G 82 18.38 41.76 46.22
N PHE G 83 18.12 42.89 46.88
CA PHE G 83 16.78 43.30 47.25
C PHE G 83 16.35 44.41 46.30
N ALA G 84 15.43 44.09 45.40
CA ALA G 84 14.98 45.02 44.36
C ALA G 84 13.65 44.51 43.83
N VAL G 85 13.22 45.08 42.70
CA VAL G 85 12.01 44.65 42.01
C VAL G 85 12.41 43.82 40.80
N TYR G 86 11.75 42.68 40.62
CA TYR G 86 12.10 41.72 39.57
C TYR G 86 10.93 41.58 38.61
N TYR G 87 11.23 41.67 37.31
CA TYR G 87 10.22 41.62 36.27
C TYR G 87 10.44 40.41 35.38
N CYS G 88 9.35 39.86 34.87
CA CYS G 88 9.40 38.83 33.84
C CYS G 88 8.87 39.42 32.54
N GLN G 89 9.55 39.12 31.44
CA GLN G 89 9.19 39.63 30.13
C GLN G 89 9.07 38.47 29.17
N GLN G 90 8.09 38.56 28.27
CA GLN G 90 7.81 37.50 27.31
C GLN G 90 7.85 38.04 25.89
N ARG G 91 8.22 37.17 24.95
CA ARG G 91 8.25 37.48 23.51
C ARG G 91 7.24 36.51 22.88
N SER G 92 6.24 37.00 22.16
CA SER G 92 5.18 36.19 21.60
C SER G 92 4.73 36.83 20.30
N ASN G 93 3.56 36.42 19.81
CA ASN G 93 3.01 36.93 18.56
C ASN G 93 2.02 38.06 18.77
N TRP G 94 1.00 37.86 19.61
CA TRP G 94 -0.10 38.82 19.64
C TRP G 94 0.30 40.12 20.32
N PRO G 95 0.75 40.13 21.57
CA PRO G 95 1.58 41.24 22.04
C PRO G 95 3.05 40.93 21.79
N PRO G 96 3.75 41.72 20.98
CA PRO G 96 5.16 41.40 20.72
C PRO G 96 5.99 41.22 21.99
N TYR G 97 6.04 42.24 22.84
CA TYR G 97 6.73 42.13 24.15
C TYR G 97 5.73 42.53 25.23
N SER G 98 5.94 42.08 26.46
CA SER G 98 5.05 42.35 27.58
C SER G 98 5.80 42.04 28.87
N PHE G 99 5.54 42.85 29.89
CA PHE G 99 6.21 42.71 31.17
C PHE G 99 5.20 42.31 32.25
N GLY G 100 5.69 41.65 33.27
CA GLY G 100 4.88 41.40 34.44
C GLY G 100 4.75 42.65 35.29
N GLN G 101 3.89 42.55 36.30
CA GLN G 101 3.64 43.71 37.16
C GLN G 101 4.82 43.99 38.08
N GLY G 102 5.69 43.02 38.29
CA GLY G 102 6.85 43.20 39.14
C GLY G 102 6.64 42.65 40.52
N THR G 103 7.72 42.14 41.10
CA THR G 103 7.70 41.60 42.46
C THR G 103 8.76 42.33 43.27
N LYS G 104 8.35 42.94 44.37
CA LYS G 104 9.27 43.71 45.20
C LYS G 104 9.77 42.85 46.34
N LEU G 105 11.08 42.69 46.42
CA LEU G 105 11.72 41.76 47.35
C LEU G 105 12.41 42.58 48.43
N GLU G 106 11.85 42.56 49.64
CA GLU G 106 12.28 43.45 50.71
C GLU G 106 12.90 42.67 51.85
N ILE G 107 13.49 43.40 52.80
CA ILE G 107 14.21 42.83 53.93
C ILE G 107 13.24 42.52 55.05
N LYS G 108 13.49 41.44 55.76
CA LYS G 108 12.65 41.00 56.88
C LYS G 108 13.36 41.35 58.19
N ARG G 109 12.69 42.12 59.03
CA ARG G 109 13.24 42.53 60.32
C ARG G 109 12.23 42.31 61.43
C1 NAG H . 41.98 -2.84 9.62
C2 NAG H . 41.93 -3.43 11.02
C3 NAG H . 42.83 -4.66 11.09
C4 NAG H . 42.50 -5.65 9.98
C5 NAG H . 42.53 -4.93 8.63
C6 NAG H . 42.09 -5.80 7.49
C7 NAG H . 43.45 -1.74 11.91
C8 NAG H . 43.71 -0.76 13.01
N2 NAG H . 42.33 -2.45 12.01
O3 NAG H . 42.66 -5.29 12.36
O4 NAG H . 43.46 -6.70 9.96
O5 NAG H . 41.62 -3.82 8.68
O6 NAG H . 42.98 -5.70 6.39
O7 NAG H . 44.24 -1.88 10.98
H2 NAG H . 41.02 -3.71 11.19
H3 NAG H . 43.76 -4.38 11.01
H4 NAG H . 41.61 -6.01 10.13
H5 NAG H . 43.43 -4.60 8.46
H61 NAG H . 41.20 -5.53 7.19
H62 NAG H . 42.06 -6.73 7.78
H81 NAG H . 44.57 -0.31 12.87
H82 NAG H . 43.71 -1.22 13.87
H83 NAG H . 42.99 -0.08 13.02
HN2 NAG H . 41.78 -2.30 12.71
HO3 NAG H . 43.22 -4.94 12.95
HO6 NAG H . 42.88 -4.91 5.98
C1 NAG H . 43.03 -7.71 10.90
C2 NAG H . 43.76 -8.99 10.55
C3 NAG H . 43.41 -10.08 11.55
C4 NAG H . 43.66 -9.60 12.97
C5 NAG H . 42.94 -8.29 13.22
C6 NAG H . 43.26 -7.68 14.57
C7 NAG H . 43.93 -8.81 8.11
C8 NAG H . 43.50 -9.38 6.79
N2 NAG H . 43.45 -9.42 9.20
O3 NAG H . 44.19 -11.24 11.28
O4 NAG H . 43.21 -10.58 13.91
O5 NAG H . 43.34 -7.33 12.23
O6 NAG H . 42.66 -8.41 15.62
O7 NAG H . 44.67 -7.84 8.19
H2 NAG H . 44.72 -8.83 10.61
H3 NAG H . 42.47 -10.32 11.45
H4 NAG H . 44.63 -9.47 13.10
H5 NAG H . 41.98 -8.43 13.16
H61 NAG H . 42.94 -6.76 14.59
H62 NAG H . 44.23 -7.68 14.70
H81 NAG H . 43.99 -8.93 6.08
H82 NAG H . 42.54 -9.24 6.67
H83 NAG H . 43.70 -10.33 6.77
HN2 NAG H . 42.90 -10.14 9.08
HO3 NAG H . 43.68 -11.96 11.32
HO4 NAG H . 42.50 -10.26 14.34
HO6 NAG H . 42.77 -7.98 16.39
C1 NAG I . 8.56 17.73 -43.49
C2 NAG I . 8.69 17.08 -44.85
C3 NAG I . 7.53 17.48 -45.75
C4 NAG I . 6.20 17.21 -45.04
C5 NAG I . 6.20 17.79 -43.62
C6 NAG I . 5.00 17.37 -42.82
C7 NAG I . 10.36 18.69 -45.67
C8 NAG I . 11.70 18.86 -46.32
N2 NAG I . 9.96 17.42 -45.48
O3 NAG I . 7.59 16.73 -46.95
O4 NAG I . 5.13 17.83 -45.74
O5 NAG I . 7.36 17.34 -42.90
O6 NAG I . 4.88 15.96 -42.77
O7 NAG I . 9.67 19.64 -45.33
H2 NAG I . 8.67 16.11 -44.73
H3 NAG I . 7.59 18.43 -45.95
H4 NAG I . 6.05 16.24 -44.99
H5 NAG I . 6.22 18.76 -43.68
H61 NAG I . 4.20 17.74 -43.22
H62 NAG I . 5.09 17.71 -41.90
H81 NAG I . 11.89 19.81 -46.41
H82 NAG I . 11.68 18.45 -47.21
H83 NAG I . 12.38 18.43 -45.78
HN2 NAG I . 10.51 16.75 -45.75
HO3 NAG I . 7.77 17.29 -47.63
HO6 NAG I . 5.69 15.59 -42.71
C1 NAG I . 4.78 17.11 -46.93
C2 NAG I . 3.43 17.63 -47.42
C3 NAG I . 3.04 16.97 -48.73
C4 NAG I . 4.15 17.12 -49.76
C5 NAG I . 5.45 16.58 -49.18
C6 NAG I . 6.63 16.77 -50.11
C7 NAG I . 1.95 18.40 -45.61
C8 NAG I . 0.88 18.01 -44.64
N2 NAG I . 2.40 17.42 -46.41
O3 NAG I . 1.83 17.57 -49.22
O4 NAG I . 3.81 16.42 -50.95
O5 NAG I . 5.76 17.27 -47.97
O6 NAG I . 7.85 16.73 -49.39
O7 NAG I . 2.37 19.55 -45.68
H2 NAG I . 3.52 18.59 -47.58
H3 NAG I . 2.88 16.02 -48.57
H4 NAG I . 4.26 18.07 -49.97
H5 NAG I . 5.34 15.64 -48.99
H61 NAG I . 6.55 17.62 -50.56
H62 NAG I . 6.63 16.05 -50.78
H81 NAG I . 0.54 18.80 -44.19
H82 NAG I . 1.27 17.41 -43.96
H83 NAG I . 0.16 17.56 -45.10
HN2 NAG I . 2.05 16.59 -46.32
HO3 NAG I . 1.29 16.92 -49.53
HO4 NAG I . 4.51 16.42 -51.51
HO6 NAG I . 8.16 15.89 -49.35
C1 NAG J . -19.39 12.08 -21.75
C2 NAG J . -19.85 12.24 -23.19
C3 NAG J . -19.65 13.67 -23.65
C4 NAG J . -20.29 14.65 -22.66
C5 NAG J . -19.83 14.35 -21.24
C6 NAG J . -20.53 15.18 -20.20
C7 NAG J . -19.68 10.29 -24.71
C8 NAG J . -21.14 10.07 -24.50
N2 NAG J . -19.13 11.33 -24.06
O3 NAG J . -20.21 13.85 -24.93
O4 NAG J . -19.90 15.97 -22.99
O5 NAG J . -20.09 12.97 -20.92
O6 NAG J . -20.76 16.49 -20.66
O7 NAG J . -19.02 9.56 -25.42
H2 NAG J . -20.81 12.07 -23.20
H3 NAG J . -18.69 13.86 -23.68
H4 NAG J . -21.26 14.57 -22.71
H5 NAG J . -18.86 14.51 -21.17
H61 NAG J . -19.99 15.21 -19.39
H62 NAG J . -21.40 14.76 -19.99
H81 NAG J . -21.43 9.28 -25.00
H82 NAG J . -21.64 10.85 -24.81
H83 NAG J . -21.33 9.94 -23.55
HN2 NAG J . -18.24 11.46 -24.17
HO3 NAG J . -19.83 14.55 -25.33
HO6 NAG J . -21.63 16.66 -20.70
C1 NAG J . -21.01 16.69 -23.53
C2 NAG J . -20.60 18.15 -23.55
C3 NAG J . -21.71 19.00 -24.15
C4 NAG J . -22.09 18.47 -25.53
C5 NAG J . -22.43 16.99 -25.43
C6 NAG J . -22.71 16.35 -26.77
C7 NAG J . -19.63 19.74 -21.95
C8 NAG J . -19.36 20.04 -20.51
N2 NAG J . -20.28 18.61 -22.20
O3 NAG J . -21.27 20.35 -24.25
O4 NAG J . -23.20 19.18 -26.05
O5 NAG J . -21.32 16.27 -24.86
O6 NAG J . -22.09 15.08 -26.89
O7 NAG J . -19.25 20.49 -22.85
H2 NAG J . -19.81 18.24 -24.10
H3 NAG J . -22.49 18.96 -23.57
H4 NAG J . -21.32 18.58 -26.13
H5 NAG J . -23.21 16.87 -24.86
H61 NAG J . -22.37 16.94 -27.48
H62 NAG J . -23.68 16.25 -26.89
H81 NAG J . -18.85 20.87 -20.43
H82 NAG J . -18.85 19.31 -20.10
H83 NAG J . -20.21 20.15 -20.04
HN2 NAG J . -20.53 18.09 -21.50
HO3 NAG J . -21.98 20.89 -24.31
HO6 NAG J . -21.25 15.13 -26.62
C1 BMA J . -22.69 20.13 -27.00
C2 BMA J . -23.56 20.07 -28.27
C3 BMA J . -23.01 21.07 -29.28
C4 BMA J . -22.87 22.47 -28.65
C5 BMA J . -22.08 22.41 -27.32
C6 BMA J . -22.09 23.73 -26.56
O2 BMA J . -24.90 20.47 -27.99
O3 BMA J . -23.84 21.14 -30.44
O4 BMA J . -22.17 23.32 -29.55
O5 BMA J . -22.70 21.44 -26.47
O6 BMA J . -22.12 24.79 -27.50
H2 BMA J . -23.53 19.05 -28.70
H3 BMA J . -22.03 20.74 -29.62
H4 BMA J . -23.87 22.86 -28.43
H5 BMA J . -21.03 22.13 -27.51
H61 BMA J . -21.20 23.77 -25.93
H62 BMA J . -22.98 23.72 -25.91
HO2 BMA J . -25.45 20.00 -28.64
HO3 BMA J . -24.06 22.09 -30.54
HO4 BMA J . -22.32 24.22 -29.22
HO6 BMA J . -22.45 25.57 -27.05
C1 NAG K . 17.31 4.98 28.12
C2 NAG K . 16.57 4.27 29.25
C3 NAG K . 17.16 4.67 30.59
C4 NAG K . 18.66 4.44 30.60
C5 NAG K . 19.30 5.15 29.42
C6 NAG K . 20.78 4.90 29.29
C7 NAG K . 14.21 3.61 29.05
C8 NAG K . 12.80 4.10 29.02
N2 NAG K . 15.15 4.56 29.20
O3 NAG K . 16.54 3.89 31.62
O4 NAG K . 19.24 4.84 31.84
O5 NAG K . 18.69 4.69 28.20
O6 NAG K . 21.03 3.91 28.31
O7 NAG K . 14.49 2.43 28.96
H2 NAG K . 16.70 3.30 29.14
H3 NAG K . 16.97 5.61 30.75
H4 NAG K . 18.81 3.48 30.49
H5 NAG K . 19.14 6.12 29.49
H61 NAG K . 21.12 4.59 30.15
H62 NAG K . 21.23 5.72 29.04
H81 NAG K . 12.19 3.34 28.88
H82 NAG K . 12.68 4.73 28.29
H83 NAG K . 12.57 4.54 29.86
HN2 NAG K . 14.87 5.43 29.27
HO3 NAG K . 16.57 4.34 32.39
HO6 NAG K . 20.31 3.39 28.21
C1 NAG K . 19.28 6.27 32.03
C2 NAG K . 19.26 6.50 33.53
C3 NAG K . 19.39 7.99 33.84
C4 NAG K . 20.60 8.58 33.14
C5 NAG K . 20.53 8.27 31.65
C6 NAG K . 21.75 8.72 30.89
C7 NAG K . 17.98 5.33 35.30
C8 NAG K . 19.28 5.19 36.05
N2 NAG K . 18.04 5.96 34.12
O3 NAG K . 19.51 8.18 35.25
O4 NAG K . 20.63 9.99 33.32
O5 NAG K . 20.45 6.84 31.46
O6 NAG K . 22.79 7.76 30.94
O7 NAG K . 16.93 4.90 35.75
H2 NAG K . 20.04 6.05 33.90
H3 NAG K . 18.58 8.44 33.53
H4 NAG K . 21.41 8.19 33.51
H5 NAG K . 19.74 8.69 31.27
H61 NAG K . 22.07 9.56 31.29
H62 NAG K . 21.51 8.89 29.96
H81 NAG K . 19.10 4.77 36.92
H82 NAG K . 19.68 6.07 36.19
H83 NAG K . 19.89 4.63 35.54
HN2 NAG K . 17.27 6.05 33.65
HO3 NAG K . 18.98 8.83 35.51
HO4 NAG K . 21.27 10.20 33.90
HO6 NAG K . 22.43 6.95 31.10
C1 NAG L . 21.52 -27.59 -6.43
C2 NAG L . 22.56 -28.42 -5.71
C3 NAG L . 23.95 -27.93 -6.08
C4 NAG L . 24.12 -27.98 -7.59
C5 NAG L . 23.01 -27.19 -8.27
C6 NAG L . 23.02 -27.35 -9.77
C7 NAG L . 22.52 -27.34 -3.51
C8 NAG L . 22.28 -27.51 -2.05
N2 NAG L . 22.36 -28.42 -4.28
O3 NAG L . 24.94 -28.72 -5.43
O4 NAG L . 25.38 -27.46 -7.97
O5 NAG L . 21.72 -27.66 -7.84
O6 NAG L . 21.90 -28.07 -10.24
O7 NAG L . 22.86 -26.27 -3.99
H2 NAG L . 22.48 -29.34 -6.03
H3 NAG L . 24.05 -27.00 -5.80
H4 NAG L . 24.07 -28.92 -7.88
H5 NAG L . 23.10 -26.26 -8.04
H61 NAG L . 23.84 -27.81 -10.04
H62 NAG L . 23.02 -26.46 -10.18
H81 NAG L . 22.45 -26.67 -1.58
H82 NAG L . 22.87 -28.21 -1.70
H83 NAG L . 21.34 -27.78 -1.91
HN2 NAG L . 22.11 -29.19 -3.87
HO3 NAG L . 25.10 -29.45 -5.92
HO6 NAG L . 21.70 -28.72 -9.66
C1 NAG L . 26.27 -28.57 -8.14
C2 NAG L . 27.26 -28.22 -9.24
C3 NAG L . 28.28 -29.35 -9.42
C4 NAG L . 28.93 -29.70 -8.09
C5 NAG L . 27.85 -29.97 -7.04
C6 NAG L . 28.42 -30.19 -5.65
C7 NAG L . 26.23 -26.73 -10.90
C8 NAG L . 25.52 -26.65 -12.22
N2 NAG L . 26.57 -27.96 -10.50
O3 NAG L . 29.29 -28.92 -10.34
O4 NAG L . 29.73 -30.87 -8.24
O5 NAG L . 26.98 -28.84 -6.93
O6 NAG L . 29.22 -29.09 -5.24
O7 NAG L . 26.49 -25.73 -10.23
H2 NAG L . 27.75 -27.41 -8.98
H3 NAG L . 27.83 -30.12 -9.78
H4 NAG L . 29.48 -28.96 -7.79
H5 NAG L . 27.34 -30.75 -7.30
H61 NAG L . 28.98 -31.00 -5.66
H62 NAG L . 27.69 -30.33 -5.03
H81 NAG L . 25.28 -25.72 -12.40
H82 NAG L . 24.71 -27.19 -12.18
H83 NAG L . 26.10 -26.98 -12.92
HN2 NAG L . 26.35 -28.67 -11.03
HO3 NAG L . 29.82 -28.34 -9.94
HO6 NAG L . 28.70 -28.38 -5.14
C1 BMA L . 31.09 -30.46 -8.47
C2 BMA L . 32.02 -31.46 -7.75
C3 BMA L . 33.48 -31.16 -8.11
C4 BMA L . 33.70 -30.90 -9.62
C5 BMA L . 32.66 -29.92 -10.16
C6 BMA L . 32.76 -29.75 -11.67
O2 BMA L . 31.75 -32.80 -8.17
O3 BMA L . 34.34 -32.21 -7.67
O4 BMA L . 35.00 -30.35 -9.81
O5 BMA L . 31.37 -30.43 -9.85
O6 BMA L . 33.84 -28.88 -11.96
H2 BMA L . 31.87 -31.36 -6.67
H3 BMA L . 33.81 -30.27 -7.56
H4 BMA L . 33.58 -31.86 -10.14
H5 BMA L . 32.80 -28.94 -9.70
H61 BMA L . 31.80 -29.36 -12.03
H62 BMA L . 32.91 -30.75 -12.10
HO2 BMA L . 32.12 -32.88 -9.06
HO3 BMA L . 34.37 -32.14 -6.71
HO4 BMA L . 35.43 -30.94 -10.45
HO6 BMA L . 34.45 -29.35 -12.54
C1 NAG M . 19.29 2.30 -9.91
C2 NAG M . 19.99 3.00 -8.76
C3 NAG M . 18.98 3.79 -7.93
C4 NAG M . 18.14 4.69 -8.82
C5 NAG M . 17.53 3.87 -9.95
C6 NAG M . 16.74 4.70 -10.93
C7 NAG M . 21.85 1.48 -8.26
C8 NAG M . 22.41 0.48 -7.28
N2 NAG M . 20.67 2.03 -7.92
O3 NAG M . 19.68 4.58 -6.97
O4 NAG M . 17.09 5.30 -8.07
O5 NAG M . 18.58 3.23 -10.68
O6 NAG M . 17.42 4.81 -12.17
O7 NAG M . 22.44 1.77 -9.29
H2 NAG M . 20.64 3.63 -9.12
H3 NAG M . 18.39 3.16 -7.47
H4 NAG M . 18.70 5.38 -9.21
H5 NAG M . 16.95 3.19 -9.57
H61 NAG M . 16.60 5.59 -10.56
H62 NAG M . 15.87 4.27 -11.09
H81 NAG M . 23.28 0.19 -7.59
H82 NAG M . 21.81 -0.27 -7.21
H83 NAG M . 22.50 0.91 -6.41
HN2 NAG M . 20.28 1.77 -7.14
HO3 NAG M . 19.25 5.33 -6.85
HO6 NAG M . 17.93 5.54 -12.16
C1 NAG M . 17.31 6.72 -8.14
C2 NAG M . 16.03 7.44 -7.70
C3 NAG M . 16.27 8.95 -7.66
C4 NAG M . 17.48 9.27 -6.78
C5 NAG M . 18.68 8.48 -7.28
C6 NAG M . 19.91 8.68 -6.41
C7 NAG M . 14.14 6.07 -8.44
C8 NAG M . 13.05 5.91 -9.45
N2 NAG M . 14.93 7.13 -8.60
O3 NAG M . 15.11 9.60 -7.16
O4 NAG M . 17.76 10.65 -6.82
O5 NAG M . 18.39 7.09 -7.27
O6 NAG M . 19.71 8.12 -5.12
O7 NAG M . 14.29 5.28 -7.52
H2 NAG M . 15.80 7.15 -6.80
H3 NAG M . 16.46 9.26 -8.57
H4 NAG M . 17.28 9.00 -5.87
H5 NAG M . 18.89 8.76 -8.19
H61 NAG M . 20.10 9.63 -6.33
H62 NAG M . 20.67 8.23 -6.84
H81 NAG M . 12.53 5.11 -9.25
H82 NAG M . 13.44 5.83 -10.34
H83 NAG M . 12.46 6.70 -9.43
HN2 NAG M . 14.77 7.69 -9.30
HO3 NAG M . 15.28 10.47 -7.11
HO6 NAG M . 19.24 7.38 -5.18
C1 BMA M . 17.79 11.17 -5.48
C2 BMA M . 18.60 12.45 -5.57
C3 BMA M . 18.48 13.28 -4.32
C4 BMA M . 17.03 13.40 -3.86
C5 BMA M . 16.39 12.03 -3.76
C6 BMA M . 14.94 12.11 -3.40
O2 BMA M . 18.07 13.26 -6.61
O3 BMA M . 19.00 14.55 -4.58
O4 BMA M . 16.97 14.04 -2.60
O5 BMA M . 16.48 11.42 -5.03
O6 BMA M . 14.43 10.81 -3.30
H2 BMA M . 19.65 12.20 -5.77
H3 BMA M . 19.08 12.84 -3.51
H4 BMA M . 16.48 13.98 -4.61
H5 BMA M . 16.92 11.43 -3.00
H61 BMA M . 14.44 12.70 -4.18
H62 BMA M . 14.86 12.67 -2.47
HO2 BMA M . 18.17 14.18 -6.31
C1 MAN M . 19.67 15.14 -3.46
C2 MAN M . 19.88 16.58 -3.86
C3 MAN M . 20.68 16.59 -5.15
C4 MAN M . 22.03 15.91 -4.91
C5 MAN M . 21.84 14.50 -4.33
C6 MAN M . 23.13 13.92 -3.81
O2 MAN M . 20.67 17.27 -2.90
O3 MAN M . 20.87 17.91 -5.65
O4 MAN M . 22.73 15.81 -6.14
O5 MAN M . 20.91 14.52 -3.22
O6 MAN M . 23.67 14.83 -2.86
H2 MAN M . 18.91 17.05 -4.01
H3 MAN M . 20.14 16.04 -5.93
H4 MAN M . 22.61 16.52 -4.20
H5 MAN M . 21.46 13.84 -5.12
H61 MAN M . 23.81 13.76 -4.66
H62 MAN M . 22.90 12.94 -3.36
HO3 MAN M . 20.58 17.88 -6.58
HO6 MAN M . 22.98 15.03 -2.22
C1 MAN M . 20.20 18.62 -2.83
C2 MAN M . 21.25 19.42 -2.05
C3 MAN M . 21.31 18.94 -0.62
C4 MAN M . 19.91 18.90 0.00
C5 MAN M . 18.99 18.06 -0.87
C6 MAN M . 17.59 18.03 -0.34
O2 MAN M . 20.88 20.80 -1.97
O3 MAN M . 22.16 19.76 0.17
O4 MAN M . 19.97 18.33 1.28
O5 MAN M . 18.97 18.64 -2.17
O6 MAN M . 17.65 17.65 1.02
H2 MAN M . 22.23 19.30 -2.53
H3 MAN M . 21.72 17.93 -0.59
H4 MAN M . 19.52 19.93 0.03
H5 MAN M . 19.37 17.04 -0.91
H61 MAN M . 17.01 17.30 -0.93
H62 MAN M . 17.14 19.03 -0.48
HO3 MAN M . 21.75 19.78 1.05
HO6 MAN M . 16.74 17.54 1.34
C1 MAN M . 21.85 21.60 -2.68
C2 MAN M . 21.81 23.01 -2.08
C3 MAN M . 20.48 23.67 -2.35
C4 MAN M . 20.10 23.58 -3.83
C5 MAN M . 20.22 22.14 -4.34
C6 MAN M . 20.03 22.04 -5.83
O2 MAN M . 22.78 23.85 -2.69
O3 MAN M . 20.49 25.04 -1.94
O4 MAN M . 18.77 24.02 -4.00
O5 MAN M . 21.52 21.65 -4.05
O6 MAN M . 18.76 22.57 -6.16
H2 MAN M . 21.98 22.93 -0.99
H3 MAN M . 19.70 23.17 -1.76
H4 MAN M . 20.80 24.21 -4.40
H5 MAN M . 19.46 21.52 -3.85
H61 MAN M . 20.11 20.98 -6.12
H62 MAN M . 20.85 22.59 -6.32
HO2 MAN M . 23.02 23.48 -3.55
HO3 MAN M . 21.35 25.18 -1.53
HO4 MAN M . 18.71 24.34 -4.92
HO6 MAN M . 18.13 21.85 -6.12
C1 MAN M . 13.00 10.88 -3.13
C2 MAN M . 12.47 9.44 -3.07
C3 MAN M . 12.61 8.76 -4.41
C4 MAN M . 12.06 9.64 -5.53
C5 MAN M . 12.73 10.99 -5.47
C6 MAN M . 12.22 11.94 -6.50
O2 MAN M . 11.08 9.42 -2.79
O3 MAN M . 11.93 7.53 -4.42
O4 MAN M . 12.33 9.05 -6.78
O5 MAN M . 12.45 11.57 -4.20
O6 MAN M . 12.85 13.17 -6.25
H2 MAN M . 13.03 8.89 -2.30
H3 MAN M . 13.66 8.55 -4.61
H4 MAN M . 10.98 9.78 -5.39
H5 MAN M . 13.81 10.87 -5.60
H61 MAN M . 11.13 12.02 -6.41
H62 MAN M . 12.47 11.54 -7.48
HO2 MAN M . 10.94 9.11 -1.89
HO3 MAN M . 10.99 7.75 -4.25
C1 MAN M . 11.92 14.24 -6.46
C2 MAN M . 12.68 15.26 -7.29
C3 MAN M . 13.85 15.76 -6.48
C4 MAN M . 13.34 16.38 -5.18
C5 MAN M . 12.52 15.35 -4.40
C6 MAN M . 11.83 15.97 -3.21
O2 MAN M . 11.88 16.40 -7.51
O3 MAN M . 14.63 16.70 -7.21
O4 MAN M . 14.44 16.79 -4.39
O5 MAN M . 11.49 14.78 -5.23
O6 MAN M . 10.43 15.88 -3.42
H2 MAN M . 13.02 14.80 -8.23
H3 MAN M . 14.51 14.91 -6.24
H4 MAN M . 12.69 17.23 -5.43
H5 MAN M . 13.18 14.56 -4.03
H61 MAN M . 12.16 17.01 -3.11
H62 MAN M . 12.14 15.42 -2.31
HO3 MAN M . 14.02 17.08 -7.86
HO4 MAN M . 15.13 17.03 -5.02
HO6 MAN M . 10.21 16.46 -4.15
C1 MAN M . 11.58 16.49 -8.92
C2 MAN M . 11.42 17.99 -9.19
C3 MAN M . 10.15 18.50 -8.52
C4 MAN M . 8.95 17.62 -8.91
C5 MAN M . 9.26 16.19 -8.48
C6 MAN M . 8.15 15.22 -8.78
O2 MAN M . 11.26 18.24 -10.58
O3 MAN M . 9.89 19.85 -8.84
O4 MAN M . 7.77 18.06 -8.26
O5 MAN M . 10.41 15.76 -9.20
O6 MAN M . 8.45 13.99 -8.14
H2 MAN M . 12.28 18.53 -8.80
H3 MAN M . 10.27 18.45 -7.44
H4 MAN M . 8.84 17.63 -10.00
H5 MAN M . 9.45 16.17 -7.40
H61 MAN M . 8.07 15.10 -9.86
H62 MAN M . 7.21 15.65 -8.40
HO2 MAN M . 10.54 18.88 -10.71
HO3 MAN M . 8.94 19.90 -9.02
HO4 MAN M . 7.05 17.81 -8.87
HO6 MAN M . 7.81 13.34 -8.45
N ABU N . 26.24 -10.87 -19.30
CD ABU N . 26.72 -9.97 -20.34
CB ABU N . 26.05 -10.46 -21.61
CG ABU N . 26.50 -9.64 -22.81
C ABU N . 25.93 -10.33 -24.01
O ABU N . 26.49 -10.23 -25.07
OXT ABU N . 24.84 -11.08 -23.91
N ABU O . -4.63 24.55 -13.07
CD ABU O . -3.83 25.34 -12.11
CB ABU O . -4.67 25.41 -10.84
CG ABU O . -4.11 26.37 -9.81
C ABU O . -5.12 26.47 -8.70
O ABU O . -6.29 26.22 -8.90
OXT ABU O . -4.76 26.85 -7.47
C1 NAG P . 14.72 15.99 -15.05
C2 NAG P . 15.31 17.18 -15.79
C3 NAG P . 16.57 16.76 -16.53
C4 NAG P . 17.54 16.07 -15.59
C5 NAG P . 16.84 14.96 -14.80
C6 NAG P . 17.71 14.39 -13.71
C7 NAG P . 13.89 19.02 -16.57
C8 NAG P . 12.90 19.47 -17.60
N2 NAG P . 14.34 17.77 -16.69
O3 NAG P . 17.17 17.92 -17.08
O4 NAG P . 18.61 15.50 -16.34
O5 NAG P . 15.67 15.47 -14.16
O6 NAG P . 17.18 14.69 -12.43
O7 NAG P . 14.26 19.76 -15.67
H2 NAG P . 15.56 17.85 -15.12
H3 NAG P . 16.33 16.15 -17.26
H4 NAG P . 17.90 16.73 -14.97
H5 NAG P . 16.59 14.25 -15.42
H61 NAG P . 18.61 14.75 -13.78
H62 NAG P . 17.75 13.42 -13.82
H81 NAG P . 12.71 20.42 -17.48
H82 NAG P . 12.07 18.96 -17.50
H83 NAG P . 13.25 19.31 -18.49
HN2 NAG P . 14.03 17.26 -17.38
HO3 NAG P . 16.95 18.64 -16.62
HO4 NAG P . 19.35 15.95 -16.18
HO6 NAG P . 16.30 14.76 -12.47
C1 NAG Q . 9.16 15.12 -12.87
C2 NAG Q . 10.56 14.55 -12.73
C3 NAG Q . 11.60 15.60 -13.07
C4 NAG Q . 11.35 16.12 -14.48
C5 NAG Q . 9.91 16.63 -14.61
C6 NAG Q . 9.55 17.02 -16.02
C7 NAG Q . 10.82 12.71 -11.13
C8 NAG Q . 11.04 12.35 -9.69
N2 NAG Q . 10.79 14.02 -11.40
O3 NAG Q . 12.90 15.04 -12.98
O4 NAG Q . 12.24 17.19 -14.78
O5 NAG Q . 8.98 15.60 -14.21
O6 NAG Q . 10.22 16.23 -16.99
O7 NAG Q . 10.68 11.86 -12.00
H2 NAG Q . 10.66 13.81 -13.38
H3 NAG Q . 11.52 16.34 -12.44
H4 NAG Q . 11.50 15.39 -15.12
H5 NAG Q . 9.81 17.39 -14.02
H61 NAG Q . 9.80 17.95 -16.16
H62 NAG Q . 8.59 16.92 -16.14
H81 NAG Q . 11.15 11.37 -9.62
H82 NAG Q . 10.28 12.64 -9.16
H83 NAG Q . 11.86 12.78 -9.37
HN2 NAG Q . 10.88 14.61 -10.71
HO3 NAG Q . 12.90 14.22 -13.32
HO4 NAG Q . 12.49 17.58 -14.03
HO6 NAG Q . 10.78 16.73 -17.46
C1 MAN R . 13.06 5.25 -4.99
C2 MAN R . 11.83 4.43 -4.55
C3 MAN R . 11.54 4.64 -3.08
C4 MAN R . 12.81 4.46 -2.27
C5 MAN R . 13.79 5.53 -2.72
C6 MAN R . 15.09 5.53 -1.93
O2 MAN R . 12.06 3.03 -4.70
O3 MAN R . 10.54 3.74 -2.62
O4 MAN R . 12.54 4.60 -0.88
O5 MAN R . 14.13 5.26 -4.08
O6 MAN R . 14.78 5.73 -0.56
H2 MAN R . 10.97 4.75 -5.15
H3 MAN R . 11.16 5.65 -2.91
H4 MAN R . 13.25 3.47 -2.49
H5 MAN R . 13.32 6.52 -2.62
H61 MAN R . 15.74 6.33 -2.33
H62 MAN R . 15.58 4.56 -2.10
HO2 MAN R . 11.79 2.57 -3.90
HO3 MAN R . 10.59 3.78 -1.64
HO4 MAN R . 13.32 4.24 -0.44
HO6 MAN R . 15.61 5.70 -0.07
#